data_8KEV
#
_entry.id   8KEV
#
_cell.length_a   1.00
_cell.length_b   1.00
_cell.length_c   1.00
_cell.angle_alpha   90.00
_cell.angle_beta   90.00
_cell.angle_gamma   90.00
#
_symmetry.space_group_name_H-M   'P 1'
#
loop_
_entity.id
_entity.type
_entity.pdbx_description
1 polymer 'Protein sel-1 homolog 1'
2 polymer Ala-Asn-Ala
3 polymer 'Endoplasmic reticulum lectin 1'
4 polymer 'E3 ubiquitin-protein ligase synoviolin'
5 branched alpha-D-mannopyranose-(1-3)-[alpha-D-mannopyranose-(1-6)]alpha-D-mannopyranose-(1-6)-[alpha-D-mannopyranose-(1-4)]alpha-D-mannopyranose-(1-4)-2-acetamido-2-deoxy-beta-D-glucopyranose-(1-4)-2-acetamido-2-deoxy-beta-D-glucopyranose
6 non-polymer 2-acetamido-2-deoxy-beta-D-glucopyranose
#
loop_
_entity_poly.entity_id
_entity_poly.type
_entity_poly.pdbx_seq_one_letter_code
_entity_poly.pdbx_strand_id
1 'polypeptide(L)'
;MRVRIGLTLLLCAVLLSLASASSDEEGSQDESLDSKTTLTSDESVKDHTTAGRVVAGQIFLDSEESELESSIQEEEDSLK
SQEGESVTEDISFLESPNPENKDYEEPKKVRKPALTAIEGTAHGEPCHFPFLFLDKEYDECTSDGREDGRLWCATTYDYK
ADEKWGFCETEEEAAKRRQMQEAEMMYQTGMKILNGSNKKSQKREAYRYLQKAASMNHTKALERVSYALLFGDYLPQNIQ
AAREMFEKLTEEGSPKGQTALGFLYASGLGVNSSQAKALVYYTFGALGGNLIAHMVLGYRYWAGIGVLQSCESALTHYRL
VANHVASDISLTGGSVVQRIRLPDEVENPGMNSGMLEEDLIQYYQFLAEKGDVQAQVGLGQLHLHGGRGVEQNHQRAFDY
FNLAANAGNSHAMAFLGKMYSEGSDIVPQSNETALHYFKKAADMGNPVGQSGLGMAYLYGRGVQVNYDLALKYFQKAAEQ
GWVDGQLQLGSMYYNGIGVKRDYKQALKYFNLASQGGHILAFYNLAQMHASGTGVMRSCHTAVELFKNVCERGRWSERLM
TAYNSYKDGDYNAAVIQYLLLAEQGYEVAQSNAAFILDQREASIVGENETYPRALLHWNRAASQGYTVARIKLGDYHFYG
FGTDVDYETAFIHYRLASEQQHSAQAMFNLGYMHEKGLGIKQDIHLAKRFYDMAAEASPDAQVPVFLALCKLGVVYFLQY
IRETNIRDMFTQLDMDQLLGPEWDLYLMTIIALLLGTVIAYRQRQHQDMPAPRPPGPRPAPPQQEGPPEQQPPQ
;
D,C
2 'polypeptide(L)' ANA G,H
3 'polypeptide(L)'
;MEEGGGGVRSLVPGGPVLLVLCGLLEASGGGRALPQLSDDIPFRVNWPGTEFSLPTTGVLYKEDNYVIMTTAHKEKYKCI
LPLVTSGDEEEEKDYKGPNPRELLEPLFKQSSCSYRIESYWTYEVCHGKHIRQYHEEKETGQKINIHEYYLGNMLAKNLL
FEKEREAEEKEKSNEIPTKNIEGQMTPYYPVGMGNGTPCSLKQNRPRSSTVMYICHPESKHEILSVAEVTTCEYEVVILT
PLLCSHPKYRFRASPVNDIFCQSLPGSPFKPLTLRQLEQQEEILRVPFRRNKEEDLQSTKEERFPAIHKSIAIGSQPVLT
VGTTHISKLTDDQLIKEFLSGSYCFRGGVGWWKYEFCYGKHVHQYHEDKDSGKTSVVVGTWNQEEHIEWAKKNTARAYHL
QDDGTQTVRMVSHFYGNGDICDITDKPRQVTVKLKCKESDSPHAVTVYMLEPHSCQYILGVESPVICKILDTADENGLLS
LPN
;
E,F
4 'polypeptide(L)'
;MFRTAVMMAASLALTGAVVAHAYYLKHQFYPTVVYLTKSSPSMAVLYIQAFVLVFLLGKVMGKVFFGQLRAAEMEHLLER
SWYAVTETCLAFTVFRDDFSPRFVALFTLLLFLKCFHWLAEDRVDFMERSPNISWLFHCRIVSLMFLLGILDFLFVSHAY
HSILTRGASVQLVFGFEYAILMTMVLTIFIKYVLHSVDLQSENPWDNKAVYMLYTELFTGFIKVLLYMAFMTIMIKVHTF
PLFAIRPMYLAMRQFKKAVTDAIMSRRAIRNMNTLYPDATPEELQAMDNVCIICREEMVTGAKRLPCNHIFHTSCLRSWF
QRQQTCPTCRMDVLRASLPAQSPPPPEPADQGPPPAPHPPPLLPQPPNFPQGLLPPFPPGMFPLWPPMGPFPPVPPPPSS
GEAVAPPSTSAAALSRPSGAATTTAAGTSATAASATASGPGSGSAPEAGPAPGFPFPPPWMGMPLPPPFAFPPMPVPPAG
FAGLTPEELRALEGHERQHLEARLQSLRNIHTLLDAAMLQINQYLTVLASLGPPRPATSVNSTEETATTVVAAASSTSIP
SSEATTPTPGASPPAPEMERPPAPESVGTEEMPEDGEPDAAELRRRRLQKLESPVAH
;
A,B
#
loop_
_chem_comp.id
_chem_comp.type
_chem_comp.name
_chem_comp.formula
MAN D-saccharide, alpha linking alpha-D-mannopyranose 'C6 H12 O6'
NAG D-saccharide, beta linking 2-acetamido-2-deoxy-beta-D-glucopyranose 'C8 H15 N O6'
#
# COMPACT_ATOMS: atom_id res chain seq x y z
N ALA A 175 45.60 -32.73 8.40
CA ALA A 175 45.72 -31.62 7.45
C ALA A 175 44.40 -31.38 6.72
N LYS A 176 43.54 -32.40 6.73
CA LYS A 176 42.23 -32.27 6.09
C LYS A 176 41.34 -31.28 6.83
N ARG A 177 41.43 -31.24 8.16
CA ARG A 177 40.66 -30.27 8.92
C ARG A 177 41.09 -28.84 8.64
N ARG A 178 42.39 -28.62 8.42
CA ARG A 178 42.87 -27.30 8.04
C ARG A 178 42.34 -26.88 6.68
N GLN A 179 42.18 -27.83 5.76
CA GLN A 179 41.57 -27.53 4.46
C GLN A 179 40.11 -27.11 4.62
N MET A 180 39.39 -27.78 5.53
CA MET A 180 38.03 -27.36 5.83
C MET A 180 37.99 -25.98 6.50
N GLN A 181 39.00 -25.68 7.32
CA GLN A 181 39.04 -24.38 7.98
C GLN A 181 39.26 -23.25 6.98
N GLU A 182 40.14 -23.49 6.00
CA GLU A 182 40.39 -22.48 4.99
C GLU A 182 39.22 -22.31 4.04
N ALA A 183 38.42 -23.37 3.83
CA ALA A 183 37.30 -23.29 2.91
C ALA A 183 36.24 -22.31 3.40
N GLU A 184 35.83 -22.44 4.66
CA GLU A 184 34.86 -21.51 5.22
C GLU A 184 35.42 -20.10 5.33
N MET A 185 36.73 -19.98 5.56
CA MET A 185 37.38 -18.68 5.50
C MET A 185 37.33 -18.09 4.09
N MET A 186 37.47 -18.93 3.07
CA MET A 186 37.35 -18.44 1.70
C MET A 186 35.91 -18.11 1.36
N TYR A 187 34.96 -18.92 1.84
CA TYR A 187 33.56 -18.74 1.45
C TYR A 187 32.96 -17.51 2.12
N GLN A 188 33.38 -17.20 3.35
CA GLN A 188 32.78 -16.09 4.07
C GLN A 188 33.11 -14.75 3.41
N THR A 189 34.33 -14.63 2.87
CA THR A 189 34.71 -13.42 2.16
C THR A 189 33.84 -13.21 0.91
N GLY A 190 33.59 -14.30 0.17
CA GLY A 190 32.73 -14.20 -1.00
C GLY A 190 31.30 -13.90 -0.64
N MET A 191 30.80 -14.50 0.44
CA MET A 191 29.44 -14.21 0.89
C MET A 191 29.28 -12.77 1.34
N LYS A 192 30.30 -12.23 2.02
CA LYS A 192 30.27 -10.83 2.41
C LYS A 192 30.35 -9.90 1.21
N ILE A 193 31.18 -10.26 0.21
CA ILE A 193 31.31 -9.42 -0.97
C ILE A 193 30.02 -9.43 -1.78
N LEU A 194 29.35 -10.59 -1.84
CA LEU A 194 28.12 -10.69 -2.63
C LEU A 194 27.00 -9.88 -1.99
N ASN A 195 26.86 -9.96 -0.67
CA ASN A 195 25.79 -9.24 0.01
C ASN A 195 26.07 -7.75 0.09
N GLY A 196 27.33 -7.35 0.04
CA GLY A 196 27.72 -5.96 0.17
C GLY A 196 27.86 -5.19 -1.13
N SER A 197 27.94 -5.88 -2.26
CA SER A 197 28.12 -5.23 -3.55
C SER A 197 27.25 -5.89 -4.60
N ASN A 198 26.62 -5.06 -5.44
CA ASN A 198 25.79 -5.53 -6.54
C ASN A 198 26.53 -5.48 -7.88
N LYS A 199 27.82 -5.12 -7.87
CA LYS A 199 28.57 -5.01 -9.10
C LYS A 199 28.81 -6.37 -9.74
N LYS A 200 28.77 -6.39 -11.08
CA LYS A 200 29.00 -7.65 -11.81
C LYS A 200 30.42 -8.16 -11.60
N SER A 201 31.41 -7.26 -11.62
CA SER A 201 32.78 -7.66 -11.34
C SER A 201 32.93 -8.14 -9.90
N GLN A 202 32.28 -7.46 -8.96
CA GLN A 202 32.30 -7.91 -7.56
C GLN A 202 31.63 -9.28 -7.43
N LYS A 203 30.52 -9.48 -8.14
CA LYS A 203 29.85 -10.77 -8.12
C LYS A 203 30.73 -11.87 -8.69
N ARG A 204 31.44 -11.57 -9.78
CA ARG A 204 32.34 -12.55 -10.40
C ARG A 204 33.51 -12.88 -9.47
N GLU A 205 34.04 -11.88 -8.77
CA GLU A 205 35.14 -12.15 -7.84
C GLU A 205 34.66 -12.97 -6.64
N ALA A 206 33.49 -12.61 -6.10
CA ALA A 206 32.92 -13.39 -5.00
C ALA A 206 32.64 -14.83 -5.43
N TYR A 207 32.15 -15.02 -6.65
CA TYR A 207 31.92 -16.37 -7.12
C TYR A 207 33.21 -17.10 -7.48
N ARG A 208 34.30 -16.39 -7.78
CA ARG A 208 35.59 -17.06 -7.93
C ARG A 208 36.12 -17.53 -6.59
N TYR A 209 35.86 -16.74 -5.55
CA TYR A 209 36.11 -17.20 -4.18
C TYR A 209 35.26 -18.42 -3.88
N LEU A 210 34.01 -18.41 -4.32
CA LEU A 210 33.12 -19.56 -4.11
C LEU A 210 33.64 -20.79 -4.86
N GLN A 211 34.23 -20.59 -6.04
CA GLN A 211 34.82 -21.72 -6.77
C GLN A 211 35.99 -22.31 -6.00
N LYS A 212 36.90 -21.45 -5.54
CA LYS A 212 38.02 -21.95 -4.73
C LYS A 212 37.54 -22.58 -3.43
N ALA A 213 36.40 -22.14 -2.89
CA ALA A 213 35.80 -22.82 -1.75
C ALA A 213 35.28 -24.20 -2.15
N ALA A 214 34.65 -24.29 -3.31
CA ALA A 214 34.11 -25.55 -3.82
C ALA A 214 35.19 -26.54 -4.23
N SER A 215 36.42 -26.07 -4.45
CA SER A 215 37.52 -26.96 -4.77
C SER A 215 37.78 -27.94 -3.64
N MET A 216 37.65 -27.50 -2.38
CA MET A 216 37.77 -28.37 -1.22
C MET A 216 36.42 -28.89 -0.74
N ASN A 217 35.45 -28.97 -1.65
CA ASN A 217 34.14 -29.62 -1.43
C ASN A 217 33.40 -29.02 -0.23
N HIS A 218 33.27 -27.69 -0.25
CA HIS A 218 32.48 -26.96 0.76
C HIS A 218 31.04 -26.88 0.28
N THR A 219 30.11 -27.44 1.07
CA THR A 219 28.77 -27.72 0.56
C THR A 219 27.96 -26.45 0.33
N LYS A 220 27.98 -25.51 1.27
CA LYS A 220 27.27 -24.24 1.07
C LYS A 220 27.80 -23.51 -0.17
N ALA A 221 29.11 -23.62 -0.42
CA ALA A 221 29.65 -23.06 -1.65
C ALA A 221 29.36 -23.98 -2.82
N LEU A 222 29.23 -25.28 -2.56
CA LEU A 222 28.98 -26.22 -3.64
C LEU A 222 27.62 -25.89 -4.26
N GLU A 223 26.58 -25.76 -3.43
CA GLU A 223 25.27 -25.44 -3.96
C GLU A 223 25.17 -24.00 -4.45
N ARG A 224 25.93 -23.07 -3.84
CA ARG A 224 25.86 -21.68 -4.30
C ARG A 224 26.50 -21.51 -5.69
N VAL A 225 27.56 -22.26 -5.97
CA VAL A 225 28.09 -22.25 -7.34
C VAL A 225 27.35 -23.22 -8.25
N SER A 226 26.66 -24.21 -7.69
CA SER A 226 25.90 -25.14 -8.53
C SER A 226 24.68 -24.49 -9.12
N TYR A 227 24.07 -23.56 -8.39
CA TYR A 227 22.92 -22.83 -8.92
C TYR A 227 23.34 -21.60 -9.71
N ALA A 228 24.58 -21.54 -10.18
CA ALA A 228 24.98 -20.52 -11.14
C ALA A 228 25.78 -21.09 -12.31
N LEU A 229 26.42 -22.24 -12.09
CA LEU A 229 27.06 -22.95 -13.20
C LEU A 229 26.04 -23.54 -14.16
N LEU A 230 24.82 -23.82 -13.69
CA LEU A 230 23.77 -24.39 -14.51
C LEU A 230 22.80 -23.33 -15.04
N PHE A 231 22.55 -22.28 -14.26
CA PHE A 231 21.59 -21.26 -14.64
C PHE A 231 22.22 -20.13 -15.44
N GLY A 232 23.55 -20.02 -15.44
CA GLY A 232 24.24 -19.02 -16.24
C GLY A 232 23.94 -17.57 -15.90
N ASP A 233 24.00 -17.20 -14.63
CA ASP A 233 23.73 -15.83 -14.22
C ASP A 233 24.90 -15.09 -13.60
N TYR A 234 25.81 -15.79 -12.91
CA TYR A 234 26.99 -15.14 -12.36
C TYR A 234 28.28 -15.82 -12.79
N LEU A 235 28.21 -16.80 -13.68
CA LEU A 235 29.37 -17.57 -14.10
C LEU A 235 29.20 -17.92 -15.57
N PRO A 236 30.28 -18.31 -16.25
CA PRO A 236 30.10 -18.93 -17.58
C PRO A 236 29.40 -20.27 -17.42
N GLN A 237 28.32 -20.44 -18.17
CA GLN A 237 27.47 -21.61 -18.00
C GLN A 237 28.19 -22.86 -18.48
N ASN A 238 28.10 -23.94 -17.71
CA ASN A 238 28.71 -25.21 -18.08
C ASN A 238 27.86 -26.28 -17.42
N ILE A 239 27.06 -26.97 -18.23
CA ILE A 239 26.07 -27.92 -17.73
C ILE A 239 26.75 -29.13 -17.10
N GLN A 240 27.78 -29.67 -17.76
CA GLN A 240 28.32 -30.97 -17.40
C GLN A 240 29.03 -30.93 -16.05
N ALA A 241 29.73 -29.84 -15.74
CA ALA A 241 30.32 -29.69 -14.41
C ALA A 241 29.23 -29.56 -13.34
N ALA A 242 28.15 -28.86 -13.66
CA ALA A 242 27.06 -28.70 -12.72
C ALA A 242 26.43 -30.05 -12.37
N ARG A 243 26.19 -30.90 -13.37
CA ARG A 243 25.68 -32.23 -13.08
C ARG A 243 26.73 -33.08 -12.34
N GLU A 244 27.99 -32.94 -12.72
CA GLU A 244 29.05 -33.76 -12.12
C GLU A 244 29.23 -33.45 -10.64
N MET A 245 28.93 -32.23 -10.22
CA MET A 245 28.92 -31.93 -8.80
C MET A 245 27.53 -32.10 -8.18
N PHE A 246 26.47 -32.10 -8.99
CA PHE A 246 25.15 -32.39 -8.44
C PHE A 246 25.08 -33.83 -7.95
N GLU A 247 25.77 -34.75 -8.63
CA GLU A 247 25.76 -36.13 -8.14
C GLU A 247 26.43 -36.25 -6.78
N LYS A 248 27.50 -35.48 -6.54
CA LYS A 248 28.13 -35.49 -5.24
C LYS A 248 27.21 -34.85 -4.19
N LEU A 249 26.52 -33.78 -4.58
CA LEU A 249 25.64 -33.12 -3.62
C LEU A 249 24.49 -34.04 -3.22
N THR A 250 23.94 -34.81 -4.16
CA THR A 250 22.92 -35.79 -3.79
C THR A 250 23.46 -36.97 -2.98
N GLU A 251 24.68 -37.48 -3.28
CA GLU A 251 25.16 -38.59 -2.46
C GLU A 251 25.35 -38.14 -1.02
N GLU A 252 25.86 -36.92 -0.82
CA GLU A 252 26.01 -36.40 0.54
C GLU A 252 24.64 -36.22 1.20
N GLY A 253 23.66 -35.72 0.46
CA GLY A 253 22.30 -35.64 0.99
C GLY A 253 21.72 -34.25 1.07
N SER A 254 22.19 -33.35 0.22
CA SER A 254 21.72 -31.97 0.26
C SER A 254 20.28 -31.88 -0.23
N PRO A 255 19.50 -30.94 0.29
CA PRO A 255 18.14 -30.71 -0.23
C PRO A 255 18.11 -29.72 -1.38
N LYS A 256 19.21 -29.02 -1.66
CA LYS A 256 19.30 -28.14 -2.81
C LYS A 256 20.08 -28.75 -3.96
N GLY A 257 20.46 -30.02 -3.84
CA GLY A 257 21.14 -30.70 -4.93
C GLY A 257 20.23 -31.73 -5.57
N GLN A 258 19.36 -32.36 -4.77
CA GLN A 258 18.39 -33.29 -5.32
C GLN A 258 17.29 -32.57 -6.09
N THR A 259 16.95 -31.35 -5.69
CA THR A 259 15.96 -30.55 -6.40
C THR A 259 16.40 -30.25 -7.83
N ALA A 260 17.60 -29.71 -8.00
CA ALA A 260 18.01 -29.32 -9.33
C ALA A 260 18.47 -30.52 -10.16
N LEU A 261 18.92 -31.60 -9.52
CA LEU A 261 19.14 -32.83 -10.28
C LEU A 261 17.81 -33.41 -10.76
N GLY A 262 16.75 -33.27 -9.96
CA GLY A 262 15.44 -33.63 -10.43
C GLY A 262 14.98 -32.76 -11.59
N PHE A 263 15.30 -31.47 -11.53
CA PHE A 263 14.98 -30.58 -12.65
C PHE A 263 15.73 -30.98 -13.91
N LEU A 264 16.99 -31.38 -13.76
CA LEU A 264 17.78 -31.86 -14.89
C LEU A 264 17.21 -33.15 -15.47
N TYR A 265 16.80 -34.09 -14.61
CA TYR A 265 16.24 -35.34 -15.10
C TYR A 265 14.81 -35.16 -15.61
N ALA A 266 14.17 -34.05 -15.26
CA ALA A 266 12.83 -33.77 -15.78
C ALA A 266 12.89 -33.11 -17.15
N SER A 267 13.73 -32.09 -17.31
CA SER A 267 13.80 -31.36 -18.56
C SER A 267 14.75 -31.98 -19.57
N GLY A 268 15.44 -33.06 -19.23
CA GLY A 268 16.38 -33.66 -20.15
C GLY A 268 17.54 -32.76 -20.52
N LEU A 269 18.09 -32.06 -19.53
CA LEU A 269 19.02 -30.95 -19.73
C LEU A 269 20.44 -31.46 -19.51
N GLY A 270 21.10 -31.84 -20.59
CA GLY A 270 22.43 -32.41 -20.49
C GLY A 270 22.47 -33.80 -19.91
N VAL A 271 21.30 -34.41 -19.66
CA VAL A 271 21.19 -35.73 -19.08
C VAL A 271 20.00 -36.39 -19.77
N ASN A 272 20.11 -37.70 -20.04
CA ASN A 272 19.02 -38.42 -20.69
C ASN A 272 17.75 -38.34 -19.84
N SER A 273 16.61 -38.18 -20.52
CA SER A 273 15.39 -37.82 -19.82
C SER A 273 14.71 -39.04 -19.23
N SER A 274 14.09 -38.84 -18.07
CA SER A 274 13.27 -39.86 -17.43
C SER A 274 12.44 -39.18 -16.34
N GLN A 275 11.13 -39.38 -16.39
CA GLN A 275 10.26 -38.71 -15.43
C GLN A 275 10.27 -39.36 -14.06
N ALA A 276 10.55 -40.66 -13.98
CA ALA A 276 10.52 -41.34 -12.68
C ALA A 276 11.69 -40.91 -11.80
N LYS A 277 12.89 -40.78 -12.39
CA LYS A 277 14.02 -40.27 -11.63
C LYS A 277 13.78 -38.83 -11.21
N ALA A 278 13.13 -38.04 -12.05
CA ALA A 278 12.75 -36.68 -11.69
C ALA A 278 11.79 -36.69 -10.50
N LEU A 279 10.83 -37.62 -10.50
CA LEU A 279 9.87 -37.67 -9.41
C LEU A 279 10.54 -38.07 -8.10
N VAL A 280 11.42 -39.07 -8.14
CA VAL A 280 12.03 -39.51 -6.87
C VAL A 280 12.99 -38.44 -6.34
N TYR A 281 13.72 -37.77 -7.23
CA TYR A 281 14.58 -36.66 -6.81
C TYR A 281 13.75 -35.52 -6.24
N TYR A 282 12.61 -35.22 -6.85
CA TYR A 282 11.78 -34.13 -6.35
C TYR A 282 11.15 -34.47 -5.01
N THR A 283 10.75 -35.73 -4.82
CA THR A 283 10.19 -36.13 -3.54
C THR A 283 11.24 -36.08 -2.44
N PHE A 284 12.48 -36.48 -2.73
CA PHE A 284 13.49 -36.38 -1.69
C PHE A 284 13.95 -34.94 -1.46
N GLY A 285 13.90 -34.09 -2.49
CA GLY A 285 14.16 -32.68 -2.26
C GLY A 285 13.07 -31.99 -1.47
N ALA A 286 11.82 -32.45 -1.60
CA ALA A 286 10.77 -32.03 -0.70
C ALA A 286 10.99 -32.54 0.71
N LEU A 287 11.42 -33.79 0.84
CA LEU A 287 11.73 -34.36 2.15
C LEU A 287 12.91 -33.67 2.81
N GLY A 288 13.84 -33.13 2.02
CA GLY A 288 14.93 -32.38 2.60
C GLY A 288 14.56 -31.02 3.14
N GLY A 289 13.32 -30.61 2.95
CA GLY A 289 12.86 -29.31 3.41
C GLY A 289 13.08 -28.18 2.43
N ASN A 290 13.38 -28.48 1.17
CA ASN A 290 13.48 -27.44 0.17
C ASN A 290 12.09 -26.93 -0.18
N LEU A 291 12.06 -25.74 -0.77
CA LEU A 291 10.78 -25.11 -1.11
C LEU A 291 10.47 -25.12 -2.60
N ILE A 292 11.50 -25.06 -3.45
CA ILE A 292 11.26 -25.18 -4.89
C ILE A 292 10.74 -26.57 -5.22
N ALA A 293 11.30 -27.60 -4.58
CA ALA A 293 10.78 -28.96 -4.79
C ALA A 293 9.37 -29.12 -4.23
N HIS A 294 9.06 -28.41 -3.14
CA HIS A 294 7.69 -28.43 -2.62
C HIS A 294 6.72 -27.79 -3.61
N MET A 295 7.09 -26.65 -4.19
CA MET A 295 6.24 -25.99 -5.17
C MET A 295 6.09 -26.83 -6.43
N VAL A 296 7.18 -27.47 -6.86
CA VAL A 296 7.16 -28.29 -8.06
C VAL A 296 6.25 -29.50 -7.87
N LEU A 297 6.41 -30.20 -6.75
CA LEU A 297 5.54 -31.35 -6.49
C LEU A 297 4.10 -30.92 -6.29
N GLY A 298 3.87 -29.73 -5.72
CA GLY A 298 2.52 -29.24 -5.57
C GLY A 298 1.85 -28.98 -6.90
N TYR A 299 2.55 -28.33 -7.82
CA TYR A 299 1.95 -28.08 -9.14
C TYR A 299 1.80 -29.37 -9.94
N ARG A 300 2.79 -30.26 -9.88
CA ARG A 300 2.72 -31.49 -10.65
C ARG A 300 1.67 -32.44 -10.09
N TYR A 301 1.28 -32.29 -8.82
CA TYR A 301 0.09 -32.97 -8.33
C TYR A 301 -1.17 -32.20 -8.65
N TRP A 302 -1.04 -30.89 -8.88
CA TRP A 302 -2.22 -30.06 -9.17
C TRP A 302 -2.68 -30.24 -10.61
N ALA A 303 -1.76 -30.09 -11.56
CA ALA A 303 -2.10 -30.19 -12.98
C ALA A 303 -1.92 -31.59 -13.54
N GLY A 304 -1.69 -32.59 -12.68
CA GLY A 304 -1.61 -33.97 -13.12
C GLY A 304 -0.50 -34.29 -14.09
N ILE A 305 0.71 -33.78 -13.84
CA ILE A 305 1.87 -34.05 -14.67
C ILE A 305 2.72 -35.07 -13.94
N GLY A 306 3.02 -36.18 -14.59
CA GLY A 306 3.88 -37.20 -14.03
C GLY A 306 3.25 -38.06 -12.95
N VAL A 307 2.21 -37.58 -12.27
CA VAL A 307 1.55 -38.28 -11.18
C VAL A 307 0.05 -38.17 -11.37
N LEU A 308 -0.70 -38.71 -10.41
CA LEU A 308 -2.16 -38.63 -10.44
C LEU A 308 -2.64 -37.27 -9.97
N GLN A 309 -3.65 -36.74 -10.64
CA GLN A 309 -4.30 -35.51 -10.21
C GLN A 309 -5.03 -35.74 -8.89
N SER A 310 -4.91 -34.80 -7.96
CA SER A 310 -5.53 -34.93 -6.65
C SER A 310 -5.66 -33.56 -5.99
N CYS A 311 -6.64 -33.43 -5.09
CA CYS A 311 -6.64 -32.26 -4.21
C CYS A 311 -5.52 -32.34 -3.19
N GLU A 312 -5.39 -33.48 -2.53
CA GLU A 312 -4.72 -33.54 -1.23
C GLU A 312 -3.22 -33.29 -1.34
N SER A 313 -2.54 -33.95 -2.27
CA SER A 313 -1.10 -33.81 -2.36
C SER A 313 -0.71 -32.41 -2.79
N ALA A 314 -1.43 -31.85 -3.77
CA ALA A 314 -1.18 -30.47 -4.18
C ALA A 314 -1.53 -29.49 -3.06
N LEU A 315 -2.54 -29.82 -2.26
CA LEU A 315 -2.93 -28.95 -1.15
C LEU A 315 -1.84 -28.92 -0.09
N THR A 316 -1.29 -30.09 0.25
CA THR A 316 -0.21 -30.15 1.22
C THR A 316 1.03 -29.43 0.73
N HIS A 317 1.49 -29.77 -0.48
CA HIS A 317 2.73 -29.19 -0.98
C HIS A 317 2.57 -27.75 -1.44
N TYR A 318 1.34 -27.22 -1.48
CA TYR A 318 1.18 -25.79 -1.69
C TYR A 318 0.99 -25.03 -0.39
N ARG A 319 0.36 -25.64 0.61
CA ARG A 319 0.23 -25.01 1.91
C ARG A 319 1.58 -24.86 2.59
N LEU A 320 2.46 -25.87 2.42
CA LEU A 320 3.79 -25.81 3.02
C LEU A 320 4.67 -24.74 2.40
N VAL A 321 4.29 -24.17 1.27
CA VAL A 321 5.03 -23.07 0.67
C VAL A 321 4.32 -21.76 0.96
N ALA A 322 2.99 -21.80 1.01
CA ALA A 322 2.23 -20.58 1.27
C ALA A 322 2.46 -20.08 2.69
N ASN A 323 2.58 -21.01 3.65
CA ASN A 323 2.89 -20.62 5.03
C ASN A 323 4.22 -19.91 5.10
N HIS A 324 5.24 -20.45 4.42
CA HIS A 324 6.56 -19.83 4.44
C HIS A 324 6.58 -18.49 3.73
N VAL A 325 5.85 -18.35 2.63
CA VAL A 325 5.97 -17.08 1.91
C VAL A 325 5.18 -15.99 2.62
N ALA A 326 4.12 -16.33 3.34
CA ALA A 326 3.48 -15.32 4.18
C ALA A 326 4.31 -14.99 5.40
N SER A 327 4.93 -15.99 6.03
CA SER A 327 5.81 -15.69 7.15
C SER A 327 7.08 -14.98 6.70
N ASP A 328 7.31 -14.92 5.40
CA ASP A 328 8.39 -14.09 4.89
C ASP A 328 7.90 -12.69 4.53
N ILE A 329 6.69 -12.58 3.99
CA ILE A 329 6.20 -11.30 3.52
C ILE A 329 5.60 -10.45 4.64
N SER A 330 5.06 -11.07 5.69
CA SER A 330 4.54 -10.35 6.83
C SER A 330 5.64 -9.64 7.60
N LEU A 331 6.89 -10.08 7.44
CA LEU A 331 8.06 -9.37 7.97
C LEU A 331 8.71 -8.48 6.91
N THR A 332 9.20 -9.07 5.82
CA THR A 332 10.06 -8.34 4.90
C THR A 332 9.29 -7.56 3.85
N GLY A 333 8.01 -7.84 3.67
CA GLY A 333 7.17 -7.10 2.74
C GLY A 333 7.12 -7.65 1.34
N GLY A 334 8.05 -8.53 0.95
CA GLY A 334 7.93 -9.25 -0.31
C GLY A 334 8.10 -8.42 -1.56
N SER A 335 9.35 -8.01 -1.85
CA SER A 335 9.66 -7.08 -2.94
C SER A 335 9.02 -7.46 -4.26
N VAL A 336 8.51 -6.45 -4.97
CA VAL A 336 7.65 -6.65 -6.12
C VAL A 336 8.44 -7.21 -7.29
N VAL A 337 7.71 -7.83 -8.22
CA VAL A 337 8.23 -8.24 -9.52
C VAL A 337 7.07 -8.21 -10.51
N GLN A 338 7.33 -7.76 -11.73
CA GLN A 338 6.29 -7.70 -12.75
C GLN A 338 6.47 -8.83 -13.75
N ARG A 339 5.36 -9.52 -14.05
CA ARG A 339 5.35 -10.68 -14.94
C ARG A 339 5.33 -10.20 -16.38
N ILE A 340 6.49 -10.16 -17.02
CA ILE A 340 6.59 -9.70 -18.39
C ILE A 340 6.55 -10.90 -19.33
N ARG A 341 5.82 -10.74 -20.43
CA ARG A 341 5.56 -11.84 -21.36
C ARG A 341 6.37 -11.64 -22.63
N LEU A 342 7.22 -12.62 -22.94
CA LEU A 342 7.99 -12.58 -24.19
C LEU A 342 7.12 -12.63 -25.45
N PRO A 343 6.11 -13.50 -25.59
CA PRO A 343 5.32 -13.48 -26.83
C PRO A 343 4.32 -12.33 -26.93
N ASP A 344 4.27 -11.44 -25.95
CA ASP A 344 3.38 -10.29 -25.99
C ASP A 344 4.13 -8.98 -26.10
N GLU A 345 5.04 -8.70 -25.16
CA GLU A 345 5.81 -7.45 -25.21
C GLU A 345 6.88 -7.51 -26.30
N VAL A 346 7.57 -8.64 -26.40
CA VAL A 346 8.61 -8.81 -27.41
C VAL A 346 8.11 -9.69 -28.53
N LEU A 458 -11.75 -11.36 -3.94
CA LEU A 458 -12.97 -10.64 -3.60
C LEU A 458 -12.75 -9.69 -2.44
N TYR A 459 -11.73 -8.84 -2.56
CA TYR A 459 -11.42 -7.85 -1.54
C TYR A 459 -10.57 -6.75 -2.17
N GLY A 460 -10.98 -5.49 -1.98
CA GLY A 460 -10.16 -4.39 -2.42
C GLY A 460 -10.75 -3.47 -3.47
N ARG A 461 -12.07 -3.31 -3.49
CA ARG A 461 -12.67 -2.44 -4.49
C ARG A 461 -12.46 -0.97 -4.17
N GLY A 462 -12.82 -0.54 -2.96
CA GLY A 462 -12.74 0.88 -2.62
C GLY A 462 -11.33 1.44 -2.63
N VAL A 463 -10.35 0.66 -2.17
CA VAL A 463 -8.96 1.11 -2.22
C VAL A 463 -8.53 1.35 -3.67
N GLN A 464 -8.88 0.43 -4.58
CA GLN A 464 -8.51 0.57 -5.98
C GLN A 464 -9.18 1.78 -6.62
N VAL A 465 -10.48 1.99 -6.36
CA VAL A 465 -11.18 3.10 -7.00
C VAL A 465 -10.69 4.44 -6.45
N ASN A 466 -10.39 4.49 -5.15
CA ASN A 466 -9.84 5.72 -4.62
C ASN A 466 -8.43 5.95 -5.15
N TYR A 467 -7.67 4.89 -5.40
CA TYR A 467 -6.31 5.06 -5.92
C TYR A 467 -6.27 5.55 -7.37
N ASP A 468 -7.09 5.01 -8.27
CA ASP A 468 -7.08 5.56 -9.63
C ASP A 468 -7.71 6.95 -9.67
N LEU A 469 -8.71 7.20 -8.82
CA LEU A 469 -9.30 8.53 -8.73
C LEU A 469 -8.26 9.56 -8.27
N ALA A 470 -7.45 9.20 -7.27
CA ALA A 470 -6.36 10.08 -6.82
C ALA A 470 -5.33 10.26 -7.92
N LEU A 471 -5.03 9.20 -8.67
CA LEU A 471 -4.10 9.30 -9.79
C LEU A 471 -4.60 10.29 -10.82
N LYS A 472 -5.87 10.20 -11.20
CA LYS A 472 -6.36 11.06 -12.27
C LYS A 472 -6.48 12.51 -11.79
N TYR A 473 -6.75 12.71 -10.50
CA TYR A 473 -6.72 14.09 -9.98
C TYR A 473 -5.31 14.66 -9.94
N PHE A 474 -4.32 13.84 -9.57
CA PHE A 474 -2.93 14.29 -9.62
C PHE A 474 -2.53 14.62 -11.06
N GLN A 475 -2.94 13.78 -12.03
CA GLN A 475 -2.51 14.00 -13.40
C GLN A 475 -3.17 15.21 -14.03
N LYS A 476 -4.46 15.44 -13.77
CA LYS A 476 -5.07 16.66 -14.29
C LYS A 476 -4.50 17.89 -13.61
N ALA A 477 -4.10 17.77 -12.34
CA ALA A 477 -3.49 18.91 -11.67
C ALA A 477 -2.10 19.22 -12.23
N ALA A 478 -1.33 18.17 -12.52
CA ALA A 478 -0.01 18.36 -13.11
C ALA A 478 -0.09 18.86 -14.55
N GLU A 479 -1.11 18.43 -15.30
CA GLU A 479 -1.27 18.94 -16.65
C GLU A 479 -1.97 20.30 -16.68
N GLN A 480 -2.53 20.74 -15.55
CA GLN A 480 -3.05 22.10 -15.51
C GLN A 480 -1.91 23.11 -15.49
N GLY A 481 -1.14 23.11 -14.39
CA GLY A 481 0.09 23.87 -14.22
C GLY A 481 0.15 25.27 -14.81
N TRP A 482 1.26 25.55 -15.50
CA TRP A 482 1.45 26.72 -16.34
C TRP A 482 2.00 26.28 -17.69
N VAL A 483 1.33 25.28 -18.28
CA VAL A 483 1.84 24.46 -19.37
C VAL A 483 3.14 23.81 -18.93
N ASP A 484 3.05 22.64 -18.31
CA ASP A 484 4.22 21.93 -17.81
C ASP A 484 5.09 21.37 -18.93
N GLY A 485 4.60 21.37 -20.16
CA GLY A 485 5.39 20.96 -21.31
C GLY A 485 5.94 22.16 -22.06
N GLN A 486 5.26 22.55 -23.13
CA GLN A 486 5.68 23.71 -23.91
C GLN A 486 5.38 25.00 -23.16
N LEU A 487 6.31 25.42 -22.31
CA LEU A 487 6.20 26.67 -21.57
C LEU A 487 6.62 27.85 -22.45
N GLN A 488 6.86 29.00 -21.84
CA GLN A 488 7.42 30.14 -22.57
C GLN A 488 8.74 29.76 -23.23
N LEU A 489 9.59 29.03 -22.51
CA LEU A 489 10.71 28.27 -23.07
C LEU A 489 11.73 29.25 -23.67
N GLY A 490 12.11 29.10 -24.93
CA GLY A 490 13.24 29.84 -25.47
C GLY A 490 14.52 29.03 -25.29
N SER A 491 15.29 29.36 -24.25
CA SER A 491 16.39 28.52 -23.80
C SER A 491 16.02 27.70 -22.57
N MET A 492 14.72 27.69 -22.21
CA MET A 492 14.13 26.99 -21.07
C MET A 492 14.58 27.59 -19.73
N TYR A 493 13.67 27.59 -18.75
CA TYR A 493 14.02 28.12 -17.44
C TYR A 493 14.98 27.21 -16.68
N TYR A 494 14.82 25.89 -16.85
CA TYR A 494 15.66 24.87 -16.21
C TYR A 494 15.64 25.02 -14.69
N ASN A 495 14.48 25.33 -14.14
CA ASN A 495 14.32 25.39 -12.69
C ASN A 495 14.27 24.01 -12.06
N GLY A 496 13.92 22.98 -12.82
CA GLY A 496 13.81 21.63 -12.29
C GLY A 496 12.37 21.16 -12.23
N ILE A 497 12.10 19.95 -12.73
CA ILE A 497 10.77 19.37 -12.63
C ILE A 497 10.46 19.04 -11.17
N GLY A 498 11.35 18.27 -10.53
CA GLY A 498 11.23 17.99 -9.12
C GLY A 498 10.04 17.15 -8.71
N VAL A 499 9.40 16.47 -9.65
CA VAL A 499 8.16 15.76 -9.35
C VAL A 499 8.20 14.27 -9.73
N LYS A 500 9.02 13.87 -10.71
CA LYS A 500 8.85 12.55 -11.30
C LYS A 500 9.34 11.41 -10.40
N ARG A 501 10.55 11.53 -9.84
CA ARG A 501 11.15 10.37 -9.19
C ARG A 501 10.40 9.96 -7.93
N ASP A 502 10.02 10.93 -7.09
CA ASP A 502 9.26 10.57 -5.89
C ASP A 502 7.83 10.19 -6.22
N TYR A 503 7.30 10.64 -7.36
CA TYR A 503 6.01 10.14 -7.81
C TYR A 503 6.09 8.66 -8.18
N LYS A 504 7.14 8.28 -8.92
CA LYS A 504 7.34 6.88 -9.24
C LYS A 504 7.65 6.05 -8.00
N GLN A 505 8.32 6.66 -7.02
CA GLN A 505 8.54 5.98 -5.75
C GLN A 505 7.23 5.72 -5.01
N ALA A 506 6.34 6.71 -5.01
CA ALA A 506 5.04 6.54 -4.36
C ALA A 506 4.23 5.45 -5.03
N LEU A 507 4.19 5.45 -6.37
CA LEU A 507 3.50 4.39 -7.08
C LEU A 507 4.12 3.02 -6.80
N LYS A 508 5.46 2.93 -6.84
CA LYS A 508 6.11 1.64 -6.65
C LYS A 508 5.85 1.07 -5.27
N TYR A 509 5.99 1.89 -4.22
CA TYR A 509 5.71 1.40 -2.88
C TYR A 509 4.22 1.12 -2.66
N PHE A 510 3.33 1.84 -3.35
CA PHE A 510 1.93 1.43 -3.32
C PHE A 510 1.68 0.10 -3.99
N ASN A 511 2.35 -0.17 -5.11
CA ASN A 511 2.29 -1.46 -5.78
C ASN A 511 2.75 -2.59 -4.88
N LEU A 512 3.91 -2.41 -4.25
CA LEU A 512 4.43 -3.41 -3.32
C LEU A 512 3.49 -3.62 -2.14
N ALA A 513 2.92 -2.53 -1.61
CA ALA A 513 2.04 -2.64 -0.46
C ALA A 513 0.74 -3.34 -0.83
N SER A 514 0.20 -3.01 -2.01
CA SER A 514 -1.08 -3.56 -2.43
C SER A 514 -0.95 -5.04 -2.80
N GLN A 515 0.14 -5.43 -3.48
CA GLN A 515 0.33 -6.86 -3.73
C GLN A 515 0.55 -7.63 -2.43
N GLY A 516 1.21 -7.00 -1.45
CA GLY A 516 1.33 -7.62 -0.14
C GLY A 516 -0.02 -7.88 0.49
N GLY A 517 -0.86 -6.85 0.54
CA GLY A 517 -2.19 -7.02 1.13
CA GLY A 517 -2.19 -7.02 1.13
C GLY A 517 -3.06 -7.99 0.36
N HIS A 518 -2.91 -8.01 -0.97
CA HIS A 518 -3.74 -8.89 -1.79
C HIS A 518 -3.40 -10.35 -1.54
N ILE A 519 -2.11 -10.69 -1.44
CA ILE A 519 -1.81 -12.10 -1.21
C ILE A 519 -1.96 -12.46 0.27
N LEU A 520 -1.93 -11.47 1.17
CA LEU A 520 -2.39 -11.70 2.53
C LEU A 520 -3.85 -12.14 2.54
N ALA A 521 -4.69 -11.41 1.80
CA ALA A 521 -6.11 -11.74 1.72
C ALA A 521 -6.32 -13.09 1.06
N PHE A 522 -5.52 -13.40 0.03
CA PHE A 522 -5.62 -14.70 -0.63
C PHE A 522 -5.22 -15.84 0.30
N TYR A 523 -4.19 -15.64 1.13
CA TYR A 523 -3.82 -16.67 2.09
C TYR A 523 -4.97 -16.92 3.05
N ASN A 524 -5.55 -15.85 3.58
CA ASN A 524 -6.64 -16.04 4.55
C ASN A 524 -7.85 -16.69 3.90
N LEU A 525 -8.15 -16.31 2.66
CA LEU A 525 -9.27 -16.91 1.96
C LEU A 525 -9.03 -18.40 1.72
N ALA A 526 -7.82 -18.78 1.32
CA ALA A 526 -7.51 -20.19 1.11
C ALA A 526 -7.52 -20.98 2.41
N GLN A 527 -7.05 -20.40 3.51
CA GLN A 527 -7.12 -21.08 4.81
C GLN A 527 -8.56 -21.32 5.22
N MET A 528 -9.41 -20.32 5.02
CA MET A 528 -10.78 -20.46 5.46
C MET A 528 -11.57 -21.37 4.51
N HIS A 529 -11.17 -21.47 3.24
CA HIS A 529 -11.74 -22.48 2.35
C HIS A 529 -11.17 -23.88 2.57
N ALA A 530 -10.00 -24.01 3.19
CA ALA A 530 -9.40 -25.32 3.39
C ALA A 530 -9.72 -25.95 4.74
N SER A 531 -9.74 -25.15 5.81
CA SER A 531 -10.00 -25.73 7.13
C SER A 531 -11.47 -26.07 7.30
N GLY A 532 -12.37 -25.21 6.82
CA GLY A 532 -13.79 -25.44 6.91
C GLY A 532 -14.56 -24.38 7.67
N THR A 533 -13.88 -23.42 8.28
CA THR A 533 -14.55 -22.34 8.99
C THR A 533 -15.29 -21.46 8.01
N GLY A 534 -16.53 -21.11 8.33
CA GLY A 534 -17.30 -20.24 7.46
C GLY A 534 -17.80 -20.93 6.21
N VAL A 535 -16.88 -21.26 5.31
CA VAL A 535 -17.16 -22.01 4.09
C VAL A 535 -16.53 -23.38 4.22
N MET A 536 -17.24 -24.41 3.76
CA MET A 536 -16.77 -25.77 3.94
C MET A 536 -15.55 -26.06 3.07
N ARG A 537 -14.95 -27.23 3.29
CA ARG A 537 -13.76 -27.64 2.57
C ARG A 537 -14.07 -27.76 1.08
N SER A 538 -13.21 -27.15 0.26
CA SER A 538 -13.54 -26.93 -1.15
C SER A 538 -12.55 -27.47 -2.17
N CYS A 539 -11.35 -27.92 -1.77
CA CYS A 539 -10.31 -28.39 -2.69
C CYS A 539 -9.86 -27.32 -3.68
N HIS A 540 -10.78 -26.97 -4.60
CA HIS A 540 -10.40 -26.32 -5.84
C HIS A 540 -9.98 -24.87 -5.64
N THR A 541 -10.81 -24.06 -4.97
CA THR A 541 -10.40 -22.67 -4.75
C THR A 541 -9.41 -22.56 -3.60
N ALA A 542 -9.23 -23.65 -2.87
CA ALA A 542 -8.16 -23.69 -1.88
C ALA A 542 -6.83 -23.77 -2.59
N VAL A 543 -6.68 -24.72 -3.51
CA VAL A 543 -5.39 -24.85 -4.17
C VAL A 543 -5.18 -23.70 -5.15
N GLU A 544 -6.24 -23.19 -5.79
CA GLU A 544 -6.06 -22.05 -6.69
C GLU A 544 -5.68 -20.76 -5.97
N LEU A 545 -5.91 -20.70 -4.65
CA LEU A 545 -5.40 -19.52 -3.97
C LEU A 545 -4.04 -19.80 -3.34
N PHE A 546 -3.83 -21.02 -2.85
CA PHE A 546 -2.49 -21.32 -2.34
C PHE A 546 -1.50 -21.20 -3.49
N LYS A 547 -1.93 -21.62 -4.68
CA LYS A 547 -1.11 -21.51 -5.88
C LYS A 547 -0.80 -20.06 -6.22
N ASN A 548 -1.81 -19.16 -6.18
CA ASN A 548 -1.47 -17.77 -6.50
C ASN A 548 -0.57 -17.15 -5.44
N VAL A 549 -0.75 -17.57 -4.18
CA VAL A 549 0.09 -17.11 -3.08
C VAL A 549 1.54 -17.52 -3.31
N CYS A 550 1.76 -18.80 -3.61
CA CYS A 550 3.10 -19.31 -3.83
C CYS A 550 3.74 -18.67 -5.05
N GLU A 551 3.01 -18.52 -6.14
CA GLU A 551 3.53 -17.97 -7.38
C GLU A 551 4.05 -16.55 -7.18
N ARG A 552 3.25 -15.66 -6.58
CA ARG A 552 3.70 -14.32 -6.22
C ARG A 552 4.84 -14.26 -5.20
N GLY A 553 5.50 -15.38 -4.88
CA GLY A 553 6.54 -15.42 -3.88
C GLY A 553 7.84 -14.71 -4.26
N ARG A 554 8.95 -15.19 -3.69
CA ARG A 554 10.24 -14.51 -3.78
C ARG A 554 11.20 -15.17 -4.76
N TRP A 555 10.87 -16.35 -5.27
CA TRP A 555 11.67 -16.95 -6.33
C TRP A 555 11.25 -16.45 -7.71
N SER A 556 10.39 -15.43 -7.75
CA SER A 556 9.99 -14.79 -9.00
C SER A 556 10.95 -13.69 -9.41
N GLU A 557 12.02 -13.44 -8.66
CA GLU A 557 13.09 -12.59 -9.17
C GLU A 557 13.86 -13.28 -10.28
N ARG A 558 13.77 -14.61 -10.37
CA ARG A 558 14.45 -15.31 -11.45
C ARG A 558 13.67 -15.19 -12.75
N LEU A 559 12.43 -14.70 -12.67
CA LEU A 559 11.70 -14.25 -13.85
C LEU A 559 12.44 -13.08 -14.50
N MET A 560 12.81 -12.10 -13.68
CA MET A 560 13.56 -10.94 -14.15
C MET A 560 14.97 -11.33 -14.57
N THR A 561 15.58 -12.27 -13.85
CA THR A 561 16.94 -12.68 -14.17
C THR A 561 16.97 -13.39 -15.51
N ALA A 562 15.93 -14.17 -15.81
CA ALA A 562 15.85 -14.85 -17.11
C ALA A 562 15.46 -13.89 -18.23
N TYR A 563 14.56 -12.95 -17.97
CA TYR A 563 14.22 -11.95 -18.99
C TYR A 563 15.42 -11.06 -19.31
N ASN A 564 16.15 -10.63 -18.29
CA ASN A 564 17.32 -9.80 -18.51
C ASN A 564 18.45 -10.61 -19.15
N SER A 565 18.42 -11.92 -18.99
CA SER A 565 19.35 -12.77 -19.72
C SER A 565 18.82 -13.05 -21.12
N TYR A 566 17.61 -12.57 -21.45
CA TYR A 566 17.11 -12.75 -22.81
C TYR A 566 17.48 -11.56 -23.68
N LYS A 567 17.43 -10.36 -23.11
CA LYS A 567 18.11 -9.22 -23.72
C LYS A 567 19.61 -9.53 -23.62
N ASP A 568 20.46 -8.71 -24.24
CA ASP A 568 21.90 -8.93 -24.31
C ASP A 568 22.26 -10.24 -25.02
N GLY A 569 21.28 -10.88 -25.65
CA GLY A 569 21.50 -12.03 -26.51
C GLY A 569 22.19 -13.26 -25.93
N ASP A 570 21.77 -13.73 -24.76
CA ASP A 570 22.27 -14.99 -24.22
C ASP A 570 21.07 -15.91 -23.95
N TYR A 571 20.58 -16.55 -25.00
CA TYR A 571 19.44 -17.46 -24.90
C TYR A 571 19.75 -18.74 -24.17
N ASN A 572 21.01 -19.19 -24.18
CA ASN A 572 21.38 -20.44 -23.51
C ASN A 572 21.19 -20.36 -22.00
N ALA A 573 21.14 -19.17 -21.42
CA ALA A 573 20.85 -19.03 -20.01
C ALA A 573 19.54 -18.34 -19.73
N ALA A 574 18.84 -17.88 -20.77
CA ALA A 574 17.49 -17.38 -20.63
C ALA A 574 16.43 -18.43 -20.91
N VAL A 575 16.81 -19.69 -21.09
CA VAL A 575 15.84 -20.76 -21.26
C VAL A 575 15.98 -21.74 -20.12
N ILE A 576 17.10 -21.68 -19.39
CA ILE A 576 17.28 -22.59 -18.26
C ILE A 576 16.70 -22.00 -16.99
N GLN A 577 16.86 -20.68 -16.81
CA GLN A 577 16.18 -20.00 -15.72
C GLN A 577 14.68 -19.87 -15.97
N TYR A 578 14.22 -20.18 -17.18
CA TYR A 578 12.80 -20.25 -17.47
C TYR A 578 12.27 -21.68 -17.45
N LEU A 579 13.10 -22.68 -17.72
CA LEU A 579 12.66 -24.06 -17.60
C LEU A 579 12.38 -24.45 -16.16
N LEU A 580 13.18 -23.96 -15.21
CA LEU A 580 12.91 -24.24 -13.80
C LEU A 580 11.62 -23.58 -13.34
N LEU A 581 11.46 -22.29 -13.66
CA LEU A 581 10.24 -21.58 -13.32
C LEU A 581 9.03 -22.14 -14.06
N ALA A 582 9.26 -22.87 -15.16
CA ALA A 582 8.15 -23.56 -15.81
C ALA A 582 7.81 -24.85 -15.10
N GLU A 583 8.81 -25.58 -14.60
CA GLU A 583 8.52 -26.78 -13.84
C GLU A 583 7.81 -26.44 -12.53
N GLN A 584 8.15 -25.28 -11.94
CA GLN A 584 7.46 -24.85 -10.73
C GLN A 584 5.99 -24.58 -10.96
N GLY A 585 5.62 -24.13 -12.16
CA GLY A 585 4.22 -24.03 -12.51
C GLY A 585 3.75 -22.65 -12.88
N TYR A 586 4.67 -21.79 -13.32
CA TYR A 586 4.29 -20.48 -13.82
C TYR A 586 3.71 -20.60 -15.22
N GLU A 587 2.69 -19.80 -15.52
CA GLU A 587 2.19 -19.69 -16.88
C GLU A 587 2.92 -18.63 -17.67
N VAL A 588 3.56 -17.67 -17.00
CA VAL A 588 4.44 -16.74 -17.68
C VAL A 588 5.71 -17.44 -18.14
N ALA A 589 6.29 -18.29 -17.28
CA ALA A 589 7.50 -18.99 -17.64
C ALA A 589 7.25 -20.11 -18.65
N GLN A 590 6.13 -20.83 -18.55
CA GLN A 590 5.88 -21.91 -19.52
C GLN A 590 5.59 -21.36 -20.90
N SER A 591 5.19 -20.11 -20.98
CA SER A 591 5.02 -19.48 -22.28
C SER A 591 6.31 -18.85 -22.75
N ASN A 592 7.07 -18.22 -21.85
CA ASN A 592 8.30 -17.62 -22.32
C ASN A 592 9.28 -18.71 -22.75
N ALA A 593 9.35 -19.81 -22.00
CA ALA A 593 10.23 -20.91 -22.36
C ALA A 593 9.71 -21.72 -23.53
N ALA A 594 8.43 -21.55 -23.89
CA ALA A 594 7.98 -22.19 -25.11
C ALA A 594 8.19 -21.28 -26.31
N PHE A 595 8.14 -19.97 -26.08
CA PHE A 595 8.45 -19.03 -27.14
C PHE A 595 9.95 -19.07 -27.45
N ILE A 596 10.78 -19.25 -26.43
CA ILE A 596 12.22 -19.35 -26.64
C ILE A 596 12.58 -20.66 -27.32
N LEU A 597 11.93 -21.76 -26.93
CA LEU A 597 12.14 -23.00 -27.67
C LEU A 597 11.51 -22.98 -29.05
N ASP A 598 10.56 -22.08 -29.30
CA ASP A 598 9.86 -22.04 -30.59
C ASP A 598 10.78 -21.57 -31.71
N GLN A 599 11.48 -20.45 -31.53
CA GLN A 599 12.26 -19.85 -32.60
C GLN A 599 13.70 -20.37 -32.66
N ARG A 600 13.95 -21.58 -32.15
CA ARG A 600 15.18 -22.32 -32.44
C ARG A 600 16.44 -21.58 -31.97
N GLU A 601 16.34 -20.84 -30.87
CA GLU A 601 17.46 -20.05 -30.38
C GLU A 601 18.27 -20.78 -29.33
N ALA A 602 17.65 -21.63 -28.52
CA ALA A 602 18.37 -22.35 -27.49
C ALA A 602 19.28 -23.39 -28.12
N SER A 603 20.57 -23.33 -27.78
CA SER A 603 21.57 -24.17 -28.41
C SER A 603 21.99 -25.36 -27.53
N ILE A 604 21.42 -25.50 -26.35
CA ILE A 604 21.70 -26.66 -25.51
C ILE A 604 20.87 -27.86 -25.92
N VAL A 605 19.54 -27.72 -25.87
CA VAL A 605 18.67 -28.77 -26.38
C VAL A 605 18.89 -28.91 -27.88
N GLY A 606 18.96 -30.16 -28.34
CA GLY A 606 19.32 -30.42 -29.71
C GLY A 606 18.26 -29.97 -30.69
N GLU A 607 18.68 -29.89 -31.95
CA GLU A 607 17.80 -29.43 -33.01
C GLU A 607 16.69 -30.43 -33.30
N ASN A 608 16.92 -31.71 -33.01
CA ASN A 608 15.95 -32.75 -33.28
C ASN A 608 15.07 -33.02 -32.05
N GLU A 609 15.26 -32.27 -30.96
CA GLU A 609 14.33 -32.31 -29.83
C GLU A 609 13.87 -30.93 -29.37
N THR A 610 13.89 -29.91 -30.23
CA THR A 610 13.55 -28.57 -29.75
C THR A 610 12.06 -28.27 -29.83
N TYR A 611 11.35 -28.83 -30.81
CA TYR A 611 9.93 -28.57 -30.94
C TYR A 611 9.07 -29.38 -29.98
N PRO A 612 9.32 -30.69 -29.74
CA PRO A 612 8.58 -31.36 -28.66
C PRO A 612 8.76 -30.73 -27.30
N ARG A 613 9.96 -30.24 -27.00
CA ARG A 613 10.19 -29.55 -25.73
C ARG A 613 9.56 -28.17 -25.72
N ALA A 614 9.09 -27.68 -26.87
CA ALA A 614 8.25 -26.49 -26.89
C ALA A 614 6.78 -26.84 -26.96
N LEU A 615 6.44 -27.96 -27.59
CA LEU A 615 5.06 -28.43 -27.59
C LEU A 615 4.59 -28.73 -26.18
N LEU A 616 5.47 -29.32 -25.36
CA LEU A 616 5.11 -29.66 -23.99
C LEU A 616 4.76 -28.42 -23.18
N HIS A 617 5.57 -27.36 -23.30
CA HIS A 617 5.30 -26.16 -22.53
C HIS A 617 4.15 -25.36 -23.10
N TRP A 618 3.92 -25.42 -24.42
CA TRP A 618 2.70 -24.84 -24.97
C TRP A 618 1.47 -25.54 -24.43
N ASN A 619 1.53 -26.88 -24.35
CA ASN A 619 0.41 -27.64 -23.82
C ASN A 619 0.16 -27.32 -22.34
N ARG A 620 1.24 -27.17 -21.57
CA ARG A 620 1.08 -26.83 -20.16
C ARG A 620 0.56 -25.40 -19.98
N ALA A 621 0.97 -24.46 -20.84
CA ALA A 621 0.46 -23.11 -20.72
C ALA A 621 -0.91 -22.97 -21.37
N ALA A 622 -1.39 -24.01 -22.04
CA ALA A 622 -2.74 -23.99 -22.56
C ALA A 622 -3.76 -24.26 -21.47
N SER A 623 -3.52 -25.29 -20.65
CA SER A 623 -4.46 -25.69 -19.61
C SER A 623 -4.53 -24.70 -18.46
N GLN A 624 -3.64 -23.71 -18.41
CA GLN A 624 -3.68 -22.68 -17.39
C GLN A 624 -4.39 -21.41 -17.85
N GLY A 625 -5.05 -21.46 -19.01
CA GLY A 625 -5.87 -20.36 -19.45
C GLY A 625 -5.13 -19.22 -20.11
N TYR A 626 -4.27 -19.54 -21.08
CA TYR A 626 -3.61 -18.53 -21.90
C TYR A 626 -4.12 -18.63 -23.32
N THR A 627 -4.51 -17.49 -23.89
CA THR A 627 -5.10 -17.50 -25.23
C THR A 627 -4.08 -17.90 -26.28
N VAL A 628 -2.89 -17.27 -26.25
CA VAL A 628 -1.89 -17.49 -27.28
C VAL A 628 -1.36 -18.92 -27.24
N ALA A 629 -1.34 -19.55 -26.06
CA ALA A 629 -0.83 -20.91 -25.96
C ALA A 629 -1.72 -21.89 -26.72
N ARG A 630 -3.03 -21.73 -26.64
CA ARG A 630 -3.93 -22.65 -27.32
C ARG A 630 -3.86 -22.45 -28.84
N ILE A 631 -3.77 -21.19 -29.27
CA ILE A 631 -3.63 -20.89 -30.68
C ILE A 631 -2.33 -21.47 -31.22
N LYS A 632 -1.23 -21.30 -30.49
CA LYS A 632 0.05 -21.81 -30.99
C LYS A 632 0.10 -23.33 -30.93
N LEU A 633 -0.62 -23.95 -30.00
CA LEU A 633 -0.76 -25.40 -30.02
C LEU A 633 -1.51 -25.85 -31.28
N GLY A 634 -2.58 -25.13 -31.64
CA GLY A 634 -3.26 -25.41 -32.88
C GLY A 634 -2.38 -25.20 -34.10
N ASP A 635 -1.54 -24.16 -34.06
CA ASP A 635 -0.59 -23.93 -35.15
C ASP A 635 0.40 -25.08 -35.26
N TYR A 636 0.87 -25.58 -34.13
CA TYR A 636 1.80 -26.70 -34.11
C TYR A 636 1.16 -27.95 -34.70
N HIS A 637 -0.09 -28.23 -34.34
CA HIS A 637 -0.75 -29.39 -34.93
C HIS A 637 -1.20 -29.14 -36.36
N PHE A 638 -1.21 -27.88 -36.80
CA PHE A 638 -1.60 -27.54 -38.17
C PHE A 638 -0.43 -27.68 -39.14
N TYR A 639 0.74 -27.15 -38.77
CA TYR A 639 1.92 -27.20 -39.63
C TYR A 639 2.74 -28.47 -39.43
N GLY A 640 2.35 -29.34 -38.52
CA GLY A 640 3.14 -30.52 -38.22
C GLY A 640 4.47 -30.24 -37.55
N PHE A 641 4.52 -29.24 -36.67
CA PHE A 641 5.71 -28.94 -35.88
C PHE A 641 5.80 -29.97 -34.76
N GLY A 642 6.92 -30.68 -34.68
CA GLY A 642 7.12 -31.65 -33.63
C GLY A 642 6.33 -32.92 -33.86
N THR A 643 5.01 -32.83 -33.74
CA THR A 643 4.12 -33.95 -33.99
C THR A 643 3.77 -34.04 -35.47
N ASP A 644 3.05 -35.10 -35.82
CA ASP A 644 2.60 -35.29 -37.19
C ASP A 644 1.53 -34.26 -37.54
N VAL A 645 1.35 -34.04 -38.84
CA VAL A 645 0.34 -33.09 -39.31
C VAL A 645 -1.04 -33.70 -39.07
N ASP A 646 -1.92 -32.94 -38.45
CA ASP A 646 -3.25 -33.43 -38.11
C ASP A 646 -4.20 -32.23 -38.06
N TYR A 647 -4.93 -32.02 -39.15
CA TYR A 647 -5.85 -30.88 -39.21
C TYR A 647 -6.99 -31.03 -38.24
N GLU A 648 -7.54 -32.24 -38.12
CA GLU A 648 -8.69 -32.46 -37.24
C GLU A 648 -8.32 -32.23 -35.78
N THR A 649 -7.07 -32.48 -35.41
CA THR A 649 -6.66 -32.22 -34.03
C THR A 649 -6.46 -30.74 -33.79
N ALA A 650 -5.92 -30.03 -34.79
CA ALA A 650 -5.78 -28.58 -34.64
C ALA A 650 -7.13 -27.90 -34.61
N PHE A 651 -8.15 -28.54 -35.22
CA PHE A 651 -9.49 -27.97 -35.22
C PHE A 651 -10.00 -27.80 -33.81
N ILE A 652 -9.80 -28.81 -32.97
CA ILE A 652 -10.28 -28.76 -31.59
C ILE A 652 -9.54 -27.69 -30.81
N HIS A 653 -8.25 -27.50 -31.11
CA HIS A 653 -7.51 -26.47 -30.38
C HIS A 653 -7.98 -25.07 -30.75
N TYR A 654 -8.20 -24.80 -32.04
CA TYR A 654 -8.75 -23.49 -32.38
C TYR A 654 -10.16 -23.31 -31.83
N ARG A 655 -10.95 -24.39 -31.80
CA ARG A 655 -12.30 -24.32 -31.22
C ARG A 655 -12.23 -23.96 -29.74
N LEU A 656 -11.30 -24.57 -29.01
CA LEU A 656 -11.17 -24.29 -27.58
C LEU A 656 -10.60 -22.91 -27.33
N ALA A 657 -9.74 -22.42 -28.22
CA ALA A 657 -9.30 -21.04 -28.10
C ALA A 657 -10.42 -20.06 -28.43
N SER A 658 -11.38 -20.49 -29.25
CA SER A 658 -12.48 -19.61 -29.62
C SER A 658 -13.51 -19.51 -28.50
N GLU A 659 -14.14 -20.65 -28.16
CA GLU A 659 -15.33 -20.60 -27.33
C GLU A 659 -15.00 -20.28 -25.87
N GLN A 660 -13.82 -20.66 -25.39
CA GLN A 660 -13.54 -20.43 -23.97
C GLN A 660 -13.23 -18.97 -23.68
N GLN A 661 -12.34 -18.36 -24.45
CA GLN A 661 -11.75 -17.07 -24.09
C GLN A 661 -12.06 -15.98 -25.09
N HIS A 662 -12.78 -16.29 -26.16
CA HIS A 662 -13.18 -15.34 -27.21
C HIS A 662 -11.96 -14.61 -27.81
N SER A 663 -11.06 -15.39 -28.39
CA SER A 663 -9.89 -14.85 -29.06
C SER A 663 -10.15 -14.77 -30.55
N ALA A 664 -9.94 -13.57 -31.11
CA ALA A 664 -10.33 -13.28 -32.50
C ALA A 664 -9.61 -14.18 -33.49
N GLN A 665 -8.31 -14.38 -33.32
CA GLN A 665 -7.53 -15.17 -34.27
C GLN A 665 -7.99 -16.62 -34.29
N ALA A 666 -8.53 -17.12 -33.18
CA ALA A 666 -9.10 -18.47 -33.20
C ALA A 666 -10.35 -18.54 -34.06
N MET A 667 -11.22 -17.53 -33.97
CA MET A 667 -12.37 -17.46 -34.87
C MET A 667 -11.93 -17.40 -36.32
N PHE A 668 -10.95 -16.54 -36.63
CA PHE A 668 -10.52 -16.38 -38.02
C PHE A 668 -9.91 -17.67 -38.56
N ASN A 669 -9.04 -18.33 -37.79
CA ASN A 669 -8.46 -19.56 -38.27
C ASN A 669 -9.48 -20.68 -38.35
N LEU A 670 -10.49 -20.66 -37.46
CA LEU A 670 -11.59 -21.61 -37.58
C LEU A 670 -12.34 -21.40 -38.89
N GLY A 671 -12.59 -20.14 -39.24
CA GLY A 671 -13.21 -19.84 -40.52
C GLY A 671 -12.37 -20.31 -41.69
N TYR A 672 -11.04 -20.17 -41.59
CA TYR A 672 -10.17 -20.60 -42.68
C TYR A 672 -10.21 -22.12 -42.82
N MET A 673 -10.24 -22.86 -41.71
CA MET A 673 -10.36 -24.31 -41.81
C MET A 673 -11.73 -24.72 -42.34
N HIS A 674 -12.77 -23.96 -41.97
CA HIS A 674 -14.11 -24.22 -42.49
C HIS A 674 -14.19 -23.93 -43.98
N GLU A 675 -13.36 -23.00 -44.47
CA GLU A 675 -13.54 -22.46 -45.80
C GLU A 675 -13.11 -23.44 -46.89
N LYS A 676 -11.99 -24.15 -46.68
CA LYS A 676 -11.50 -25.10 -47.66
C LYS A 676 -11.48 -26.52 -47.12
N GLY A 677 -12.30 -26.82 -46.12
CA GLY A 677 -12.47 -28.19 -45.65
C GLY A 677 -11.24 -28.82 -45.04
N LEU A 678 -10.52 -28.09 -44.18
CA LEU A 678 -9.31 -28.60 -43.56
C LEU A 678 -9.71 -29.33 -42.28
N GLY A 679 -9.71 -30.65 -42.35
CA GLY A 679 -10.03 -31.50 -41.22
C GLY A 679 -11.48 -31.90 -41.13
N ILE A 680 -12.40 -31.14 -41.71
CA ILE A 680 -13.81 -31.42 -41.73
C ILE A 680 -14.34 -31.16 -43.14
N LYS A 681 -15.66 -31.28 -43.30
CA LYS A 681 -16.29 -31.01 -44.58
C LYS A 681 -16.28 -29.51 -44.88
N GLN A 682 -16.10 -29.17 -46.15
CA GLN A 682 -16.03 -27.78 -46.56
C GLN A 682 -17.42 -27.15 -46.52
N ASP A 683 -17.50 -25.91 -46.02
CA ASP A 683 -18.77 -25.19 -46.04
C ASP A 683 -18.48 -23.69 -46.07
N ILE A 684 -19.37 -22.96 -46.75
CA ILE A 684 -19.21 -21.51 -46.88
C ILE A 684 -19.91 -20.76 -45.74
N HIS A 685 -21.11 -21.20 -45.34
CA HIS A 685 -21.93 -20.35 -44.51
C HIS A 685 -21.47 -20.35 -43.04
N LEU A 686 -21.04 -21.50 -42.53
CA LEU A 686 -20.44 -21.48 -41.19
C LEU A 686 -19.11 -20.74 -41.18
N ALA A 687 -18.36 -20.81 -42.29
CA ALA A 687 -17.14 -20.03 -42.37
C ALA A 687 -17.44 -18.54 -42.31
N LYS A 688 -18.50 -18.12 -43.00
CA LYS A 688 -18.94 -16.72 -42.90
C LYS A 688 -19.39 -16.38 -41.50
N ARG A 689 -20.10 -17.30 -40.83
CA ARG A 689 -20.54 -17.04 -39.45
C ARG A 689 -19.34 -16.80 -38.55
N PHE A 690 -18.31 -17.62 -38.72
CA PHE A 690 -17.12 -17.50 -37.91
C PHE A 690 -16.39 -16.18 -38.23
N TYR A 691 -16.34 -15.80 -39.51
CA TYR A 691 -15.70 -14.51 -39.82
C TYR A 691 -16.46 -13.31 -39.24
N ASP A 692 -17.80 -13.29 -39.28
CA ASP A 692 -18.50 -12.16 -38.67
C ASP A 692 -18.35 -12.13 -37.15
N MET A 693 -18.39 -13.28 -36.47
CA MET A 693 -18.16 -13.07 -35.05
C MET A 693 -16.69 -12.87 -34.70
N ALA A 694 -15.77 -13.18 -35.62
CA ALA A 694 -14.41 -12.69 -35.47
C ALA A 694 -14.37 -11.17 -35.59
N ALA A 695 -15.15 -10.61 -36.51
CA ALA A 695 -15.25 -9.16 -36.66
C ALA A 695 -15.86 -8.51 -35.43
N GLU A 696 -16.89 -9.13 -34.85
CA GLU A 696 -17.50 -8.58 -33.64
C GLU A 696 -16.64 -8.79 -32.40
N ALA A 697 -15.74 -9.77 -32.42
CA ALA A 697 -15.05 -10.16 -31.19
C ALA A 697 -14.05 -9.10 -30.75
N SER A 698 -13.41 -8.42 -31.70
CA SER A 698 -12.38 -7.45 -31.39
C SER A 698 -12.53 -6.23 -32.28
N PRO A 699 -12.12 -5.05 -31.80
CA PRO A 699 -12.03 -3.88 -32.68
C PRO A 699 -10.78 -3.84 -33.54
N ASP A 700 -9.96 -4.89 -33.51
CA ASP A 700 -8.68 -4.93 -34.21
C ASP A 700 -8.78 -5.75 -35.49
N ALA A 701 -9.74 -6.66 -35.56
CA ALA A 701 -9.77 -7.70 -36.59
C ALA A 701 -10.61 -7.33 -37.81
N GLN A 702 -11.04 -6.07 -37.93
CA GLN A 702 -11.98 -5.70 -39.00
C GLN A 702 -11.35 -5.84 -40.38
N VAL A 703 -10.09 -5.44 -40.54
CA VAL A 703 -9.45 -5.49 -41.86
C VAL A 703 -9.27 -6.90 -42.40
N PRO A 704 -8.68 -7.86 -41.67
CA PRO A 704 -8.44 -9.16 -42.33
C PRO A 704 -9.72 -9.95 -42.53
N VAL A 705 -10.74 -9.73 -41.70
CA VAL A 705 -12.01 -10.37 -41.96
C VAL A 705 -12.70 -9.71 -43.16
N PHE A 706 -12.43 -8.43 -43.38
CA PHE A 706 -12.93 -7.78 -44.59
C PHE A 706 -12.35 -8.43 -45.84
N LEU A 707 -11.02 -8.53 -45.92
CA LEU A 707 -10.44 -9.14 -47.12
C LEU A 707 -10.63 -10.66 -47.15
N ALA A 708 -11.06 -11.25 -46.03
CA ALA A 708 -11.44 -12.66 -46.12
C ALA A 708 -12.85 -12.81 -46.64
N LEU A 709 -13.75 -11.92 -46.24
CA LEU A 709 -15.12 -12.08 -46.69
C LEU A 709 -15.23 -11.68 -48.16
N CYS A 710 -14.40 -10.72 -48.59
CA CYS A 710 -14.33 -10.39 -50.00
C CYS A 710 -13.78 -11.56 -50.81
N LYS A 711 -12.72 -12.22 -50.33
CA LYS A 711 -12.21 -13.35 -51.09
C LYS A 711 -13.17 -14.53 -51.08
N LEU A 712 -13.93 -14.70 -49.99
CA LEU A 712 -14.92 -15.76 -49.91
C LEU A 712 -16.07 -15.52 -50.88
N GLY A 713 -16.58 -14.29 -50.91
CA GLY A 713 -17.62 -13.98 -51.86
C GLY A 713 -17.15 -14.04 -53.31
N VAL A 714 -15.90 -13.66 -53.56
CA VAL A 714 -15.37 -13.76 -54.92
C VAL A 714 -15.26 -15.21 -55.38
N VAL A 715 -14.74 -16.10 -54.51
CA VAL A 715 -14.65 -17.50 -54.90
C VAL A 715 -16.03 -18.12 -55.07
N TYR A 716 -16.98 -17.78 -54.18
CA TYR A 716 -18.34 -18.31 -54.31
C TYR A 716 -19.00 -17.84 -55.61
N PHE A 717 -18.86 -16.54 -55.94
CA PHE A 717 -19.46 -16.02 -57.16
C PHE A 717 -18.83 -16.65 -58.40
N LEU A 718 -17.51 -16.82 -58.40
CA LEU A 718 -16.84 -17.42 -59.56
C LEU A 718 -17.23 -18.89 -59.71
N GLN A 719 -17.33 -19.62 -58.59
CA GLN A 719 -17.74 -21.01 -58.67
C GLN A 719 -19.18 -21.15 -59.15
N TYR A 720 -20.07 -20.25 -58.71
CA TYR A 720 -21.45 -20.29 -59.20
C TYR A 720 -21.52 -19.92 -60.67
N ILE A 721 -20.65 -19.00 -61.12
CA ILE A 721 -20.58 -18.69 -62.55
C ILE A 721 -20.12 -19.89 -63.35
N ARG A 722 -19.12 -20.60 -62.85
CA ARG A 722 -18.59 -21.78 -63.55
C ARG A 722 -19.63 -22.89 -63.60
N GLU A 723 -20.51 -22.96 -62.61
CA GLU A 723 -21.56 -23.98 -62.59
C GLU A 723 -22.62 -23.72 -63.66
N ALA B 1 -22.73 -2.81 -22.24
CA ALA B 1 -23.83 -3.54 -22.88
C ALA B 1 -23.70 -5.04 -22.64
N ASN B 2 -22.49 -5.48 -22.32
CA ASN B 2 -22.22 -6.90 -22.10
C ASN B 2 -20.99 -7.00 -21.21
N ALA B 3 -21.19 -7.38 -19.96
CA ALA B 3 -20.09 -7.50 -19.01
C ALA B 3 -20.38 -8.59 -17.97
N LEU C 37 8.96 -36.97 -21.68
CA LEU C 37 8.37 -37.39 -22.94
C LEU C 37 6.99 -36.77 -23.14
N SER C 38 6.17 -36.84 -22.09
CA SER C 38 4.79 -36.37 -22.15
C SER C 38 4.33 -36.17 -20.71
N ASP C 39 3.02 -35.93 -20.54
CA ASP C 39 2.45 -35.66 -19.22
C ASP C 39 1.25 -36.56 -18.94
N ASP C 40 1.21 -37.76 -19.53
CA ASP C 40 0.10 -38.67 -19.34
C ASP C 40 0.43 -39.78 -18.35
N ILE C 41 1.64 -40.32 -18.42
CA ILE C 41 2.03 -41.50 -17.65
C ILE C 41 2.15 -41.13 -16.16
N PRO C 42 1.37 -41.75 -15.29
CA PRO C 42 1.45 -41.44 -13.86
C PRO C 42 2.40 -42.35 -13.09
N PHE C 43 3.02 -41.75 -12.08
CA PHE C 43 3.93 -42.46 -11.19
C PHE C 43 3.46 -42.25 -9.75
N ARG C 44 3.69 -43.26 -8.92
CA ARG C 44 3.34 -43.17 -7.50
C ARG C 44 4.47 -43.77 -6.69
N VAL C 45 4.96 -43.02 -5.71
CA VAL C 45 6.06 -43.50 -4.88
C VAL C 45 5.53 -44.43 -3.80
N ASN C 46 6.26 -45.51 -3.55
CA ASN C 46 5.91 -46.52 -2.57
C ASN C 46 7.11 -46.76 -1.67
N TRP C 47 6.83 -47.07 -0.41
CA TRP C 47 7.85 -47.37 0.59
C TRP C 47 7.48 -48.68 1.29
N PRO C 48 7.85 -49.83 0.70
CA PRO C 48 7.48 -51.11 1.30
C PRO C 48 8.42 -51.53 2.42
N GLY C 49 9.64 -51.03 2.41
CA GLY C 49 10.61 -51.40 3.42
C GLY C 49 11.85 -52.09 2.88
N THR C 50 12.31 -53.12 3.58
CA THR C 50 13.53 -53.83 3.20
C THR C 50 13.23 -54.96 2.23
N GLU C 51 12.36 -55.89 2.62
CA GLU C 51 12.07 -57.06 1.81
C GLU C 51 11.03 -56.67 0.76
N PHE C 52 11.30 -57.00 -0.50
CA PHE C 52 10.38 -56.74 -1.60
C PHE C 52 10.79 -57.60 -2.78
N SER C 53 9.83 -58.32 -3.35
CA SER C 53 10.03 -59.12 -4.56
C SER C 53 9.40 -58.41 -5.74
N LEU C 54 10.16 -58.28 -6.83
CA LEU C 54 9.70 -57.51 -7.98
C LEU C 54 8.51 -58.21 -8.63
N PRO C 55 7.40 -57.52 -8.84
CA PRO C 55 6.22 -58.18 -9.43
C PRO C 55 6.44 -58.51 -10.90
N THR C 56 6.01 -59.71 -11.29
CA THR C 56 6.13 -60.17 -12.66
C THR C 56 4.88 -59.88 -13.49
N THR C 57 3.88 -59.22 -12.91
CA THR C 57 2.62 -58.95 -13.59
C THR C 57 2.47 -57.44 -13.79
N GLY C 58 2.08 -57.05 -14.98
CA GLY C 58 1.91 -55.63 -15.30
C GLY C 58 3.17 -55.06 -15.94
N VAL C 59 3.76 -54.06 -15.27
CA VAL C 59 4.98 -53.43 -15.75
C VAL C 59 6.18 -54.32 -15.42
N LEU C 60 7.32 -54.05 -16.06
CA LEU C 60 8.53 -54.84 -15.91
C LEU C 60 9.56 -54.06 -15.10
N TYR C 61 10.30 -54.77 -14.25
CA TYR C 61 11.32 -54.17 -13.40
C TYR C 61 12.66 -54.80 -13.73
N LYS C 62 13.66 -53.99 -14.03
CA LYS C 62 14.99 -54.51 -14.29
C LYS C 62 15.98 -53.78 -13.39
N GLU C 63 17.06 -54.50 -13.06
CA GLU C 63 17.91 -54.21 -11.91
C GLU C 63 19.06 -53.23 -12.18
N ASP C 64 19.21 -52.75 -13.41
CA ASP C 64 20.23 -51.74 -13.71
C ASP C 64 19.68 -50.35 -13.42
N ASN C 65 18.39 -50.12 -13.70
CA ASN C 65 17.74 -48.82 -13.49
C ASN C 65 17.44 -48.57 -12.01
N TYR C 66 18.51 -48.58 -11.23
CA TYR C 66 18.44 -48.31 -9.80
C TYR C 66 19.17 -47.02 -9.48
N VAL C 67 18.71 -46.35 -8.44
CA VAL C 67 19.34 -45.14 -7.91
C VAL C 67 19.55 -45.31 -6.42
N ILE C 68 20.67 -44.83 -5.91
CA ILE C 68 20.97 -44.88 -4.49
C ILE C 68 20.68 -43.50 -3.91
N MET C 69 19.87 -43.45 -2.86
CA MET C 69 19.26 -42.21 -2.42
C MET C 69 19.59 -41.98 -0.95
N THR C 70 20.13 -40.80 -0.65
CA THR C 70 20.43 -40.38 0.71
C THR C 70 19.65 -39.12 1.04
N THR C 71 18.99 -39.12 2.19
CA THR C 71 18.26 -37.93 2.62
C THR C 71 19.17 -37.00 3.41
N ALA C 72 18.57 -35.99 4.03
CA ALA C 72 19.35 -35.05 4.83
C ALA C 72 19.79 -35.65 6.16
N HIS C 73 19.02 -36.59 6.69
CA HIS C 73 19.32 -37.22 7.97
C HIS C 73 20.18 -38.48 7.84
N LYS C 74 20.92 -38.62 6.73
CA LYS C 74 21.87 -39.70 6.51
C LYS C 74 21.20 -41.08 6.58
N GLU C 75 20.00 -41.18 6.02
CA GLU C 75 19.30 -42.44 5.86
C GLU C 75 19.42 -42.89 4.42
N LYS C 76 19.89 -44.13 4.23
CA LYS C 76 20.21 -44.64 2.90
C LYS C 76 19.04 -45.43 2.35
N TYR C 77 18.64 -45.12 1.11
CA TYR C 77 17.52 -45.78 0.47
C TYR C 77 17.97 -46.39 -0.86
N LYS C 78 17.27 -47.42 -1.29
CA LYS C 78 17.46 -48.04 -2.60
C LYS C 78 16.15 -47.92 -3.38
N CYS C 79 16.11 -47.04 -4.38
CA CYS C 79 14.90 -46.83 -5.17
C CYS C 79 15.00 -47.53 -6.53
N ILE C 80 14.05 -48.42 -6.81
CA ILE C 80 14.00 -49.15 -8.07
C ILE C 80 13.03 -48.44 -9.00
N LEU C 81 13.29 -48.51 -10.31
CA LEU C 81 12.33 -47.79 -11.14
C LEU C 81 11.61 -48.76 -12.07
N PRO C 82 10.37 -48.47 -12.47
CA PRO C 82 9.70 -49.32 -13.46
C PRO C 82 10.07 -48.94 -14.89
N LEU C 83 9.99 -49.93 -15.76
CA LEU C 83 10.15 -49.67 -17.18
C LEU C 83 8.91 -48.97 -17.72
N VAL C 84 9.12 -47.90 -18.49
CA VAL C 84 8.01 -47.08 -18.99
C VAL C 84 7.58 -47.69 -20.33
N THR C 85 6.65 -48.64 -20.25
CA THR C 85 6.01 -49.19 -21.44
C THR C 85 4.51 -48.87 -21.46
N SER C 86 3.77 -49.32 -20.44
CA SER C 86 2.31 -49.13 -20.34
C SER C 86 1.59 -49.58 -21.61
N GLY C 87 2.08 -50.66 -22.22
CA GLY C 87 1.64 -51.06 -23.54
C GLY C 87 0.51 -52.06 -23.52
N ASP C 88 0.03 -52.38 -24.72
CA ASP C 88 -0.99 -53.39 -24.99
C ASP C 88 -2.33 -53.09 -24.31
N GLU C 89 -3.29 -53.99 -24.49
CA GLU C 89 -4.59 -53.88 -23.85
C GLU C 89 -5.04 -55.22 -23.28
N GLU C 90 -4.10 -55.99 -22.72
CA GLU C 90 -4.39 -57.31 -22.17
C GLU C 90 -4.89 -57.19 -20.72
N GLU C 91 -6.01 -56.49 -20.57
CA GLU C 91 -6.67 -56.31 -19.28
C GLU C 91 -7.75 -57.35 -19.04
N GLU C 92 -7.82 -58.38 -19.88
CA GLU C 92 -8.83 -59.44 -19.82
C GLU C 92 -10.25 -58.87 -19.89
N LYS C 93 -10.54 -58.22 -21.02
CA LYS C 93 -11.83 -57.57 -21.21
C LYS C 93 -12.91 -58.59 -21.48
N ASP C 94 -13.54 -59.09 -20.42
CA ASP C 94 -14.65 -60.06 -20.52
C ASP C 94 -15.82 -59.50 -19.72
N TYR C 95 -16.87 -59.08 -20.41
CA TYR C 95 -18.07 -58.54 -19.79
C TYR C 95 -19.28 -59.33 -20.26
N LYS C 96 -20.07 -59.84 -19.31
CA LYS C 96 -21.28 -60.59 -19.60
C LYS C 96 -22.54 -59.75 -19.39
N GLY C 97 -22.39 -58.42 -19.32
CA GLY C 97 -23.51 -57.54 -19.07
C GLY C 97 -24.37 -57.33 -20.30
N PRO C 98 -25.35 -56.43 -20.20
CA PRO C 98 -26.32 -56.25 -21.27
C PRO C 98 -25.79 -55.31 -22.36
N ASN C 99 -26.64 -55.05 -23.34
CA ASN C 99 -26.32 -54.13 -24.41
C ASN C 99 -26.30 -52.69 -23.91
N PRO C 100 -25.65 -51.80 -24.65
CA PRO C 100 -25.66 -50.37 -24.25
C PRO C 100 -27.05 -49.74 -24.29
N ARG C 101 -27.98 -50.29 -25.06
CA ARG C 101 -29.36 -49.79 -25.05
C ARG C 101 -30.03 -50.00 -23.71
N GLU C 102 -29.59 -51.01 -22.95
CA GLU C 102 -30.18 -51.27 -21.64
C GLU C 102 -29.89 -50.13 -20.66
N LEU C 103 -28.69 -49.55 -20.74
CA LEU C 103 -28.30 -48.43 -19.89
C LEU C 103 -28.87 -47.10 -20.38
N LEU C 104 -29.54 -47.09 -21.53
CA LEU C 104 -30.06 -45.85 -22.10
C LEU C 104 -31.58 -45.82 -22.13
N GLU C 105 -32.25 -46.97 -22.16
CA GLU C 105 -33.71 -47.01 -22.15
C GLU C 105 -34.31 -46.38 -20.89
N PRO C 106 -33.77 -46.63 -19.69
CA PRO C 106 -34.24 -45.86 -18.52
C PRO C 106 -34.00 -44.37 -18.65
N LEU C 107 -32.89 -43.95 -19.25
CA LEU C 107 -32.66 -42.52 -19.46
C LEU C 107 -33.65 -41.93 -20.45
N PHE C 108 -34.13 -42.74 -21.39
CA PHE C 108 -35.20 -42.30 -22.29
C PHE C 108 -36.54 -42.23 -21.57
N LYS C 109 -36.83 -43.21 -20.71
CA LYS C 109 -38.14 -43.34 -20.10
C LYS C 109 -38.29 -42.51 -18.83
N GLN C 110 -37.21 -41.90 -18.33
CA GLN C 110 -37.34 -41.05 -17.15
C GLN C 110 -38.04 -39.74 -17.48
N SER C 111 -37.90 -39.26 -18.72
CA SER C 111 -38.62 -38.10 -19.23
C SER C 111 -38.32 -36.82 -18.45
N SER C 112 -37.13 -36.76 -17.84
CA SER C 112 -36.65 -35.56 -17.16
C SER C 112 -35.29 -35.23 -17.75
N CYS C 113 -35.22 -34.17 -18.54
CA CYS C 113 -34.05 -33.90 -19.38
C CYS C 113 -33.48 -32.52 -19.09
N SER C 114 -32.27 -32.31 -19.61
CA SER C 114 -31.41 -31.20 -19.22
C SER C 114 -31.58 -30.01 -20.16
N TYR C 115 -30.93 -28.91 -19.77
CA TYR C 115 -30.98 -27.66 -20.50
C TYR C 115 -29.55 -27.16 -20.71
N ARG C 116 -29.41 -26.10 -21.51
CA ARG C 116 -28.14 -25.40 -21.61
C ARG C 116 -28.41 -23.98 -22.07
N ILE C 117 -27.72 -23.02 -21.44
CA ILE C 117 -27.82 -21.61 -21.77
C ILE C 117 -26.60 -21.19 -22.56
N GLU C 118 -26.82 -20.51 -23.68
CA GLU C 118 -25.76 -19.97 -24.52
C GLU C 118 -25.75 -18.45 -24.43
N SER C 119 -24.88 -17.83 -25.25
CA SER C 119 -24.79 -16.38 -25.27
C SER C 119 -26.06 -15.76 -25.84
N TYR C 120 -26.62 -16.37 -26.89
CA TYR C 120 -27.87 -15.92 -27.48
C TYR C 120 -28.96 -16.97 -27.35
N TRP C 121 -28.66 -18.21 -27.70
CA TRP C 121 -29.69 -19.24 -27.80
C TRP C 121 -29.86 -19.99 -26.49
N THR C 122 -30.64 -21.05 -26.53
CA THR C 122 -30.80 -21.97 -25.42
C THR C 122 -31.06 -23.34 -26.05
N TYR C 123 -30.09 -24.24 -25.96
CA TYR C 123 -30.24 -25.58 -26.51
C TYR C 123 -30.83 -26.47 -25.42
N GLU C 124 -32.05 -26.95 -25.65
CA GLU C 124 -32.68 -27.95 -24.81
C GLU C 124 -32.68 -29.29 -25.53
N VAL C 125 -31.89 -30.24 -25.04
CA VAL C 125 -31.89 -31.60 -25.56
C VAL C 125 -32.70 -32.47 -24.62
N CYS C 126 -33.60 -33.27 -25.17
CA CYS C 126 -34.38 -34.22 -24.38
C CYS C 126 -34.16 -35.61 -24.95
N HIS C 127 -33.55 -36.48 -24.15
CA HIS C 127 -33.14 -37.79 -24.63
C HIS C 127 -34.34 -38.70 -24.86
N GLY C 128 -34.49 -39.14 -26.11
CA GLY C 128 -35.57 -40.03 -26.48
C GLY C 128 -36.83 -39.37 -26.99
N LYS C 129 -36.97 -38.05 -26.91
CA LYS C 129 -38.16 -37.40 -27.44
C LYS C 129 -37.85 -36.38 -28.55
N HIS C 130 -36.98 -35.40 -28.33
CA HIS C 130 -36.52 -34.47 -29.39
C HIS C 130 -35.47 -33.55 -28.79
N ILE C 131 -34.83 -32.75 -29.65
CA ILE C 131 -33.97 -31.66 -29.20
C ILE C 131 -34.58 -30.35 -29.70
N ARG C 132 -34.64 -29.37 -28.80
CA ARG C 132 -35.23 -28.06 -29.03
C ARG C 132 -34.20 -26.94 -28.97
N GLN C 133 -34.17 -26.12 -30.02
CA GLN C 133 -33.35 -24.92 -30.08
C GLN C 133 -34.28 -23.72 -30.19
N TYR C 134 -34.11 -22.73 -29.31
CA TYR C 134 -35.00 -21.58 -29.31
C TYR C 134 -34.31 -20.39 -28.64
N HIS C 135 -34.94 -19.23 -28.77
CA HIS C 135 -34.54 -18.03 -28.05
C HIS C 135 -35.78 -17.18 -27.77
N GLU C 136 -35.89 -16.70 -26.54
CA GLU C 136 -37.02 -15.87 -26.13
C GLU C 136 -36.73 -14.41 -26.41
N GLU C 137 -37.68 -13.74 -27.07
CA GLU C 137 -37.61 -12.29 -27.31
C GLU C 137 -38.61 -11.61 -26.39
N LYS C 138 -38.10 -10.81 -25.47
CA LYS C 138 -38.93 -10.15 -24.44
C LYS C 138 -39.32 -8.76 -24.95
N GLU C 139 -40.49 -8.66 -25.57
CA GLU C 139 -41.03 -7.35 -25.93
C GLU C 139 -41.44 -6.60 -24.67
N THR C 140 -41.40 -5.27 -24.77
CA THR C 140 -41.53 -4.38 -23.62
C THR C 140 -42.99 -4.33 -23.16
N GLY C 141 -43.37 -5.33 -22.36
CA GLY C 141 -44.60 -5.25 -21.61
C GLY C 141 -45.62 -6.35 -21.80
N GLN C 142 -45.87 -6.77 -23.03
CA GLN C 142 -46.96 -7.70 -23.25
C GLN C 142 -46.57 -8.95 -24.03
N LYS C 143 -45.69 -8.82 -25.02
CA LYS C 143 -45.40 -9.90 -25.94
C LYS C 143 -44.10 -10.60 -25.58
N ILE C 144 -44.08 -11.92 -25.80
CA ILE C 144 -42.88 -12.74 -25.66
C ILE C 144 -42.79 -13.60 -26.91
N ASN C 145 -41.83 -13.31 -27.78
CA ASN C 145 -41.68 -14.01 -29.04
C ASN C 145 -40.62 -15.08 -28.92
N ILE C 146 -40.89 -16.25 -29.52
CA ILE C 146 -40.00 -17.40 -29.47
C ILE C 146 -39.56 -17.72 -30.90
N HIS C 147 -38.25 -17.79 -31.11
CA HIS C 147 -37.66 -18.18 -32.40
C HIS C 147 -37.27 -19.65 -32.27
N GLU C 148 -38.17 -20.53 -32.68
CA GLU C 148 -38.03 -21.97 -32.44
C GLU C 148 -37.49 -22.68 -33.67
N TYR C 149 -36.45 -23.48 -33.48
CA TYR C 149 -35.94 -24.38 -34.50
C TYR C 149 -35.91 -25.81 -33.97
N TYR C 150 -36.32 -26.75 -34.83
CA TYR C 150 -36.48 -28.15 -34.46
C TYR C 150 -35.30 -28.94 -35.01
N LEU C 151 -34.60 -29.67 -34.14
CA LEU C 151 -33.43 -30.40 -34.59
C LEU C 151 -33.73 -31.86 -34.94
N GLY C 152 -34.92 -32.35 -34.65
CA GLY C 152 -35.29 -33.67 -35.11
C GLY C 152 -36.35 -34.31 -34.24
N ASN C 153 -36.70 -35.54 -34.61
CA ASN C 153 -37.71 -36.33 -33.92
C ASN C 153 -37.43 -37.81 -34.18
N MET C 154 -37.64 -38.62 -33.16
CA MET C 154 -37.73 -40.07 -33.34
C MET C 154 -39.19 -40.49 -33.22
N LEU C 155 -39.74 -40.95 -34.33
CA LEU C 155 -41.12 -41.43 -34.40
C LEU C 155 -41.21 -42.87 -33.88
N SER C 173 -20.18 -54.57 -36.43
CA SER C 173 -19.57 -53.48 -35.66
C SER C 173 -18.73 -54.12 -34.54
N ASN C 174 -17.45 -54.35 -34.83
CA ASN C 174 -16.53 -54.88 -33.83
C ASN C 174 -15.59 -53.82 -33.29
N GLU C 175 -15.33 -52.75 -34.03
CA GLU C 175 -14.53 -51.63 -33.57
C GLU C 175 -15.45 -50.45 -33.29
N ILE C 176 -15.36 -49.91 -32.09
CA ILE C 176 -16.18 -48.78 -31.66
C ILE C 176 -15.59 -47.50 -32.24
N PRO C 177 -16.37 -46.70 -32.96
CA PRO C 177 -15.85 -45.40 -33.44
C PRO C 177 -15.55 -44.47 -32.28
N THR C 178 -14.55 -43.62 -32.49
CA THR C 178 -13.94 -42.83 -31.42
C THR C 178 -13.77 -41.37 -31.85
N LYS C 179 -14.29 -40.46 -31.03
CA LYS C 179 -14.27 -39.02 -31.29
C LYS C 179 -13.25 -38.31 -30.39
N ASN C 180 -12.40 -37.48 -31.01
CA ASN C 180 -11.40 -36.64 -30.33
C ASN C 180 -12.05 -35.42 -29.69
N ILE C 181 -12.36 -35.50 -28.40
CA ILE C 181 -12.79 -34.32 -27.66
C ILE C 181 -11.57 -33.76 -26.93
N GLU C 182 -11.38 -32.44 -27.01
CA GLU C 182 -10.35 -31.67 -26.29
C GLU C 182 -8.94 -32.25 -26.43
N GLY C 183 -8.70 -33.05 -27.46
CA GLY C 183 -7.40 -33.64 -27.69
C GLY C 183 -7.15 -35.00 -27.06
N GLN C 184 -8.17 -35.63 -26.49
CA GLN C 184 -8.04 -36.98 -25.93
C GLN C 184 -8.98 -37.91 -26.69
N MET C 185 -8.51 -39.13 -26.92
CA MET C 185 -9.30 -40.10 -27.67
C MET C 185 -10.21 -40.86 -26.71
N THR C 186 -11.54 -40.78 -26.92
CA THR C 186 -12.45 -41.53 -26.07
C THR C 186 -13.53 -42.23 -26.90
N PRO C 187 -13.84 -43.48 -26.61
CA PRO C 187 -14.79 -44.24 -27.44
C PRO C 187 -16.23 -44.01 -27.00
N TYR C 188 -17.11 -43.77 -27.98
CA TYR C 188 -18.46 -43.29 -27.74
C TYR C 188 -19.51 -44.30 -28.19
N TYR C 189 -20.78 -43.88 -28.08
CA TYR C 189 -21.96 -44.53 -28.66
C TYR C 189 -22.85 -43.44 -29.26
N PRO C 190 -23.09 -43.45 -30.57
CA PRO C 190 -23.91 -42.41 -31.18
C PRO C 190 -25.39 -42.79 -31.29
N VAL C 191 -26.19 -41.77 -31.63
CA VAL C 191 -27.61 -41.92 -31.94
C VAL C 191 -27.88 -41.20 -33.26
N GLY C 192 -28.15 -41.96 -34.32
CA GLY C 192 -28.41 -41.35 -35.61
C GLY C 192 -29.82 -40.79 -35.66
N MET C 193 -29.96 -39.60 -36.24
CA MET C 193 -31.21 -38.87 -36.15
C MET C 193 -31.27 -37.82 -37.25
N GLY C 194 -32.47 -37.60 -37.79
CA GLY C 194 -32.67 -36.60 -38.83
C GLY C 194 -34.00 -35.92 -38.68
N ASN C 195 -34.67 -35.69 -39.83
CA ASN C 195 -36.03 -35.14 -39.97
C ASN C 195 -36.34 -34.04 -38.97
N GLY C 196 -35.50 -33.00 -38.99
CA GLY C 196 -35.73 -31.80 -38.22
C GLY C 196 -36.57 -30.81 -38.99
N THR C 197 -36.52 -29.50 -38.57
CA THR C 197 -37.23 -28.63 -39.47
C THR C 197 -36.40 -28.36 -40.70
N PRO C 198 -37.01 -28.01 -41.82
CA PRO C 198 -36.26 -27.70 -43.00
C PRO C 198 -35.27 -26.56 -42.77
N CYS C 199 -34.13 -26.62 -43.47
CA CYS C 199 -33.16 -25.54 -43.45
C CYS C 199 -33.14 -24.91 -44.84
N SER C 200 -33.33 -23.59 -44.90
CA SER C 200 -33.42 -22.91 -46.20
C SER C 200 -32.10 -22.93 -46.95
N LEU C 201 -31.00 -23.26 -46.27
CA LEU C 201 -29.69 -23.28 -46.88
C LEU C 201 -29.52 -24.48 -47.82
N LYS C 202 -30.30 -25.55 -47.62
CA LYS C 202 -30.23 -26.76 -48.42
C LYS C 202 -31.62 -27.11 -48.96
N GLN C 203 -32.25 -26.10 -49.58
CA GLN C 203 -33.59 -26.15 -50.20
C GLN C 203 -34.60 -26.95 -49.37
N ASN C 204 -34.83 -26.48 -48.14
CA ASN C 204 -35.82 -27.04 -47.22
C ASN C 204 -35.55 -28.51 -46.91
N ARG C 205 -34.28 -28.84 -46.72
CA ARG C 205 -33.94 -30.16 -46.21
C ARG C 205 -34.12 -30.19 -44.71
N PRO C 206 -34.85 -31.16 -44.16
CA PRO C 206 -34.97 -31.26 -42.70
C PRO C 206 -33.61 -31.44 -42.04
N ARG C 207 -33.49 -30.86 -40.85
CA ARG C 207 -32.26 -30.91 -40.09
C ARG C 207 -31.94 -32.33 -39.62
N SER C 208 -30.65 -32.62 -39.48
CA SER C 208 -30.17 -33.90 -38.98
C SER C 208 -29.18 -33.64 -37.85
N SER C 209 -29.03 -34.61 -36.96
CA SER C 209 -28.15 -34.43 -35.82
C SER C 209 -27.71 -35.78 -35.28
N THR C 210 -26.59 -35.77 -34.55
CA THR C 210 -26.09 -36.95 -33.86
C THR C 210 -25.94 -36.63 -32.38
N VAL C 211 -26.32 -37.58 -31.53
CA VAL C 211 -26.27 -37.42 -30.08
C VAL C 211 -25.13 -38.29 -29.55
N MET C 212 -24.23 -37.69 -28.78
CA MET C 212 -22.94 -38.28 -28.50
C MET C 212 -22.90 -38.69 -27.03
N TYR C 213 -22.41 -39.89 -26.74
CA TYR C 213 -22.46 -40.43 -25.38
C TYR C 213 -21.05 -40.75 -24.91
N ILE C 214 -20.63 -40.13 -23.81
CA ILE C 214 -19.34 -40.38 -23.17
C ILE C 214 -19.59 -40.36 -21.67
N CYS C 215 -19.03 -41.31 -20.92
CA CYS C 215 -19.42 -41.37 -19.51
C CYS C 215 -18.61 -40.31 -18.75
N HIS C 216 -19.09 -39.96 -17.56
CA HIS C 216 -18.29 -39.22 -16.60
C HIS C 216 -18.88 -39.59 -15.25
N PRO C 217 -18.09 -40.17 -14.33
CA PRO C 217 -18.66 -40.85 -13.16
C PRO C 217 -19.51 -39.97 -12.24
N GLU C 218 -19.32 -38.66 -12.28
CA GLU C 218 -20.12 -37.73 -11.49
C GLU C 218 -20.84 -36.79 -12.44
N SER C 219 -22.03 -37.20 -12.89
CA SER C 219 -22.72 -36.47 -13.96
C SER C 219 -24.18 -36.30 -13.61
N LYS C 220 -24.82 -35.36 -14.32
CA LYS C 220 -26.25 -35.09 -14.17
C LYS C 220 -26.90 -34.94 -15.55
N HIS C 221 -26.46 -35.78 -16.49
CA HIS C 221 -26.97 -35.80 -17.87
C HIS C 221 -26.85 -34.44 -18.55
N GLU C 222 -25.68 -33.81 -18.44
CA GLU C 222 -25.51 -32.45 -18.94
C GLU C 222 -24.83 -32.50 -20.32
N ILE C 223 -24.60 -31.33 -20.91
CA ILE C 223 -23.98 -31.20 -22.23
C ILE C 223 -22.62 -30.52 -22.05
N LEU C 224 -21.57 -31.18 -22.54
CA LEU C 224 -20.22 -30.61 -22.43
C LEU C 224 -20.00 -29.55 -23.51
N SER C 225 -20.34 -29.86 -24.76
CA SER C 225 -20.13 -28.94 -25.86
C SER C 225 -21.12 -29.25 -26.97
N VAL C 226 -21.35 -28.26 -27.82
CA VAL C 226 -22.23 -28.40 -28.98
C VAL C 226 -21.50 -27.93 -30.23
N ALA C 227 -21.62 -28.72 -31.30
CA ALA C 227 -20.84 -28.49 -32.51
C ALA C 227 -21.76 -28.59 -33.71
N GLU C 228 -21.42 -27.83 -34.75
CA GLU C 228 -22.14 -27.88 -36.03
C GLU C 228 -21.10 -28.23 -37.10
N VAL C 229 -21.09 -29.49 -37.55
CA VAL C 229 -20.12 -29.89 -38.56
C VAL C 229 -20.41 -29.21 -39.89
N THR C 230 -21.67 -29.27 -40.35
CA THR C 230 -22.11 -28.56 -41.54
C THR C 230 -23.26 -27.62 -41.16
N THR C 231 -23.82 -26.94 -42.16
CA THR C 231 -25.00 -26.12 -41.94
C THR C 231 -26.24 -26.99 -41.77
N CYS C 232 -27.01 -26.68 -40.72
CA CYS C 232 -28.28 -27.35 -40.38
C CYS C 232 -28.08 -28.84 -40.12
N GLU C 233 -26.84 -29.25 -39.83
CA GLU C 233 -26.50 -30.55 -39.28
C GLU C 233 -25.66 -30.35 -38.03
N TYR C 234 -26.11 -30.91 -36.91
CA TYR C 234 -25.58 -30.55 -35.60
C TYR C 234 -24.98 -31.78 -34.92
N GLU C 235 -24.28 -31.52 -33.81
CA GLU C 235 -23.64 -32.54 -33.00
C GLU C 235 -23.73 -32.12 -31.54
N VAL C 236 -24.29 -32.99 -30.69
CA VAL C 236 -24.42 -32.72 -29.28
C VAL C 236 -23.93 -33.92 -28.48
N VAL C 237 -23.33 -33.63 -27.32
CA VAL C 237 -22.68 -34.63 -26.49
C VAL C 237 -23.42 -34.75 -25.17
N ILE C 238 -23.28 -35.91 -24.52
CA ILE C 238 -23.96 -36.20 -23.26
C ILE C 238 -22.99 -36.80 -22.24
N LEU C 239 -22.91 -36.19 -21.06
CA LEU C 239 -22.08 -36.75 -19.99
C LEU C 239 -22.99 -37.46 -19.00
N THR C 240 -23.02 -38.79 -19.07
CA THR C 240 -23.90 -39.57 -18.22
C THR C 240 -23.09 -40.50 -17.34
N PRO C 241 -23.55 -40.83 -16.13
CA PRO C 241 -22.72 -41.64 -15.22
C PRO C 241 -22.99 -43.14 -15.32
N LEU C 242 -23.61 -43.57 -16.43
CA LEU C 242 -24.14 -44.93 -16.42
C LEU C 242 -23.51 -45.87 -17.46
N LEU C 243 -23.25 -45.38 -18.67
CA LEU C 243 -23.01 -46.33 -19.76
C LEU C 243 -21.61 -46.93 -19.78
N CYS C 244 -20.69 -46.51 -18.90
CA CYS C 244 -19.42 -47.25 -18.85
C CYS C 244 -19.37 -48.19 -17.66
N SER C 245 -20.49 -48.82 -17.34
CA SER C 245 -20.49 -50.19 -16.86
C SER C 245 -20.18 -51.10 -18.05
N HIS C 246 -20.43 -50.59 -19.26
CA HIS C 246 -20.12 -51.33 -20.49
C HIS C 246 -18.61 -51.48 -20.62
N PRO C 247 -18.11 -52.60 -21.17
CA PRO C 247 -16.66 -52.85 -21.14
C PRO C 247 -15.78 -51.82 -21.83
N LYS C 248 -16.22 -51.21 -22.93
CA LYS C 248 -15.30 -50.42 -23.75
C LYS C 248 -15.44 -48.91 -23.64
N TYR C 249 -16.57 -48.36 -23.19
CA TYR C 249 -16.68 -46.90 -23.16
C TYR C 249 -16.25 -46.29 -21.83
N ARG C 250 -15.22 -46.86 -21.22
CA ARG C 250 -14.68 -46.33 -19.97
C ARG C 250 -13.46 -45.47 -20.26
N PHE C 251 -13.23 -44.48 -19.40
CA PHE C 251 -12.06 -43.63 -19.52
C PHE C 251 -10.79 -44.45 -19.38
N ARG C 252 -9.95 -44.39 -20.42
CA ARG C 252 -8.73 -45.18 -20.49
C ARG C 252 -7.64 -44.53 -19.63
N ALA C 253 -7.71 -44.82 -18.33
CA ALA C 253 -6.66 -44.39 -17.44
C ALA C 253 -5.39 -45.20 -17.69
N SER C 254 -4.28 -44.50 -17.90
CA SER C 254 -3.01 -45.18 -18.05
C SER C 254 -2.63 -45.85 -16.74
N PRO C 255 -2.03 -47.05 -16.78
CA PRO C 255 -1.66 -47.72 -15.54
C PRO C 255 -0.60 -46.93 -14.79
N VAL C 256 -0.68 -47.00 -13.46
CA VAL C 256 0.22 -46.25 -12.60
C VAL C 256 1.49 -47.06 -12.44
N ASN C 257 2.59 -46.60 -13.02
CA ASN C 257 3.86 -47.29 -12.89
C ASN C 257 4.42 -46.98 -11.52
N ASP C 258 4.41 -47.96 -10.62
CA ASP C 258 4.78 -47.72 -9.23
C ASP C 258 6.30 -47.65 -9.12
N ILE C 259 6.79 -46.78 -8.25
CA ILE C 259 8.21 -46.66 -7.94
C ILE C 259 8.36 -47.09 -6.48
N PHE C 260 9.19 -48.10 -6.25
CA PHE C 260 9.49 -48.55 -4.90
C PHE C 260 10.87 -48.09 -4.46
N CYS C 261 10.99 -47.72 -3.18
CA CYS C 261 12.25 -47.32 -2.59
C CYS C 261 12.55 -48.27 -1.43
N GLN C 262 13.44 -49.23 -1.69
CA GLN C 262 13.88 -50.16 -0.66
C GLN C 262 14.68 -49.43 0.41
N SER C 263 14.56 -49.89 1.65
CA SER C 263 15.26 -49.31 2.77
C SER C 263 16.43 -50.21 3.13
N LEU C 264 17.64 -49.67 3.05
CA LEU C 264 18.83 -50.43 3.37
C LEU C 264 18.92 -50.65 4.89
N PRO C 265 19.63 -51.69 5.33
CA PRO C 265 19.79 -51.90 6.78
C PRO C 265 20.49 -50.73 7.45
N GLY C 266 20.08 -50.49 8.70
CA GLY C 266 20.49 -49.30 9.43
C GLY C 266 19.63 -48.08 9.17
N SER C 267 18.61 -48.19 8.33
CA SER C 267 17.70 -47.10 8.02
C SER C 267 16.26 -47.57 8.18
N PRO C 268 15.36 -46.68 8.60
CA PRO C 268 13.96 -47.06 8.72
C PRO C 268 13.30 -47.18 7.37
N PHE C 269 12.11 -47.82 7.38
CA PHE C 269 11.37 -48.04 6.13
C PHE C 269 10.63 -46.79 5.67
N LYS C 270 10.56 -45.75 6.50
CA LYS C 270 9.90 -44.50 6.16
C LYS C 270 10.83 -43.36 6.58
N PRO C 271 11.11 -42.40 5.70
CA PRO C 271 11.99 -41.29 6.08
C PRO C 271 11.35 -40.40 7.13
N LEU C 272 12.20 -39.80 7.97
CA LEU C 272 11.72 -39.12 9.17
C LEU C 272 10.91 -37.87 8.84
N THR C 273 11.38 -37.09 7.87
CA THR C 273 10.63 -35.89 7.48
C THR C 273 9.32 -36.24 6.82
N LEU C 274 9.23 -37.37 6.13
CA LEU C 274 7.96 -37.78 5.57
C LEU C 274 7.05 -38.30 6.68
N ARG C 275 7.65 -38.85 7.73
CA ARG C 275 6.88 -39.45 8.81
C ARG C 275 6.01 -38.42 9.52
N GLN C 276 6.57 -37.24 9.83
CA GLN C 276 5.74 -36.21 10.46
C GLN C 276 4.96 -35.38 9.45
N LEU C 277 5.33 -35.43 8.18
CA LEU C 277 4.48 -34.79 7.19
C LEU C 277 3.16 -35.54 6.99
N GLU C 278 3.14 -36.85 7.26
CA GLU C 278 1.89 -37.60 7.15
C GLU C 278 0.88 -37.30 8.25
N GLN C 279 1.33 -36.86 9.45
CA GLN C 279 0.34 -36.62 10.49
C GLN C 279 -0.21 -35.20 10.43
N GLN C 280 0.57 -34.27 9.88
CA GLN C 280 0.18 -32.87 9.91
C GLN C 280 -1.08 -32.61 9.07
N GLU C 281 -1.07 -33.04 7.81
CA GLU C 281 -2.25 -32.82 6.97
C GLU C 281 -3.44 -33.75 7.29
N GLU C 282 -3.20 -34.92 7.89
CA GLU C 282 -4.35 -35.71 8.34
C GLU C 282 -5.07 -35.03 9.50
N ILE C 283 -4.31 -34.40 10.40
CA ILE C 283 -4.92 -33.57 11.44
C ILE C 283 -5.51 -32.31 10.82
N LEU C 284 -4.79 -31.70 9.87
CA LEU C 284 -5.30 -30.50 9.21
C LEU C 284 -6.42 -30.79 8.22
N ARG C 285 -6.69 -32.05 7.93
CA ARG C 285 -7.78 -32.41 7.02
C ARG C 285 -9.14 -32.10 7.63
N GLN D 179 -53.26 4.02 10.47
CA GLN D 179 -52.59 5.24 10.93
C GLN D 179 -51.07 5.07 10.87
N MET D 180 -50.62 3.81 10.84
CA MET D 180 -49.20 3.52 10.74
C MET D 180 -48.63 3.90 9.38
N GLN D 181 -49.48 4.00 8.37
CA GLN D 181 -49.04 4.34 7.01
C GLN D 181 -48.46 5.74 6.94
N GLU D 182 -49.09 6.70 7.63
CA GLU D 182 -48.57 8.06 7.65
C GLU D 182 -47.32 8.21 8.51
N ALA D 183 -47.07 7.26 9.41
CA ALA D 183 -45.89 7.39 10.27
C ALA D 183 -44.61 7.18 9.46
N GLU D 184 -44.57 6.12 8.64
CA GLU D 184 -43.38 5.82 7.87
C GLU D 184 -43.19 6.79 6.72
N MET D 185 -44.30 7.31 6.17
CA MET D 185 -44.22 8.23 5.03
C MET D 185 -43.57 9.54 5.44
N MET D 186 -43.88 10.04 6.64
CA MET D 186 -43.23 11.27 7.11
C MET D 186 -41.76 11.02 7.38
N TYR D 187 -41.42 9.81 7.84
CA TYR D 187 -40.02 9.47 8.09
C TYR D 187 -39.25 9.35 6.79
N GLN D 188 -39.92 8.97 5.70
CA GLN D 188 -39.27 8.86 4.40
C GLN D 188 -38.84 10.23 3.90
N THR D 189 -39.64 11.26 4.16
CA THR D 189 -39.25 12.62 3.78
C THR D 189 -38.01 13.07 4.53
N GLY D 190 -37.93 12.76 5.83
CA GLY D 190 -36.73 13.09 6.59
C GLY D 190 -35.52 12.30 6.13
N MET D 191 -35.72 11.03 5.76
CA MET D 191 -34.63 10.21 5.24
C MET D 191 -34.12 10.75 3.91
N LYS D 192 -35.03 11.22 3.06
CA LYS D 192 -34.64 11.81 1.78
C LYS D 192 -33.91 13.14 1.99
N ILE D 193 -34.41 13.98 2.90
CA ILE D 193 -33.82 15.30 3.10
C ILE D 193 -32.45 15.17 3.77
N LEU D 194 -32.31 14.22 4.71
CA LEU D 194 -31.03 14.03 5.37
C LEU D 194 -29.98 13.47 4.42
N ASN D 195 -30.35 12.48 3.61
CA ASN D 195 -29.41 11.92 2.66
C ASN D 195 -29.16 12.86 1.48
N GLY D 196 -30.17 13.64 1.10
CA GLY D 196 -30.04 14.50 -0.05
C GLY D 196 -29.48 15.89 0.24
N SER D 197 -29.49 16.28 1.52
CA SER D 197 -29.02 17.61 1.91
C SER D 197 -28.25 17.51 3.22
N ASN D 198 -27.09 18.16 3.24
CA ASN D 198 -26.25 18.23 4.44
C ASN D 198 -26.31 19.58 5.11
N LYS D 199 -27.23 20.45 4.71
CA LYS D 199 -27.34 21.78 5.30
C LYS D 199 -27.88 21.68 6.72
N LYS D 200 -27.57 22.71 7.52
CA LYS D 200 -28.00 22.72 8.92
C LYS D 200 -29.51 22.85 9.04
N SER D 201 -30.11 23.76 8.27
CA SER D 201 -31.56 23.94 8.33
C SER D 201 -32.28 22.72 7.76
N GLN D 202 -31.74 22.13 6.70
CA GLN D 202 -32.33 20.91 6.14
C GLN D 202 -32.23 19.75 7.11
N LYS D 203 -31.09 19.63 7.80
CA LYS D 203 -30.95 18.60 8.83
C LYS D 203 -31.91 18.83 9.98
N ARG D 204 -32.10 20.08 10.40
CA ARG D 204 -33.04 20.39 11.47
C ARG D 204 -34.47 20.07 11.05
N GLU D 205 -34.85 20.38 9.80
CA GLU D 205 -36.18 20.05 9.33
C GLU D 205 -36.39 18.55 9.23
N ALA D 206 -35.37 17.81 8.75
CA ALA D 206 -35.47 16.37 8.69
C ALA D 206 -35.56 15.75 10.08
N TYR D 207 -34.85 16.33 11.05
CA TYR D 207 -34.93 15.83 12.42
C TYR D 207 -36.29 16.16 13.04
N ARG D 208 -36.87 17.31 12.72
CA ARG D 208 -38.21 17.63 13.20
C ARG D 208 -39.24 16.67 12.61
N TYR D 209 -39.12 16.35 11.32
CA TYR D 209 -40.01 15.36 10.71
C TYR D 209 -39.80 13.99 11.32
N LEU D 210 -38.56 13.63 11.63
CA LEU D 210 -38.29 12.34 12.28
C LEU D 210 -38.89 12.28 13.68
N GLN D 211 -38.82 13.39 14.43
CA GLN D 211 -39.45 13.42 15.74
C GLN D 211 -40.97 13.37 15.64
N LYS D 212 -41.54 14.02 14.61
CA LYS D 212 -42.97 13.92 14.37
C LYS D 212 -43.39 12.48 14.04
N ALA D 213 -42.56 11.77 13.28
CA ALA D 213 -42.79 10.35 13.06
C ALA D 213 -42.59 9.55 14.34
N ALA D 214 -41.71 10.03 15.21
CA ALA D 214 -41.45 9.36 16.49
C ALA D 214 -42.51 9.66 17.53
N SER D 215 -43.44 10.58 17.23
CA SER D 215 -44.54 10.84 18.14
C SER D 215 -45.42 9.61 18.32
N MET D 216 -45.68 8.87 17.24
CA MET D 216 -46.50 7.66 17.30
C MET D 216 -45.62 6.40 17.35
N ASN D 217 -44.50 6.49 18.08
CA ASN D 217 -43.71 5.32 18.50
C ASN D 217 -43.17 4.53 17.30
N HIS D 218 -42.76 5.24 16.25
CA HIS D 218 -42.13 4.61 15.09
C HIS D 218 -40.67 4.31 15.45
N THR D 219 -40.33 3.02 15.53
CA THR D 219 -39.10 2.62 16.22
C THR D 219 -37.85 3.11 15.50
N LYS D 220 -37.82 3.03 14.16
CA LYS D 220 -36.61 3.38 13.43
C LYS D 220 -36.32 4.87 13.59
N ALA D 221 -37.36 5.69 13.47
CA ALA D 221 -37.21 7.12 13.70
C ALA D 221 -37.01 7.42 15.17
N LEU D 222 -37.54 6.57 16.05
CA LEU D 222 -37.38 6.81 17.48
C LEU D 222 -35.91 6.66 17.87
N GLU D 223 -35.25 5.62 17.37
CA GLU D 223 -33.82 5.45 17.61
C GLU D 223 -32.99 6.49 16.88
N ARG D 224 -33.46 6.94 15.71
CA ARG D 224 -32.71 7.96 14.98
C ARG D 224 -32.78 9.32 15.66
N VAL D 225 -33.94 9.67 16.23
CA VAL D 225 -34.00 10.91 16.99
C VAL D 225 -33.39 10.75 18.38
N SER D 226 -33.30 9.52 18.89
CA SER D 226 -32.65 9.30 20.17
C SER D 226 -31.14 9.45 20.10
N TYR D 227 -30.52 8.88 19.07
CA TYR D 227 -29.07 8.94 18.93
C TYR D 227 -28.59 10.30 18.45
N ALA D 228 -29.46 11.31 18.40
CA ALA D 228 -29.05 12.70 18.23
C ALA D 228 -29.57 13.62 19.32
N LEU D 229 -30.71 13.30 19.95
CA LEU D 229 -31.28 14.19 20.95
C LEU D 229 -30.48 14.15 22.25
N LEU D 230 -30.00 12.98 22.66
CA LEU D 230 -29.13 12.87 23.83
C LEU D 230 -27.72 13.35 23.53
N PHE D 231 -27.24 13.13 22.31
CA PHE D 231 -25.86 13.45 21.97
C PHE D 231 -25.67 14.94 21.75
N GLY D 232 -26.65 15.60 21.17
CA GLY D 232 -26.56 17.00 20.81
C GLY D 232 -26.21 17.19 19.34
N ASP D 233 -25.85 18.45 19.03
CA ASP D 233 -25.41 18.95 17.73
C ASP D 233 -26.37 18.67 16.58
N TYR D 234 -27.54 18.14 16.87
CA TYR D 234 -28.66 18.03 15.95
C TYR D 234 -29.95 18.54 16.56
N LEU D 235 -30.18 18.26 17.84
CA LEU D 235 -31.34 18.68 18.61
C LEU D 235 -30.86 19.25 19.93
N PRO D 236 -31.67 20.08 20.57
CA PRO D 236 -31.39 20.44 21.97
C PRO D 236 -31.32 19.19 22.85
N GLN D 237 -30.40 19.22 23.82
CA GLN D 237 -30.13 18.05 24.62
C GLN D 237 -31.15 17.88 25.72
N ASN D 238 -31.75 16.68 25.81
CA ASN D 238 -32.74 16.36 26.83
C ASN D 238 -32.44 14.95 27.33
N ILE D 239 -31.70 14.85 28.44
CA ILE D 239 -31.27 13.55 28.92
C ILE D 239 -32.43 12.76 29.49
N GLN D 240 -33.31 13.44 30.24
CA GLN D 240 -34.43 12.75 30.89
C GLN D 240 -35.47 12.24 29.90
N ALA D 241 -35.78 13.01 28.85
CA ALA D 241 -36.68 12.50 27.82
C ALA D 241 -36.06 11.33 27.06
N ALA D 242 -34.75 11.41 26.82
CA ALA D 242 -34.05 10.29 26.19
C ALA D 242 -34.15 9.02 27.02
N ARG D 243 -33.95 9.13 28.34
CA ARG D 243 -34.07 7.96 29.21
C ARG D 243 -35.50 7.45 29.28
N GLU D 244 -36.48 8.37 29.35
CA GLU D 244 -37.87 7.97 29.53
C GLU D 244 -38.42 7.30 28.28
N MET D 245 -37.87 7.60 27.11
CA MET D 245 -38.27 6.90 25.90
C MET D 245 -37.34 5.72 25.59
N PHE D 246 -36.13 5.73 26.16
CA PHE D 246 -35.30 4.53 26.13
C PHE D 246 -35.95 3.38 26.89
N GLU D 247 -36.76 3.70 27.92
CA GLU D 247 -37.48 2.62 28.61
C GLU D 247 -38.45 1.88 27.68
N LYS D 248 -39.22 2.61 26.87
CA LYS D 248 -40.10 1.91 25.93
C LYS D 248 -39.30 1.28 24.79
N LEU D 249 -38.18 1.90 24.42
CA LEU D 249 -37.36 1.36 23.34
C LEU D 249 -36.74 0.02 23.73
N THR D 250 -36.32 -0.11 24.99
CA THR D 250 -35.86 -1.38 25.50
C THR D 250 -37.00 -2.30 25.92
N GLU D 251 -38.20 -1.76 26.13
CA GLU D 251 -39.36 -2.61 26.36
C GLU D 251 -39.71 -3.40 25.10
N GLU D 252 -39.61 -2.75 23.92
CA GLU D 252 -39.87 -3.48 22.68
C GLU D 252 -38.75 -4.47 22.36
N GLY D 253 -37.51 -4.10 22.64
CA GLY D 253 -36.40 -4.98 22.34
C GLY D 253 -35.53 -4.46 21.21
N SER D 254 -35.47 -3.14 21.06
CA SER D 254 -34.68 -2.54 20.00
C SER D 254 -33.19 -2.80 20.23
N PRO D 255 -32.44 -3.14 19.17
CA PRO D 255 -31.03 -3.49 19.40
C PRO D 255 -30.14 -2.30 19.73
N LYS D 256 -30.36 -1.15 19.09
CA LYS D 256 -29.73 0.08 19.51
C LYS D 256 -30.46 0.78 20.66
N GLY D 257 -31.52 0.19 21.19
CA GLY D 257 -32.08 0.71 22.42
C GLY D 257 -31.38 0.21 23.67
N GLN D 258 -30.82 -0.99 23.58
CA GLN D 258 -30.09 -1.55 24.72
C GLN D 258 -28.72 -0.89 24.87
N THR D 259 -28.05 -0.61 23.76
CA THR D 259 -26.66 -0.15 23.81
C THR D 259 -26.54 1.20 24.49
N ALA D 260 -27.35 2.17 24.06
CA ALA D 260 -27.22 3.52 24.59
C ALA D 260 -27.74 3.61 26.02
N LEU D 261 -28.76 2.83 26.38
CA LEU D 261 -29.23 2.88 27.76
C LEU D 261 -28.27 2.16 28.69
N GLY D 262 -27.57 1.14 28.19
CA GLY D 262 -26.50 0.56 28.96
C GLY D 262 -25.34 1.51 29.16
N PHE D 263 -25.03 2.30 28.12
CA PHE D 263 -24.04 3.36 28.27
C PHE D 263 -24.49 4.42 29.27
N LEU D 264 -25.79 4.75 29.27
CA LEU D 264 -26.33 5.70 30.22
C LEU D 264 -26.18 5.20 31.65
N TYR D 265 -26.49 3.92 31.89
CA TYR D 265 -26.29 3.36 33.23
C TYR D 265 -24.82 3.21 33.59
N ALA D 266 -23.95 3.01 32.60
CA ALA D 266 -22.53 2.82 32.89
C ALA D 266 -21.88 4.13 33.31
N SER D 267 -21.97 5.15 32.46
CA SER D 267 -21.23 6.38 32.70
C SER D 267 -21.91 7.30 33.71
N GLY D 268 -23.00 6.87 34.34
CA GLY D 268 -23.69 7.68 35.34
C GLY D 268 -24.36 8.92 34.82
N LEU D 269 -25.07 8.82 33.69
CA LEU D 269 -25.61 9.97 32.97
C LEU D 269 -27.07 10.18 33.34
N GLY D 270 -27.32 11.11 34.25
CA GLY D 270 -28.69 11.43 34.62
C GLY D 270 -29.43 10.33 35.34
N VAL D 271 -28.71 9.30 35.82
CA VAL D 271 -29.33 8.14 36.45
C VAL D 271 -28.25 7.50 37.30
N ASN D 272 -28.68 6.87 38.41
CA ASN D 272 -27.75 6.19 39.30
C ASN D 272 -26.96 5.12 38.57
N SER D 273 -25.65 5.11 38.77
CA SER D 273 -24.78 4.21 38.01
C SER D 273 -24.75 2.83 38.65
N SER D 274 -24.69 1.81 37.80
CA SER D 274 -24.56 0.43 38.24
C SER D 274 -23.97 -0.36 37.08
N GLN D 275 -22.82 -0.98 37.32
CA GLN D 275 -22.11 -1.63 36.22
C GLN D 275 -22.76 -2.93 35.80
N ALA D 276 -23.45 -3.63 36.71
CA ALA D 276 -24.08 -4.90 36.33
C ALA D 276 -25.24 -4.69 35.37
N LYS D 277 -26.10 -3.70 35.66
CA LYS D 277 -27.20 -3.39 34.75
C LYS D 277 -26.68 -2.91 33.41
N ALA D 278 -25.61 -2.10 33.42
CA ALA D 278 -24.97 -1.66 32.19
C ALA D 278 -24.44 -2.85 31.41
N LEU D 279 -23.89 -3.84 32.10
CA LEU D 279 -23.35 -5.01 31.43
C LEU D 279 -24.47 -5.82 30.78
N VAL D 280 -25.58 -6.03 31.49
CA VAL D 280 -26.66 -6.82 30.90
C VAL D 280 -27.30 -6.07 29.72
N TYR D 281 -27.43 -4.75 29.83
CA TYR D 281 -28.01 -4.01 28.72
C TYR D 281 -27.08 -4.02 27.52
N TYR D 282 -25.78 -3.93 27.78
CA TYR D 282 -24.78 -4.00 26.72
C TYR D 282 -24.76 -5.38 26.06
N THR D 283 -24.88 -6.44 26.86
CA THR D 283 -24.87 -7.79 26.28
C THR D 283 -26.13 -8.05 25.49
N PHE D 284 -27.27 -7.51 25.92
CA PHE D 284 -28.48 -7.70 25.13
C PHE D 284 -28.48 -6.86 23.88
N GLY D 285 -27.82 -5.70 23.90
CA GLY D 285 -27.63 -4.95 22.66
C GLY D 285 -26.70 -5.66 21.70
N ALA D 286 -25.66 -6.31 22.24
CA ALA D 286 -24.80 -7.15 21.44
C ALA D 286 -25.53 -8.38 20.92
N LEU D 287 -26.55 -8.84 21.64
CA LEU D 287 -27.43 -9.89 21.14
C LEU D 287 -28.51 -9.37 20.21
N GLY D 288 -28.71 -8.07 20.13
CA GLY D 288 -29.59 -7.51 19.14
C GLY D 288 -28.99 -7.35 17.77
N GLY D 289 -27.72 -7.73 17.61
CA GLY D 289 -27.02 -7.52 16.37
C GLY D 289 -26.36 -6.17 16.23
N ASN D 290 -26.31 -5.38 17.30
CA ASN D 290 -25.64 -4.09 17.23
C ASN D 290 -24.14 -4.30 17.20
N LEU D 291 -23.40 -3.25 16.83
CA LEU D 291 -21.96 -3.35 16.71
C LEU D 291 -21.21 -2.47 17.71
N ILE D 292 -21.80 -1.36 18.14
CA ILE D 292 -21.19 -0.57 19.21
C ILE D 292 -21.21 -1.34 20.52
N ALA D 293 -22.26 -2.12 20.76
CA ALA D 293 -22.30 -3.00 21.93
C ALA D 293 -21.22 -4.07 21.84
N HIS D 294 -21.00 -4.63 20.66
CA HIS D 294 -19.94 -5.62 20.48
C HIS D 294 -18.57 -5.00 20.71
N MET D 295 -18.36 -3.78 20.22
CA MET D 295 -17.14 -3.04 20.47
C MET D 295 -16.91 -2.86 21.97
N VAL D 296 -17.95 -2.41 22.67
CA VAL D 296 -17.83 -2.11 24.08
C VAL D 296 -17.60 -3.38 24.89
N LEU D 297 -18.18 -4.49 24.45
CA LEU D 297 -17.96 -5.74 25.16
C LEU D 297 -16.57 -6.30 24.89
N GLY D 298 -16.06 -6.12 23.68
CA GLY D 298 -14.71 -6.54 23.41
C GLY D 298 -13.69 -5.75 24.20
N TYR D 299 -13.85 -4.43 24.26
CA TYR D 299 -12.91 -3.65 25.05
C TYR D 299 -13.04 -3.91 26.55
N ARG D 300 -14.26 -3.91 27.09
CA ARG D 300 -14.40 -4.19 28.52
C ARG D 300 -13.98 -5.61 28.86
N TYR D 301 -13.98 -6.53 27.91
CA TYR D 301 -13.35 -7.81 28.18
C TYR D 301 -11.83 -7.69 28.11
N TRP D 302 -11.34 -6.83 27.22
CA TRP D 302 -9.91 -6.73 26.97
C TRP D 302 -9.18 -6.10 28.15
N ALA D 303 -9.53 -4.86 28.49
CA ALA D 303 -8.88 -4.19 29.60
C ALA D 303 -9.65 -4.35 30.91
N GLY D 304 -10.09 -5.57 31.20
CA GLY D 304 -10.59 -5.97 32.51
C GLY D 304 -11.60 -5.11 33.24
N ILE D 305 -12.43 -4.37 32.51
CA ILE D 305 -13.34 -3.39 33.12
C ILE D 305 -14.70 -4.04 33.35
N GLY D 306 -15.06 -4.23 34.61
CA GLY D 306 -16.33 -4.80 35.00
C GLY D 306 -16.47 -6.29 34.80
N VAL D 307 -15.42 -6.94 34.31
CA VAL D 307 -15.40 -8.38 34.05
C VAL D 307 -13.94 -8.80 34.15
N LEU D 308 -13.70 -10.10 34.27
CA LEU D 308 -12.33 -10.61 34.23
C LEU D 308 -11.69 -10.37 32.87
N GLN D 309 -10.40 -10.05 32.90
CA GLN D 309 -9.63 -10.01 31.69
C GLN D 309 -9.63 -11.39 31.05
N SER D 310 -9.91 -11.44 29.75
CA SER D 310 -10.06 -12.72 29.08
C SER D 310 -9.60 -12.55 27.63
N CYS D 311 -9.11 -13.65 27.05
CA CYS D 311 -8.74 -13.67 25.64
C CYS D 311 -9.96 -13.83 24.74
N GLU D 312 -10.69 -14.92 24.95
CA GLU D 312 -11.58 -15.47 23.92
C GLU D 312 -12.75 -14.56 23.62
N SER D 313 -13.43 -14.06 24.64
CA SER D 313 -14.61 -13.26 24.35
C SER D 313 -14.28 -11.86 23.89
N ALA D 314 -13.17 -11.27 24.35
CA ALA D 314 -12.71 -10.03 23.73
C ALA D 314 -12.36 -10.22 22.26
N LEU D 315 -11.72 -11.36 21.94
CA LEU D 315 -11.35 -11.66 20.55
C LEU D 315 -12.56 -11.85 19.66
N THR D 316 -13.58 -12.60 20.12
CA THR D 316 -14.72 -12.82 19.24
C THR D 316 -15.61 -11.58 19.12
N HIS D 317 -15.67 -10.75 20.16
CA HIS D 317 -16.40 -9.50 20.05
C HIS D 317 -15.70 -8.53 19.11
N TYR D 318 -14.36 -8.49 19.13
CA TYR D 318 -13.67 -7.63 18.18
C TYR D 318 -13.70 -8.20 16.77
N ARG D 319 -13.73 -9.52 16.62
CA ARG D 319 -13.88 -10.12 15.29
C ARG D 319 -15.23 -9.78 14.67
N LEU D 320 -16.30 -9.85 15.45
CA LEU D 320 -17.63 -9.60 14.92
C LEU D 320 -17.80 -8.15 14.46
N VAL D 321 -16.92 -7.25 14.89
CA VAL D 321 -16.94 -5.87 14.38
C VAL D 321 -15.93 -5.70 13.25
N ALA D 322 -14.75 -6.30 13.37
CA ALA D 322 -13.73 -6.09 12.36
C ALA D 322 -14.10 -6.72 11.03
N ASN D 323 -14.85 -7.84 11.04
CA ASN D 323 -15.34 -8.39 9.78
C ASN D 323 -16.26 -7.42 9.07
N HIS D 324 -17.19 -6.80 9.81
CA HIS D 324 -18.12 -5.84 9.20
C HIS D 324 -17.39 -4.60 8.74
N VAL D 325 -16.43 -4.12 9.54
CA VAL D 325 -15.67 -2.93 9.16
C VAL D 325 -14.80 -3.21 7.93
N ALA D 326 -14.24 -4.41 7.83
CA ALA D 326 -13.48 -4.81 6.65
C ALA D 326 -14.37 -4.90 5.41
N SER D 327 -15.56 -5.48 5.55
CA SER D 327 -16.47 -5.54 4.42
C SER D 327 -16.91 -4.16 3.98
N ASP D 328 -17.08 -3.23 4.92
CA ASP D 328 -17.47 -1.88 4.56
C ASP D 328 -16.31 -1.15 3.86
N ILE D 329 -15.09 -1.27 4.36
CA ILE D 329 -13.99 -0.51 3.76
C ILE D 329 -13.54 -1.13 2.44
N SER D 330 -13.87 -2.40 2.20
CA SER D 330 -13.60 -2.99 0.89
C SER D 330 -14.47 -2.42 -0.21
N LEU D 331 -15.66 -1.91 0.11
CA LEU D 331 -16.55 -1.34 -0.89
C LEU D 331 -16.50 0.19 -0.88
N THR D 332 -16.83 0.80 0.26
CA THR D 332 -17.05 2.24 0.33
C THR D 332 -15.75 3.04 0.33
N GLY D 333 -14.60 2.39 0.50
CA GLY D 333 -13.32 3.07 0.47
C GLY D 333 -12.77 3.49 1.82
N GLY D 334 -13.52 3.35 2.91
CA GLY D 334 -12.95 3.59 4.23
C GLY D 334 -12.63 5.03 4.56
N SER D 335 -13.68 5.83 4.83
CA SER D 335 -13.53 7.26 5.09
C SER D 335 -12.48 7.56 6.15
N VAL D 336 -11.55 8.45 5.79
CA VAL D 336 -10.46 8.85 6.68
C VAL D 336 -10.95 9.92 7.65
N VAL D 337 -10.66 9.74 8.93
CA VAL D 337 -10.97 10.70 9.97
C VAL D 337 -9.70 11.03 10.74
N GLN D 338 -9.42 12.32 10.90
CA GLN D 338 -8.23 12.76 11.61
C GLN D 338 -8.45 12.64 13.12
N ARG D 339 -7.60 11.86 13.78
CA ARG D 339 -7.58 11.81 15.24
C ARG D 339 -6.93 13.07 15.77
N ILE D 340 -7.70 13.89 16.48
CA ILE D 340 -7.17 15.08 17.13
C ILE D 340 -7.28 14.90 18.63
N ARG D 341 -6.18 15.16 19.33
CA ARG D 341 -6.17 15.15 20.78
C ARG D 341 -6.48 16.56 21.27
N LEU D 342 -7.31 16.66 22.29
CA LEU D 342 -7.66 17.98 22.80
C LEU D 342 -6.52 18.63 23.60
N PRO D 343 -5.70 17.88 24.39
CA PRO D 343 -4.51 18.53 24.98
C PRO D 343 -3.36 18.72 24.00
N ASP D 344 -3.62 18.53 22.71
CA ASP D 344 -2.64 18.83 21.68
C ASP D 344 -2.86 20.22 21.11
N GLY D 454 6.63 -11.92 22.50
CA GLY D 454 5.50 -11.53 21.65
C GLY D 454 5.93 -10.81 20.39
N MET D 455 4.94 -10.29 19.66
CA MET D 455 5.17 -9.56 18.42
C MET D 455 4.47 -8.20 18.48
N ALA D 456 4.69 -7.49 19.59
CA ALA D 456 4.02 -6.23 19.85
C ALA D 456 4.84 -5.01 19.42
N TYR D 457 6.01 -5.21 18.81
CA TYR D 457 6.83 -4.09 18.38
C TYR D 457 6.14 -3.32 17.25
N LEU D 458 5.69 -4.02 16.21
CA LEU D 458 4.93 -3.40 15.14
C LEU D 458 3.78 -4.27 14.67
N TYR D 459 3.50 -5.39 15.36
CA TYR D 459 2.45 -6.35 14.99
C TYR D 459 2.66 -6.85 13.56
N GLY D 460 3.84 -7.43 13.35
CA GLY D 460 4.33 -7.71 12.01
C GLY D 460 4.90 -6.46 11.37
N ARG D 461 5.39 -6.62 10.15
CA ARG D 461 6.04 -5.54 9.43
C ARG D 461 5.63 -5.56 7.98
N GLY D 462 6.38 -4.90 7.11
CA GLY D 462 6.21 -5.14 5.70
C GLY D 462 5.17 -4.28 5.02
N VAL D 463 3.95 -4.80 4.90
CA VAL D 463 2.93 -4.17 4.08
C VAL D 463 2.49 -2.82 4.67
N GLN D 464 2.28 -2.76 6.00
CA GLN D 464 1.93 -1.48 6.61
C GLN D 464 3.08 -0.48 6.51
N VAL D 465 4.32 -0.96 6.62
CA VAL D 465 5.48 -0.09 6.50
C VAL D 465 5.54 0.50 5.09
N ASN D 466 5.36 -0.35 4.08
CA ASN D 466 5.40 0.11 2.70
C ASN D 466 4.26 1.07 2.40
N TYR D 467 3.09 0.83 2.99
CA TYR D 467 2.00 1.80 2.88
C TYR D 467 2.42 3.14 3.49
N ASP D 468 3.12 3.09 4.62
CA ASP D 468 3.58 4.33 5.26
C ASP D 468 4.58 5.09 4.38
N LEU D 469 5.56 4.39 3.78
CA LEU D 469 6.49 5.16 2.95
C LEU D 469 5.85 5.61 1.64
N ALA D 470 4.87 4.87 1.12
CA ALA D 470 4.13 5.37 -0.04
C ALA D 470 3.37 6.63 0.31
N LEU D 471 2.73 6.64 1.49
CA LEU D 471 2.04 7.82 1.99
C LEU D 471 2.99 9.00 2.14
N LYS D 472 4.15 8.77 2.74
CA LYS D 472 5.06 9.88 3.04
C LYS D 472 5.74 10.37 1.76
N TYR D 473 5.98 9.51 0.78
CA TYR D 473 6.57 10.00 -0.47
C TYR D 473 5.53 10.73 -1.31
N PHE D 474 4.26 10.34 -1.23
CA PHE D 474 3.24 11.15 -1.88
C PHE D 474 3.07 12.48 -1.15
N GLN D 475 3.22 12.49 0.17
CA GLN D 475 3.20 13.72 0.96
C GLN D 475 4.33 14.67 0.58
N LYS D 476 5.55 14.12 0.40
CA LYS D 476 6.67 14.92 -0.06
C LYS D 476 6.51 15.35 -1.50
N ALA D 477 5.73 14.60 -2.29
CA ALA D 477 5.50 14.94 -3.70
C ALA D 477 4.60 16.16 -3.82
N ALA D 478 3.53 16.23 -3.04
CA ALA D 478 2.56 17.31 -3.16
C ALA D 478 3.09 18.63 -2.61
N GLU D 479 3.84 18.59 -1.52
CA GLU D 479 4.33 19.82 -0.87
C GLU D 479 5.33 20.56 -1.75
N GLN D 480 6.22 19.85 -2.45
CA GLN D 480 7.17 20.53 -3.33
C GLN D 480 6.49 21.09 -4.56
N GLY D 481 5.39 20.48 -4.99
CA GLY D 481 4.64 20.94 -6.14
C GLY D 481 3.98 22.29 -5.94
N TRP D 482 3.54 22.62 -4.72
CA TRP D 482 2.91 23.93 -4.51
C TRP D 482 3.95 25.04 -4.64
N VAL D 483 5.23 24.71 -4.42
CA VAL D 483 6.30 25.70 -4.34
C VAL D 483 6.45 26.45 -5.65
N ASP D 484 6.13 27.74 -5.62
CA ASP D 484 6.25 28.61 -6.78
C ASP D 484 7.13 29.82 -6.46
N GLY D 485 8.10 29.63 -5.56
CA GLY D 485 9.04 30.70 -5.27
C GLY D 485 9.99 31.01 -6.42
N GLN D 486 10.15 30.08 -7.35
CA GLN D 486 10.91 30.30 -8.58
C GLN D 486 9.99 30.59 -9.76
N LEU D 487 8.90 31.31 -9.50
CA LEU D 487 7.92 31.59 -10.56
C LEU D 487 8.50 32.51 -11.62
N GLN D 488 8.89 33.73 -11.21
CA GLN D 488 9.50 34.74 -12.09
C GLN D 488 8.59 35.05 -13.28
N LEU D 489 7.42 35.62 -12.95
CA LEU D 489 6.38 35.98 -13.92
C LEU D 489 5.91 34.76 -14.70
N GLY D 490 5.30 33.83 -13.99
CA GLY D 490 4.80 32.60 -14.57
C GLY D 490 4.62 31.55 -13.49
N SER D 491 4.61 30.29 -13.94
CA SER D 491 4.56 29.10 -13.07
C SER D 491 3.30 29.04 -12.22
N MET D 492 3.13 29.98 -11.28
CA MET D 492 1.96 29.97 -10.41
C MET D 492 0.72 30.51 -11.09
N TYR D 493 0.86 31.09 -12.29
CA TYR D 493 -0.22 31.59 -13.13
C TYR D 493 -1.08 32.66 -12.46
N TYR D 494 -0.48 33.54 -11.65
CA TYR D 494 -1.14 34.71 -11.07
C TYR D 494 -2.40 34.37 -10.28
N ASN D 495 -2.23 33.68 -9.15
CA ASN D 495 -3.33 33.22 -8.30
C ASN D 495 -4.26 32.29 -9.05
N GLY D 496 -3.69 31.30 -9.72
CA GLY D 496 -4.46 30.21 -10.30
C GLY D 496 -4.62 29.07 -9.32
N ILE D 497 -5.52 29.21 -8.35
CA ILE D 497 -5.68 28.27 -7.23
C ILE D 497 -6.13 26.91 -7.76
N GLY D 498 -6.61 26.87 -9.00
CA GLY D 498 -7.20 25.65 -9.55
C GLY D 498 -6.23 24.51 -9.76
N VAL D 499 -4.96 24.71 -9.38
CA VAL D 499 -4.01 23.61 -9.34
C VAL D 499 -3.91 23.02 -7.93
N LYS D 500 -3.71 23.88 -6.92
CA LYS D 500 -3.45 23.36 -5.58
C LYS D 500 -4.70 22.78 -4.93
N ARG D 501 -5.90 23.21 -5.39
CA ARG D 501 -7.12 22.66 -4.80
C ARG D 501 -7.22 21.16 -5.05
N ASP D 502 -7.09 20.76 -6.32
CA ASP D 502 -7.16 19.34 -6.63
C ASP D 502 -5.85 18.64 -6.31
N TYR D 503 -4.77 19.39 -6.13
CA TYR D 503 -3.63 18.80 -5.42
C TYR D 503 -4.03 18.28 -4.04
N LYS D 504 -4.54 19.15 -3.15
CA LYS D 504 -4.91 18.63 -1.83
C LYS D 504 -6.06 17.63 -1.86
N GLN D 505 -6.94 17.66 -2.87
CA GLN D 505 -8.01 16.65 -2.89
C GLN D 505 -7.47 15.32 -3.38
N ALA D 506 -6.53 15.35 -4.33
CA ALA D 506 -5.82 14.12 -4.70
C ALA D 506 -5.03 13.59 -3.51
N LEU D 507 -4.45 14.48 -2.72
CA LEU D 507 -3.76 14.07 -1.51
C LEU D 507 -4.70 13.39 -0.52
N LYS D 508 -5.89 13.96 -0.32
CA LYS D 508 -6.89 13.38 0.57
C LYS D 508 -7.34 12.02 0.06
N TYR D 509 -7.55 11.90 -1.25
CA TYR D 509 -7.97 10.63 -1.83
C TYR D 509 -6.86 9.58 -1.77
N PHE D 510 -5.60 9.99 -1.92
CA PHE D 510 -4.49 9.08 -1.72
C PHE D 510 -4.43 8.63 -0.26
N ASN D 511 -4.72 9.54 0.66
CA ASN D 511 -4.77 9.18 2.07
C ASN D 511 -5.89 8.19 2.32
N LEU D 512 -7.02 8.36 1.64
CA LEU D 512 -8.12 7.39 1.71
C LEU D 512 -7.63 6.01 1.29
N ALA D 513 -6.98 5.93 0.13
CA ALA D 513 -6.51 4.64 -0.38
C ALA D 513 -5.45 4.03 0.53
N SER D 514 -4.51 4.84 1.05
CA SER D 514 -3.43 4.28 1.84
C SER D 514 -3.91 3.79 3.21
N GLN D 515 -4.79 4.54 3.88
CA GLN D 515 -5.33 4.04 5.15
C GLN D 515 -6.23 2.83 4.91
N GLY D 516 -6.98 2.82 3.80
CA GLY D 516 -7.78 1.65 3.50
C GLY D 516 -6.95 0.40 3.33
N GLY D 517 -5.91 0.47 2.48
CA GLY D 517 -5.03 -0.68 2.31
CA GLY D 517 -5.03 -0.68 2.31
C GLY D 517 -4.32 -1.05 3.59
N HIS D 518 -3.97 -0.04 4.40
CA HIS D 518 -3.38 -0.30 5.71
C HIS D 518 -4.32 -1.12 6.59
N ILE D 519 -5.61 -0.81 6.55
CA ILE D 519 -6.55 -1.51 7.41
C ILE D 519 -6.82 -2.92 6.91
N LEU D 520 -6.86 -3.12 5.58
CA LEU D 520 -6.91 -4.51 5.10
C LEU D 520 -5.66 -5.28 5.49
N ALA D 521 -4.51 -4.63 5.46
CA ALA D 521 -3.27 -5.29 5.87
C ALA D 521 -3.32 -5.70 7.33
N PHE D 522 -3.75 -4.79 8.20
CA PHE D 522 -3.84 -5.08 9.63
C PHE D 522 -4.86 -6.18 9.89
N TYR D 523 -6.00 -6.14 9.21
CA TYR D 523 -7.03 -7.15 9.39
C TYR D 523 -6.52 -8.53 8.97
N ASN D 524 -5.72 -8.59 7.90
CA ASN D 524 -5.29 -9.90 7.42
C ASN D 524 -4.16 -10.47 8.28
N LEU D 525 -3.21 -9.62 8.70
CA LEU D 525 -2.21 -10.07 9.66
C LEU D 525 -2.85 -10.53 10.95
N ALA D 526 -3.90 -9.83 11.39
CA ALA D 526 -4.65 -10.22 12.58
C ALA D 526 -5.38 -11.54 12.38
N GLN D 527 -5.89 -11.79 11.18
CA GLN D 527 -6.61 -13.03 10.95
C GLN D 527 -5.67 -14.23 10.85
N MET D 528 -4.42 -14.01 10.42
CA MET D 528 -3.44 -15.08 10.58
C MET D 528 -3.06 -15.27 12.05
N HIS D 529 -2.75 -14.17 12.74
CA HIS D 529 -2.32 -14.23 14.13
C HIS D 529 -3.38 -14.82 15.04
N ALA D 530 -4.65 -14.77 14.65
CA ALA D 530 -5.71 -15.24 15.52
C ALA D 530 -5.87 -16.76 15.44
N SER D 531 -5.99 -17.30 14.23
CA SER D 531 -6.38 -18.71 14.15
C SER D 531 -5.23 -19.70 14.27
N GLY D 532 -4.42 -19.87 13.22
CA GLY D 532 -3.29 -20.78 13.33
C GLY D 532 -2.08 -20.57 12.45
N THR D 533 -2.13 -19.59 11.55
CA THR D 533 -1.29 -19.63 10.35
C THR D 533 -0.21 -18.57 10.36
N GLY D 534 0.90 -18.88 9.68
CA GLY D 534 2.02 -17.96 9.57
C GLY D 534 2.79 -17.83 10.87
N VAL D 535 2.15 -17.22 11.86
CA VAL D 535 2.67 -17.15 13.22
C VAL D 535 1.74 -18.02 14.06
N MET D 536 2.21 -18.46 15.23
CA MET D 536 1.45 -19.39 16.03
C MET D 536 0.29 -18.68 16.71
N ARG D 537 -0.48 -19.45 17.49
CA ARG D 537 -1.66 -18.89 18.15
C ARG D 537 -1.24 -17.82 19.15
N SER D 538 -1.73 -16.61 18.95
CA SER D 538 -1.23 -15.46 19.72
C SER D 538 -2.37 -14.46 19.88
N CYS D 539 -3.14 -14.64 20.94
CA CYS D 539 -4.21 -13.79 21.43
C CYS D 539 -3.78 -12.35 21.70
N HIS D 540 -2.72 -12.15 22.49
CA HIS D 540 -2.31 -10.85 23.01
C HIS D 540 -1.60 -9.98 21.97
N THR D 541 -1.48 -10.48 20.75
CA THR D 541 -0.99 -9.64 19.64
C THR D 541 -1.86 -9.81 18.41
N ALA D 542 -3.10 -10.24 18.63
CA ALA D 542 -4.20 -10.23 17.68
C ALA D 542 -5.35 -9.28 18.01
N VAL D 543 -5.83 -9.29 19.27
CA VAL D 543 -6.89 -8.38 19.71
C VAL D 543 -6.49 -6.90 19.69
N GLU D 544 -5.21 -6.56 19.69
CA GLU D 544 -4.98 -5.12 19.52
C GLU D 544 -4.76 -4.77 18.07
N LEU D 545 -4.48 -5.75 17.24
CA LEU D 545 -4.51 -5.53 15.81
C LEU D 545 -5.94 -5.52 15.31
N PHE D 546 -6.83 -6.34 15.87
CA PHE D 546 -8.22 -6.23 15.48
C PHE D 546 -8.76 -4.88 15.91
N LYS D 547 -8.42 -4.47 17.15
CA LYS D 547 -8.87 -3.21 17.73
C LYS D 547 -8.37 -2.00 16.96
N ASN D 548 -7.23 -2.12 16.28
CA ASN D 548 -6.74 -1.04 15.44
C ASN D 548 -7.45 -1.04 14.08
N VAL D 549 -8.28 -2.04 13.81
CA VAL D 549 -9.15 -1.99 12.65
C VAL D 549 -10.54 -1.50 13.05
N CYS D 550 -11.09 -2.06 14.14
CA CYS D 550 -12.41 -1.66 14.60
C CYS D 550 -12.44 -0.18 14.97
N GLU D 551 -11.35 0.34 15.55
CA GLU D 551 -11.31 1.75 15.92
C GLU D 551 -11.41 2.66 14.71
N ARG D 552 -10.80 2.28 13.59
CA ARG D 552 -10.79 3.17 12.42
C ARG D 552 -12.18 3.22 11.82
N GLY D 553 -12.65 2.09 11.30
CA GLY D 553 -14.04 1.78 10.99
C GLY D 553 -14.90 2.88 10.41
N ARG D 554 -16.14 2.95 10.89
CA ARG D 554 -17.06 4.02 10.54
C ARG D 554 -17.69 4.65 11.77
N TRP D 555 -17.64 3.97 12.93
CA TRP D 555 -18.13 4.55 14.17
C TRP D 555 -17.31 5.76 14.57
N SER D 556 -16.02 5.79 14.20
CA SER D 556 -15.17 6.90 14.59
C SER D 556 -15.32 8.07 13.63
N GLU D 557 -16.56 8.45 13.32
CA GLU D 557 -16.87 9.75 12.79
C GLU D 557 -17.43 10.66 13.86
N ARG D 558 -17.79 10.09 15.01
CA ARG D 558 -18.25 10.89 16.13
C ARG D 558 -17.11 11.64 16.80
N LEU D 559 -15.86 11.26 16.51
CA LEU D 559 -14.72 12.04 16.97
C LEU D 559 -14.74 13.44 16.37
N MET D 560 -14.96 13.53 15.06
CA MET D 560 -14.94 14.84 14.40
C MET D 560 -16.14 15.69 14.80
N THR D 561 -17.34 15.10 14.89
CA THR D 561 -18.47 15.91 15.29
C THR D 561 -18.53 16.13 16.80
N ALA D 562 -17.67 15.48 17.58
CA ALA D 562 -17.47 15.93 18.95
C ALA D 562 -16.44 17.03 19.04
N TYR D 563 -15.38 16.96 18.23
CA TYR D 563 -14.37 18.01 18.24
C TYR D 563 -14.94 19.31 17.72
N ASN D 564 -15.79 19.22 16.68
CA ASN D 564 -16.45 20.40 16.12
C ASN D 564 -17.41 21.02 17.12
N SER D 565 -18.10 20.21 17.91
CA SER D 565 -19.00 20.73 18.93
C SER D 565 -18.23 21.44 20.05
N TYR D 566 -17.01 21.02 20.31
CA TYR D 566 -16.13 21.70 21.26
C TYR D 566 -15.66 23.06 20.76
N LYS D 567 -15.40 23.19 19.47
CA LYS D 567 -14.85 24.43 18.93
C LYS D 567 -15.84 25.59 18.81
N ASP D 568 -17.15 25.37 18.98
CA ASP D 568 -18.04 26.52 19.10
C ASP D 568 -18.81 26.32 20.40
N GLY D 569 -18.16 26.68 21.50
CA GLY D 569 -18.75 26.56 22.83
C GLY D 569 -19.24 25.14 23.07
N ASP D 570 -20.49 25.07 23.56
CA ASP D 570 -21.34 23.88 23.56
C ASP D 570 -20.58 22.71 24.19
N TYR D 571 -20.02 22.97 25.36
CA TYR D 571 -19.28 22.00 26.18
C TYR D 571 -20.18 20.88 26.69
N ASN D 572 -21.49 21.05 26.64
CA ASN D 572 -22.40 19.97 26.98
C ASN D 572 -22.48 18.90 25.89
N ALA D 573 -22.04 19.20 24.67
CA ALA D 573 -22.17 18.28 23.54
C ALA D 573 -20.91 17.47 23.23
N ALA D 574 -19.73 17.95 23.59
CA ALA D 574 -18.52 17.17 23.31
C ALA D 574 -18.27 16.14 24.41
N VAL D 575 -18.60 16.47 25.65
CA VAL D 575 -18.36 15.55 26.75
C VAL D 575 -19.31 14.37 26.66
N ILE D 576 -20.38 14.49 25.88
CA ILE D 576 -21.32 13.39 25.74
C ILE D 576 -20.98 12.50 24.55
N GLN D 577 -20.62 13.09 23.40
CA GLN D 577 -20.19 12.28 22.27
C GLN D 577 -18.85 11.60 22.51
N TYR D 578 -17.97 12.20 23.31
CA TYR D 578 -16.74 11.55 23.68
C TYR D 578 -16.93 10.43 24.69
N LEU D 579 -17.99 10.46 25.50
CA LEU D 579 -18.15 9.38 26.48
C LEU D 579 -18.53 8.05 25.83
N LEU D 580 -19.31 8.08 24.75
CA LEU D 580 -19.58 6.86 24.01
C LEU D 580 -18.32 6.29 23.37
N LEU D 581 -17.48 7.15 22.82
CA LEU D 581 -16.24 6.67 22.21
C LEU D 581 -15.17 6.35 23.25
N ALA D 582 -15.36 6.82 24.49
CA ALA D 582 -14.46 6.47 25.57
C ALA D 582 -14.79 5.11 26.16
N GLU D 583 -16.08 4.89 26.48
CA GLU D 583 -16.50 3.56 26.88
C GLU D 583 -16.33 2.55 25.75
N GLN D 584 -16.43 3.01 24.50
CA GLN D 584 -16.24 2.13 23.36
C GLN D 584 -14.82 1.60 23.27
N GLY D 585 -13.83 2.43 23.58
CA GLY D 585 -12.49 1.93 23.66
C GLY D 585 -11.37 2.72 23.02
N TYR D 586 -11.67 3.92 22.55
CA TYR D 586 -10.66 4.75 21.93
C TYR D 586 -9.71 5.29 22.98
N GLU D 587 -8.46 5.54 22.59
CA GLU D 587 -7.51 6.19 23.48
C GLU D 587 -7.52 7.70 23.29
N VAL D 588 -7.89 8.16 22.09
CA VAL D 588 -8.06 9.57 21.83
C VAL D 588 -9.24 10.12 22.64
N ALA D 589 -10.37 9.42 22.59
CA ALA D 589 -11.57 9.95 23.23
C ALA D 589 -11.53 9.80 24.75
N GLN D 590 -10.89 8.76 25.28
CA GLN D 590 -10.75 8.66 26.74
C GLN D 590 -9.92 9.81 27.29
N SER D 591 -8.93 10.26 26.52
CA SER D 591 -8.16 11.42 26.93
C SER D 591 -8.96 12.70 26.74
N ASN D 592 -9.68 12.82 25.63
CA ASN D 592 -10.36 14.08 25.37
C ASN D 592 -11.50 14.27 26.37
N ALA D 593 -12.21 13.20 26.70
CA ALA D 593 -13.27 13.25 27.71
C ALA D 593 -12.69 13.56 29.09
N ALA D 594 -11.51 13.00 29.41
CA ALA D 594 -10.90 13.34 30.68
C ALA D 594 -10.43 14.79 30.71
N PHE D 595 -9.96 15.31 29.58
CA PHE D 595 -9.53 16.71 29.52
C PHE D 595 -10.71 17.66 29.60
N ILE D 596 -11.85 17.30 29.02
CA ILE D 596 -13.04 18.11 29.16
C ILE D 596 -13.54 18.09 30.60
N LEU D 597 -13.54 16.91 31.23
CA LEU D 597 -13.98 16.82 32.60
C LEU D 597 -12.99 17.48 33.56
N ASP D 598 -11.75 17.69 33.12
CA ASP D 598 -10.71 18.21 34.01
C ASP D 598 -10.94 19.67 34.34
N GLN D 599 -11.50 20.43 33.40
CA GLN D 599 -11.69 21.86 33.55
C GLN D 599 -13.13 22.23 33.89
N ARG D 600 -13.92 21.25 34.35
CA ARG D 600 -15.23 21.42 35.01
C ARG D 600 -16.20 22.27 34.21
N GLU D 601 -16.22 22.09 32.89
CA GLU D 601 -17.27 22.68 32.06
C GLU D 601 -18.41 21.72 31.75
N ALA D 602 -18.26 20.43 32.05
CA ALA D 602 -19.30 19.46 31.73
C ALA D 602 -20.49 19.63 32.67
N SER D 603 -21.65 19.95 32.08
CA SER D 603 -22.82 20.35 32.83
C SER D 603 -23.72 19.21 33.28
N ILE D 604 -23.58 18.00 32.72
CA ILE D 604 -24.45 16.90 33.17
C ILE D 604 -24.03 16.47 34.57
N VAL D 605 -22.72 16.28 34.78
CA VAL D 605 -22.22 15.72 36.01
C VAL D 605 -22.22 16.77 37.11
N GLY D 606 -22.36 16.31 38.35
CA GLY D 606 -22.27 17.22 39.48
C GLY D 606 -20.86 17.75 39.65
N GLU D 607 -20.77 18.94 40.22
CA GLU D 607 -19.46 19.57 40.38
C GLU D 607 -18.61 18.86 41.43
N ASN D 608 -19.25 18.13 42.35
CA ASN D 608 -18.54 17.29 43.31
C ASN D 608 -18.11 15.95 42.70
N GLU D 609 -18.72 15.55 41.58
CA GLU D 609 -18.42 14.27 40.95
C GLU D 609 -17.74 14.41 39.59
N THR D 610 -17.26 15.61 39.24
CA THR D 610 -16.57 15.80 37.97
C THR D 610 -15.19 15.13 37.95
N TYR D 611 -14.39 15.36 39.00
CA TYR D 611 -13.06 14.79 39.11
C TYR D 611 -13.00 13.27 39.18
N PRO D 612 -13.85 12.56 39.95
CA PRO D 612 -13.74 11.08 39.93
C PRO D 612 -13.94 10.49 38.55
N ARG D 613 -14.86 11.03 37.74
CA ARG D 613 -15.03 10.52 36.38
C ARG D 613 -13.84 10.91 35.50
N ALA D 614 -13.31 12.12 35.70
CA ALA D 614 -12.09 12.51 35.01
C ALA D 614 -10.91 11.62 35.43
N LEU D 615 -10.85 11.26 36.72
CA LEU D 615 -9.82 10.35 37.20
C LEU D 615 -9.97 8.98 36.54
N LEU D 616 -11.22 8.51 36.43
CA LEU D 616 -11.49 7.23 35.79
C LEU D 616 -11.04 7.21 34.34
N HIS D 617 -11.37 8.26 33.59
CA HIS D 617 -11.00 8.26 32.18
C HIS D 617 -9.50 8.49 31.99
N TRP D 618 -8.85 9.22 32.91
CA TRP D 618 -7.40 9.32 32.86
C TRP D 618 -6.76 7.97 33.12
N ASN D 619 -7.28 7.22 34.10
CA ASN D 619 -6.75 5.90 34.40
C ASN D 619 -6.95 4.94 33.24
N ARG D 620 -8.11 5.02 32.57
CA ARG D 620 -8.32 4.19 31.38
C ARG D 620 -7.37 4.57 30.26
N ALA D 621 -7.13 5.86 30.05
CA ALA D 621 -6.19 6.27 29.02
C ALA D 621 -4.75 5.91 29.37
N ALA D 622 -4.45 5.74 30.66
CA ALA D 622 -3.10 5.35 31.06
C ALA D 622 -2.78 3.93 30.64
N SER D 623 -3.74 3.01 30.79
CA SER D 623 -3.49 1.60 30.50
C SER D 623 -3.28 1.33 29.02
N GLN D 624 -3.70 2.24 28.15
CA GLN D 624 -3.56 2.07 26.72
C GLN D 624 -2.25 2.63 26.18
N GLY D 625 -1.36 3.08 27.06
CA GLY D 625 -0.05 3.54 26.64
C GLY D 625 0.05 5.00 26.29
N TYR D 626 -0.97 5.81 26.56
CA TYR D 626 -0.86 7.25 26.40
C TYR D 626 0.07 7.79 27.48
N THR D 627 1.02 8.65 27.08
CA THR D 627 1.95 9.19 28.06
C THR D 627 1.29 10.18 28.99
N VAL D 628 0.65 11.21 28.44
CA VAL D 628 0.18 12.35 29.22
C VAL D 628 -0.84 11.93 30.26
N ALA D 629 -1.55 10.84 30.00
CA ALA D 629 -2.49 10.29 30.98
C ALA D 629 -1.78 9.85 32.26
N ARG D 630 -0.57 9.29 32.15
CA ARG D 630 0.11 8.83 33.36
C ARG D 630 0.55 9.99 34.25
N ILE D 631 1.15 11.03 33.67
CA ILE D 631 1.49 12.21 34.46
C ILE D 631 0.24 12.89 35.00
N LYS D 632 -0.84 12.96 34.21
CA LYS D 632 -2.06 13.58 34.74
C LYS D 632 -2.65 12.77 35.89
N LEU D 633 -2.55 11.44 35.83
CA LEU D 633 -2.91 10.61 36.97
C LEU D 633 -2.02 10.92 38.17
N GLY D 634 -0.74 11.14 37.91
CA GLY D 634 0.20 11.48 38.97
C GLY D 634 -0.16 12.79 39.65
N ASP D 635 -0.47 13.81 38.85
CA ASP D 635 -0.91 15.10 39.40
C ASP D 635 -2.23 14.96 40.15
N TYR D 636 -3.14 14.12 39.65
CA TYR D 636 -4.42 13.93 40.32
C TYR D 636 -4.22 13.31 41.70
N HIS D 637 -3.29 12.36 41.82
CA HIS D 637 -2.93 11.85 43.14
C HIS D 637 -2.09 12.84 43.92
N PHE D 638 -1.42 13.78 43.24
CA PHE D 638 -0.49 14.69 43.91
C PHE D 638 -1.23 15.78 44.65
N TYR D 639 -2.19 16.43 43.98
CA TYR D 639 -2.98 17.49 44.58
C TYR D 639 -4.23 16.99 45.27
N GLY D 640 -4.44 15.68 45.31
CA GLY D 640 -5.66 15.13 45.88
C GLY D 640 -6.90 15.48 45.08
N PHE D 641 -6.82 15.39 43.75
CA PHE D 641 -7.93 15.71 42.87
C PHE D 641 -8.88 14.52 42.83
N GLY D 642 -10.03 14.66 43.48
CA GLY D 642 -11.03 13.61 43.56
C GLY D 642 -10.80 12.60 44.66
N THR D 643 -9.55 12.16 44.82
CA THR D 643 -9.16 11.23 45.87
C THR D 643 -8.40 11.99 46.95
N ASP D 644 -8.04 11.28 48.01
CA ASP D 644 -7.24 11.89 49.07
C ASP D 644 -5.81 12.10 48.60
N VAL D 645 -5.11 13.02 49.27
CA VAL D 645 -3.72 13.29 48.95
C VAL D 645 -2.86 12.13 49.44
N ASP D 646 -2.18 11.45 48.51
CA ASP D 646 -1.36 10.30 48.85
C ASP D 646 -0.19 10.27 47.89
N TYR D 647 1.02 10.54 48.39
CA TYR D 647 2.16 10.78 47.52
C TYR D 647 2.76 9.51 46.94
N GLU D 648 2.53 8.35 47.57
CA GLU D 648 3.21 7.12 47.13
C GLU D 648 2.68 6.66 45.77
N THR D 649 1.35 6.64 45.61
CA THR D 649 0.76 6.29 44.33
C THR D 649 1.12 7.32 43.27
N ALA D 650 1.24 8.58 43.66
CA ALA D 650 1.70 9.61 42.74
C ALA D 650 3.11 9.32 42.25
N PHE D 651 4.00 8.93 43.17
CA PHE D 651 5.38 8.62 42.82
C PHE D 651 5.44 7.42 41.87
N ILE D 652 4.67 6.36 42.15
CA ILE D 652 4.78 5.20 41.26
C ILE D 652 4.14 5.51 39.91
N HIS D 653 3.12 6.38 39.87
CA HIS D 653 2.56 6.75 38.58
C HIS D 653 3.57 7.56 37.77
N TYR D 654 4.28 8.49 38.42
CA TYR D 654 5.31 9.24 37.73
C TYR D 654 6.42 8.32 37.26
N ARG D 655 6.74 7.28 38.05
CA ARG D 655 7.79 6.37 37.60
C ARG D 655 7.34 5.57 36.38
N LEU D 656 6.13 4.97 36.42
CA LEU D 656 5.69 4.19 35.26
C LEU D 656 5.54 5.07 34.03
N ALA D 657 5.30 6.36 34.21
CA ALA D 657 5.48 7.25 33.07
C ALA D 657 6.96 7.41 32.70
N SER D 658 7.87 7.32 33.68
CA SER D 658 9.28 7.59 33.39
C SER D 658 9.99 6.48 32.62
N GLU D 659 10.11 5.26 33.19
CA GLU D 659 11.01 4.30 32.53
C GLU D 659 10.44 3.72 31.25
N GLN D 660 9.12 3.76 31.05
CA GLN D 660 8.60 3.11 29.85
C GLN D 660 8.40 4.07 28.68
N GLN D 661 7.82 5.25 28.89
CA GLN D 661 7.57 6.16 27.77
C GLN D 661 8.67 7.21 27.61
N HIS D 662 9.64 7.26 28.53
CA HIS D 662 10.75 8.23 28.49
C HIS D 662 10.25 9.67 28.40
N SER D 663 9.41 10.05 29.36
CA SER D 663 8.86 11.40 29.43
C SER D 663 9.69 12.23 30.39
N ALA D 664 10.32 13.29 29.88
CA ALA D 664 11.14 14.16 30.73
C ALA D 664 10.32 14.88 31.78
N GLN D 665 9.03 15.04 31.52
CA GLN D 665 8.13 15.70 32.46
C GLN D 665 8.01 14.90 33.75
N ALA D 666 7.81 13.58 33.64
CA ALA D 666 7.76 12.76 34.84
C ALA D 666 9.13 12.63 35.49
N MET D 667 10.21 12.71 34.70
CA MET D 667 11.55 12.71 35.31
C MET D 667 11.74 13.88 36.24
N PHE D 668 11.47 15.09 35.75
CA PHE D 668 11.61 16.29 36.55
C PHE D 668 10.60 16.31 37.69
N ASN D 669 9.37 15.85 37.47
CA ASN D 669 8.39 15.88 38.53
C ASN D 669 8.76 14.91 39.66
N LEU D 670 9.26 13.71 39.34
CA LEU D 670 9.69 12.84 40.43
C LEU D 670 11.00 13.30 41.06
N GLY D 671 11.82 14.03 40.32
CA GLY D 671 12.98 14.67 40.95
C GLY D 671 12.58 15.71 41.97
N TYR D 672 11.60 16.54 41.61
CA TYR D 672 10.96 17.46 42.57
C TYR D 672 10.39 16.69 43.75
N MET D 673 9.81 15.52 43.48
CA MET D 673 9.23 14.68 44.54
C MET D 673 10.35 14.21 45.46
N HIS D 674 11.54 13.98 44.89
CA HIS D 674 12.70 13.55 45.68
C HIS D 674 13.21 14.70 46.54
N GLU D 675 13.36 15.88 45.93
CA GLU D 675 14.17 16.95 46.50
C GLU D 675 13.48 17.58 47.71
N LYS D 676 12.15 17.50 47.78
CA LYS D 676 11.42 17.97 48.95
C LYS D 676 11.09 16.86 49.93
N GLY D 677 11.42 15.60 49.59
CA GLY D 677 11.28 14.51 50.53
C GLY D 677 9.87 14.09 50.87
N LEU D 678 8.91 14.37 49.99
CA LEU D 678 7.55 13.88 50.20
C LEU D 678 7.53 12.37 49.98
N GLY D 679 6.63 11.68 50.65
CA GLY D 679 6.42 10.26 50.42
C GLY D 679 7.54 9.33 50.87
N ILE D 680 8.74 9.55 50.34
CA ILE D 680 9.91 8.73 50.68
C ILE D 680 10.97 9.62 51.33
N LYS D 681 12.12 9.02 51.67
CA LYS D 681 13.15 9.72 52.41
C LYS D 681 13.79 10.83 51.59
N GLN D 682 14.31 11.83 52.30
CA GLN D 682 14.94 13.00 51.71
C GLN D 682 16.41 12.77 51.40
N ASP D 683 16.81 13.06 50.16
CA ASP D 683 18.21 13.16 49.77
C ASP D 683 18.30 13.95 48.47
N ILE D 684 19.51 14.10 47.94
CA ILE D 684 19.79 15.05 46.88
C ILE D 684 20.23 14.41 45.56
N HIS D 685 21.18 13.49 45.60
CA HIS D 685 21.80 12.96 44.39
C HIS D 685 20.85 12.15 43.53
N LEU D 686 19.81 11.55 44.13
CA LEU D 686 18.79 10.97 43.25
C LEU D 686 18.07 12.05 42.48
N ALA D 687 17.86 13.22 43.08
CA ALA D 687 17.12 14.22 42.34
C ALA D 687 18.02 14.76 41.26
N LYS D 688 19.31 14.96 41.59
CA LYS D 688 20.21 15.61 40.64
C LYS D 688 20.37 14.75 39.38
N ARG D 689 20.52 13.41 39.53
CA ARG D 689 20.60 12.60 38.32
C ARG D 689 19.27 12.60 37.56
N PHE D 690 18.15 12.60 38.30
CA PHE D 690 16.85 12.64 37.62
C PHE D 690 16.67 13.92 36.82
N TYR D 691 17.07 15.05 37.38
CA TYR D 691 17.12 16.29 36.61
C TYR D 691 18.10 16.21 35.44
N ASP D 692 19.17 15.41 35.59
CA ASP D 692 20.16 15.28 34.51
C ASP D 692 19.58 14.52 33.32
N MET D 693 18.91 13.39 33.58
CA MET D 693 18.32 12.67 32.44
C MET D 693 17.01 13.31 32.01
N ALA D 694 16.43 14.14 32.86
CA ALA D 694 15.37 15.04 32.41
C ALA D 694 15.93 16.01 31.39
N ALA D 695 17.19 16.44 31.59
CA ALA D 695 17.81 17.35 30.62
C ALA D 695 18.07 16.65 29.29
N GLU D 696 18.70 15.47 29.29
CA GLU D 696 19.05 15.00 27.93
C GLU D 696 17.86 14.31 27.26
N ALA D 697 16.82 13.96 28.03
CA ALA D 697 15.74 13.17 27.47
C ALA D 697 14.96 13.93 26.40
N SER D 698 14.78 15.23 26.56
CA SER D 698 14.10 16.05 25.57
C SER D 698 14.93 17.31 25.30
N PRO D 699 14.90 17.83 24.08
CA PRO D 699 15.70 19.03 23.78
C PRO D 699 15.15 20.29 24.42
N ASP D 700 13.84 20.39 24.63
CA ASP D 700 13.20 21.59 25.15
C ASP D 700 13.27 21.68 26.68
N ALA D 701 13.82 20.64 27.33
CA ALA D 701 13.99 20.61 28.77
C ALA D 701 15.29 21.25 29.24
N GLN D 702 15.92 22.09 28.42
CA GLN D 702 17.21 22.68 28.79
C GLN D 702 17.04 23.73 29.89
N VAL D 703 16.07 24.64 29.71
CA VAL D 703 15.86 25.72 30.67
C VAL D 703 15.46 25.23 32.07
N PRO D 704 14.39 24.39 32.24
CA PRO D 704 13.90 24.16 33.60
C PRO D 704 14.81 23.29 34.44
N VAL D 705 15.56 22.40 33.81
CA VAL D 705 16.57 21.66 34.55
C VAL D 705 17.67 22.59 35.03
N PHE D 706 17.97 23.63 34.26
CA PHE D 706 18.99 24.58 34.67
C PHE D 706 18.51 25.41 35.86
N LEU D 707 17.29 25.96 35.78
CA LEU D 707 16.77 26.72 36.92
C LEU D 707 16.51 25.84 38.14
N ALA D 708 16.34 24.54 37.93
CA ALA D 708 16.15 23.65 39.06
C ALA D 708 17.47 23.25 39.70
N LEU D 709 18.49 22.93 38.88
CA LEU D 709 19.74 22.56 39.53
C LEU D 709 20.43 23.81 40.05
N CYS D 710 20.06 24.99 39.51
CA CYS D 710 20.49 26.26 40.09
C CYS D 710 19.95 26.43 41.51
N LYS D 711 18.65 26.23 41.70
CA LYS D 711 18.11 26.36 43.06
C LYS D 711 18.55 25.20 43.95
N LEU D 712 18.82 24.04 43.36
CA LEU D 712 19.33 22.91 44.13
C LEU D 712 20.74 23.20 44.65
N GLY D 713 21.61 23.73 43.78
CA GLY D 713 22.93 24.13 44.23
C GLY D 713 22.90 25.28 45.21
N VAL D 714 21.94 26.21 45.05
CA VAL D 714 21.82 27.29 46.03
C VAL D 714 21.46 26.74 47.41
N VAL D 715 20.51 25.80 47.46
CA VAL D 715 20.13 25.17 48.73
C VAL D 715 21.30 24.37 49.30
N TYR D 716 22.01 23.62 48.45
CA TYR D 716 23.15 22.82 48.88
C TYR D 716 24.27 23.70 49.45
N PHE D 717 24.57 24.81 48.77
CA PHE D 717 25.63 25.69 49.25
C PHE D 717 25.21 26.41 50.53
N LEU D 718 23.92 26.77 50.66
CA LEU D 718 23.45 27.38 51.90
C LEU D 718 23.53 26.41 53.06
N GLN D 719 23.18 25.13 52.82
CA GLN D 719 23.29 24.13 53.88
C GLN D 719 24.75 23.85 54.23
N TYR D 720 25.65 23.85 53.24
CA TYR D 720 27.07 23.65 53.52
C TYR D 720 27.65 24.82 54.29
N ILE D 721 27.20 26.05 54.00
CA ILE D 721 27.63 27.21 54.77
C ILE D 721 27.10 27.13 56.19
N ARG D 722 25.85 26.69 56.34
CA ARG D 722 25.28 26.52 57.68
C ARG D 722 25.99 25.41 58.44
N GLU D 723 26.49 24.40 57.73
CA GLU D 723 27.26 23.32 58.34
C GLU D 723 28.59 23.82 58.88
N ALA E 1 20.72 6.71 15.39
CA ALA E 1 21.56 6.56 16.57
C ALA E 1 21.14 5.34 17.39
N ASN E 2 20.10 5.51 18.20
CA ASN E 2 19.59 4.43 19.05
C ASN E 2 18.26 3.95 18.48
N ALA E 3 18.21 2.66 18.11
CA ALA E 3 17.00 2.07 17.54
C ALA E 3 16.94 0.58 17.83
N LEU F 37 -14.53 4.92 39.89
CA LEU F 37 -15.77 4.33 40.37
C LEU F 37 -15.68 2.81 40.40
N SER F 38 -14.63 2.29 41.03
CA SER F 38 -14.40 0.86 41.26
C SER F 38 -14.42 0.05 39.96
N ASP F 39 -13.41 0.30 39.12
CA ASP F 39 -13.30 -0.42 37.86
C ASP F 39 -13.05 -1.91 38.04
N ASP F 40 -12.31 -2.31 39.08
CA ASP F 40 -11.77 -3.66 39.16
C ASP F 40 -12.66 -4.61 39.95
N ILE F 41 -13.97 -4.43 39.87
CA ILE F 41 -14.94 -5.39 40.41
C ILE F 41 -15.60 -6.06 39.22
N PRO F 42 -15.47 -7.38 39.07
CA PRO F 42 -15.99 -8.05 37.88
C PRO F 42 -17.47 -8.37 37.99
N PHE F 43 -17.98 -8.96 36.92
CA PHE F 43 -19.38 -9.34 36.78
C PHE F 43 -19.45 -10.48 35.77
N ARG F 44 -20.49 -11.29 35.87
CA ARG F 44 -20.70 -12.33 34.87
C ARG F 44 -22.18 -12.68 34.81
N VAL F 45 -22.75 -12.66 33.61
CA VAL F 45 -24.15 -13.02 33.44
C VAL F 45 -24.25 -14.51 33.09
N ASN F 46 -25.23 -15.18 33.68
CA ASN F 46 -25.45 -16.60 33.46
C ASN F 46 -26.95 -16.82 33.27
N TRP F 47 -27.32 -18.03 32.85
CA TRP F 47 -28.71 -18.38 32.57
C TRP F 47 -29.08 -19.68 33.26
N PRO F 48 -29.46 -19.63 34.55
CA PRO F 48 -29.74 -20.85 35.28
C PRO F 48 -31.16 -21.45 35.15
N GLY F 49 -32.02 -20.97 34.24
CA GLY F 49 -33.30 -21.62 34.03
C GLY F 49 -34.50 -20.85 34.54
N THR F 50 -35.61 -21.55 34.79
CA THR F 50 -36.82 -20.94 35.32
C THR F 50 -36.82 -20.93 36.84
N GLU F 51 -36.72 -22.12 37.44
CA GLU F 51 -36.73 -22.25 38.88
C GLU F 51 -35.33 -22.03 39.44
N PHE F 52 -35.19 -21.05 40.32
CA PHE F 52 -33.90 -20.75 40.94
C PHE F 52 -34.16 -20.04 42.26
N SER F 53 -33.36 -20.38 43.26
CA SER F 53 -33.42 -19.75 44.57
C SER F 53 -32.17 -18.93 44.81
N LEU F 54 -32.34 -17.71 45.32
CA LEU F 54 -31.22 -16.79 45.50
C LEU F 54 -30.30 -17.30 46.60
N PRO F 55 -28.99 -17.31 46.40
CA PRO F 55 -28.09 -17.74 47.46
C PRO F 55 -28.01 -16.73 48.59
N THR F 56 -27.79 -17.25 49.80
CA THR F 56 -27.67 -16.42 50.99
C THR F 56 -26.22 -16.09 51.33
N THR F 57 -25.30 -17.04 51.15
CA THR F 57 -23.90 -16.80 51.45
C THR F 57 -23.25 -15.97 50.35
N GLY F 58 -22.22 -15.22 50.72
CA GLY F 58 -21.48 -14.40 49.80
C GLY F 58 -22.08 -13.02 49.64
N VAL F 59 -22.78 -12.80 48.52
CA VAL F 59 -23.43 -11.52 48.26
C VAL F 59 -24.92 -11.70 48.52
N LEU F 60 -25.64 -10.58 48.65
CA LEU F 60 -27.07 -10.62 48.94
C LEU F 60 -27.82 -10.16 47.69
N TYR F 61 -28.85 -10.91 47.32
CA TYR F 61 -29.65 -10.62 46.13
C TYR F 61 -31.02 -10.14 46.62
N LYS F 62 -31.46 -9.00 46.10
CA LYS F 62 -32.67 -8.35 46.59
C LYS F 62 -33.75 -8.47 45.50
N GLU F 63 -34.96 -7.93 45.68
CA GLU F 63 -36.01 -8.18 44.69
C GLU F 63 -36.38 -6.93 43.90
N ASP F 64 -36.27 -5.76 44.53
CA ASP F 64 -36.61 -4.51 43.84
C ASP F 64 -35.69 -4.21 42.67
N ASN F 65 -34.47 -4.77 42.69
CA ASN F 65 -33.46 -4.46 41.69
C ASN F 65 -33.62 -5.24 40.40
N TYR F 66 -34.71 -6.00 40.24
CA TYR F 66 -34.91 -6.77 39.02
C TYR F 66 -35.25 -5.85 37.85
N VAL F 67 -34.95 -6.34 36.65
CA VAL F 67 -35.18 -5.59 35.41
C VAL F 67 -35.90 -6.49 34.43
N ILE F 68 -36.95 -5.97 33.79
CA ILE F 68 -37.63 -6.66 32.71
C ILE F 68 -36.81 -6.51 31.45
N MET F 69 -36.64 -7.61 30.71
CA MET F 69 -35.76 -7.62 29.55
C MET F 69 -36.37 -8.38 28.38
N THR F 70 -35.92 -8.02 27.18
CA THR F 70 -36.24 -8.67 25.91
C THR F 70 -35.16 -8.42 24.87
N THR F 71 -34.97 -9.42 24.00
CA THR F 71 -34.09 -9.30 22.86
C THR F 71 -34.94 -8.90 21.64
N ALA F 72 -34.32 -8.99 20.46
CA ALA F 72 -35.02 -8.59 19.24
C ALA F 72 -36.07 -9.61 18.83
N HIS F 73 -35.93 -10.86 19.29
CA HIS F 73 -36.80 -11.95 18.84
C HIS F 73 -37.93 -12.25 19.83
N LYS F 74 -38.36 -11.26 20.63
CA LYS F 74 -39.52 -11.34 21.52
C LYS F 74 -39.39 -12.49 22.53
N GLU F 75 -38.41 -12.36 23.41
CA GLU F 75 -38.22 -13.29 24.53
C GLU F 75 -38.11 -12.49 25.82
N LYS F 76 -39.06 -12.67 26.72
CA LYS F 76 -39.07 -11.90 27.97
C LYS F 76 -38.15 -12.51 29.02
N TYR F 77 -37.49 -11.65 29.79
CA TYR F 77 -36.49 -12.10 30.75
C TYR F 77 -36.54 -11.20 31.98
N LYS F 78 -35.99 -11.72 33.08
CA LYS F 78 -35.86 -10.97 34.32
C LYS F 78 -34.47 -11.18 34.93
N CYS F 79 -33.67 -10.12 35.00
CA CYS F 79 -32.32 -10.20 35.54
C CYS F 79 -32.28 -9.53 36.90
N ILE F 80 -31.62 -10.19 37.86
CA ILE F 80 -31.50 -9.71 39.24
C ILE F 80 -30.02 -9.49 39.54
N LEU F 81 -29.68 -8.31 40.09
CA LEU F 81 -28.29 -8.09 40.43
C LEU F 81 -28.10 -8.03 41.94
N PRO F 82 -26.97 -8.49 42.45
CA PRO F 82 -26.70 -8.39 43.89
C PRO F 82 -26.09 -7.04 44.24
N LEU F 83 -25.92 -6.81 45.53
CA LEU F 83 -25.23 -5.61 45.97
C LEU F 83 -23.73 -5.78 45.72
N VAL F 84 -23.13 -4.78 45.06
CA VAL F 84 -21.73 -4.88 44.64
C VAL F 84 -20.90 -4.22 45.73
N THR F 85 -20.55 -5.02 46.75
CA THR F 85 -19.61 -4.59 47.78
C THR F 85 -18.39 -5.49 47.82
N SER F 86 -18.58 -6.81 47.97
CA SER F 86 -17.50 -7.79 48.08
C SER F 86 -16.53 -7.43 49.21
N GLY F 87 -17.08 -6.92 50.31
CA GLY F 87 -16.27 -6.41 51.39
C GLY F 87 -15.81 -7.50 52.35
N ASP F 88 -15.10 -7.05 53.39
CA ASP F 88 -14.59 -7.89 54.48
C ASP F 88 -13.61 -8.95 53.98
N GLU F 89 -13.18 -9.82 54.88
CA GLU F 89 -12.25 -10.91 54.54
C GLU F 89 -12.75 -12.22 55.14
N GLU F 90 -14.06 -12.46 55.02
CA GLU F 90 -14.68 -13.68 55.57
C GLU F 90 -14.61 -14.82 54.56
N GLU F 91 -13.38 -15.15 54.15
CA GLU F 91 -13.12 -16.24 53.23
C GLU F 91 -12.72 -17.53 53.95
N GLU F 92 -12.75 -17.53 55.27
CA GLU F 92 -12.32 -18.67 56.10
C GLU F 92 -10.88 -19.07 55.77
N LYS F 93 -9.97 -18.11 55.94
CA LYS F 93 -8.56 -18.29 55.61
C LYS F 93 -7.91 -19.13 56.70
N ASP F 94 -7.88 -20.45 56.48
CA ASP F 94 -7.23 -21.38 57.38
C ASP F 94 -6.02 -21.97 56.67
N TYR F 95 -4.86 -21.84 57.30
CA TYR F 95 -3.59 -22.28 56.71
C TYR F 95 -2.79 -23.02 57.77
N LYS F 96 -2.79 -24.35 57.68
CA LYS F 96 -1.96 -25.18 58.56
C LYS F 96 -0.52 -25.29 58.07
N GLY F 97 -0.21 -24.72 56.90
CA GLY F 97 1.14 -24.75 56.38
C GLY F 97 2.11 -23.90 57.18
N PRO F 98 3.40 -24.17 57.03
CA PRO F 98 4.40 -23.47 57.83
C PRO F 98 4.69 -22.06 57.30
N ASN F 99 5.72 -21.42 57.87
CA ASN F 99 6.04 -20.05 57.52
C ASN F 99 6.53 -19.95 56.07
N PRO F 100 6.60 -18.73 55.53
CA PRO F 100 7.02 -18.57 54.13
C PRO F 100 8.50 -18.78 53.87
N ARG F 101 9.24 -19.30 54.86
CA ARG F 101 10.68 -19.43 54.74
C ARG F 101 11.07 -20.65 53.92
N GLU F 102 10.43 -21.79 54.20
CA GLU F 102 10.85 -23.06 53.60
C GLU F 102 10.45 -23.18 52.13
N LEU F 103 9.48 -22.39 51.67
CA LEU F 103 9.06 -22.47 50.28
C LEU F 103 10.14 -21.98 49.33
N LEU F 104 10.93 -20.99 49.75
CA LEU F 104 12.02 -20.46 48.96
C LEU F 104 13.35 -21.17 49.22
N GLU F 105 13.38 -22.11 50.17
CA GLU F 105 14.61 -22.82 50.49
C GLU F 105 15.20 -23.58 49.31
N PRO F 106 14.41 -24.24 48.44
CA PRO F 106 14.96 -24.84 47.23
C PRO F 106 15.64 -23.87 46.27
N LEU F 107 15.24 -22.59 46.26
CA LEU F 107 15.93 -21.59 45.46
C LEU F 107 17.32 -21.24 45.99
N PHE F 108 17.54 -21.39 47.30
CA PHE F 108 18.88 -21.22 47.85
C PHE F 108 19.85 -22.28 47.32
N LYS F 109 19.43 -23.54 47.31
CA LYS F 109 20.35 -24.63 47.05
C LYS F 109 20.68 -24.76 45.57
N GLN F 110 19.71 -24.47 44.69
CA GLN F 110 19.88 -24.74 43.27
C GLN F 110 20.93 -23.82 42.64
N SER F 111 21.01 -22.57 43.10
CA SER F 111 21.97 -21.57 42.64
C SER F 111 21.86 -21.30 41.14
N SER F 112 20.70 -21.57 40.54
CA SER F 112 20.45 -21.28 39.13
C SER F 112 19.67 -19.97 39.05
N CYS F 113 20.35 -18.90 38.67
CA CYS F 113 19.80 -17.55 38.72
C CYS F 113 19.65 -17.00 37.31
N SER F 114 18.69 -16.09 37.17
CA SER F 114 18.47 -15.36 35.93
C SER F 114 19.11 -13.98 36.06
N TYR F 115 18.97 -13.18 35.01
CA TYR F 115 19.58 -11.85 35.00
C TYR F 115 18.56 -10.80 34.56
N ARG F 116 19.02 -9.58 34.34
CA ARG F 116 18.15 -8.53 33.85
C ARG F 116 18.99 -7.54 33.05
N ILE F 117 18.47 -7.16 31.89
CA ILE F 117 19.13 -6.20 31.01
C ILE F 117 18.41 -4.88 31.13
N GLU F 118 19.15 -3.84 31.48
CA GLU F 118 18.62 -2.49 31.65
C GLU F 118 19.26 -1.59 30.60
N SER F 119 19.04 -0.28 30.73
CA SER F 119 19.55 0.66 29.73
C SER F 119 21.07 0.65 29.66
N TYR F 120 21.75 0.79 30.80
CA TYR F 120 23.20 0.76 30.81
C TYR F 120 23.73 -0.35 31.70
N TRP F 121 23.26 -0.43 32.95
CA TRP F 121 23.75 -1.44 33.87
C TRP F 121 23.01 -2.77 33.65
N THR F 122 23.54 -3.83 34.25
CA THR F 122 22.97 -5.19 34.10
C THR F 122 22.86 -5.82 35.49
N TYR F 123 21.64 -5.81 36.05
CA TYR F 123 21.44 -6.23 37.43
C TYR F 123 21.28 -7.75 37.48
N GLU F 124 22.33 -8.42 37.98
CA GLU F 124 22.34 -9.86 38.16
C GLU F 124 21.85 -10.16 39.57
N VAL F 125 20.76 -10.91 39.68
CA VAL F 125 20.19 -11.30 40.96
C VAL F 125 20.37 -12.80 41.16
N CYS F 126 21.06 -13.16 42.24
CA CYS F 126 21.17 -14.54 42.71
C CYS F 126 20.68 -14.59 44.14
N HIS F 127 19.97 -15.66 44.48
CA HIS F 127 19.24 -15.74 45.74
C HIS F 127 20.02 -16.61 46.72
N GLY F 128 20.37 -16.05 47.88
CA GLY F 128 21.09 -16.75 48.90
C GLY F 128 22.59 -16.53 48.91
N LYS F 129 23.16 -15.91 47.88
CA LYS F 129 24.59 -15.63 47.86
C LYS F 129 24.90 -14.15 47.93
N HIS F 130 24.43 -13.37 46.94
CA HIS F 130 24.67 -11.94 46.84
C HIS F 130 23.93 -11.43 45.62
N ILE F 131 23.83 -10.11 45.50
CA ILE F 131 23.36 -9.43 44.29
C ILE F 131 24.54 -8.70 43.66
N ARG F 132 24.58 -8.69 42.33
CA ARG F 132 25.71 -8.17 41.59
C ARG F 132 25.20 -7.31 40.46
N GLN F 133 25.87 -6.19 40.19
CA GLN F 133 25.63 -5.41 38.99
C GLN F 133 26.94 -5.02 38.34
N TYR F 134 26.95 -5.00 37.01
CA TYR F 134 28.15 -4.71 36.25
C TYR F 134 27.75 -4.16 34.89
N HIS F 135 28.70 -3.50 34.24
CA HIS F 135 28.52 -2.94 32.91
C HIS F 135 29.80 -3.12 32.13
N GLU F 136 29.72 -3.85 31.02
CA GLU F 136 30.88 -4.20 30.22
C GLU F 136 31.35 -2.98 29.41
N GLU F 137 32.64 -2.70 29.48
CA GLU F 137 33.29 -1.64 28.70
C GLU F 137 34.14 -2.30 27.63
N LYS F 138 33.60 -2.41 26.42
CA LYS F 138 34.26 -3.12 25.33
C LYS F 138 35.28 -2.19 24.66
N GLU F 139 36.55 -2.37 25.00
CA GLU F 139 37.63 -1.69 24.30
C GLU F 139 37.85 -2.32 22.94
N THR F 140 38.45 -1.54 22.04
CA THR F 140 38.57 -1.92 20.64
C THR F 140 39.69 -2.96 20.45
N GLY F 141 39.32 -4.23 20.52
CA GLY F 141 40.17 -5.27 19.95
C GLY F 141 40.73 -6.35 20.85
N GLN F 142 41.21 -6.00 22.05
CA GLN F 142 41.99 -6.96 22.83
C GLN F 142 41.44 -7.21 24.24
N LYS F 143 40.99 -6.18 24.94
CA LYS F 143 40.66 -6.30 26.34
C LYS F 143 39.27 -5.74 26.62
N ILE F 144 38.65 -6.24 27.68
CA ILE F 144 37.35 -5.78 28.16
C ILE F 144 37.51 -5.28 29.58
N ASN F 145 37.28 -3.99 29.78
CA ASN F 145 37.20 -3.40 31.11
C ASN F 145 35.86 -3.76 31.75
N ILE F 146 35.88 -3.93 33.06
CA ILE F 146 34.67 -4.27 33.83
C ILE F 146 34.49 -3.26 34.95
N HIS F 147 33.25 -2.82 35.14
CA HIS F 147 32.89 -1.95 36.26
C HIS F 147 31.92 -2.74 37.14
N GLU F 148 32.48 -3.54 38.05
CA GLU F 148 31.71 -4.46 38.87
C GLU F 148 31.48 -3.84 40.24
N TYR F 149 30.22 -3.63 40.59
CA TYR F 149 29.81 -3.12 41.89
C TYR F 149 29.10 -4.21 42.68
N TYR F 150 28.86 -3.91 43.96
CA TYR F 150 28.38 -4.90 44.91
C TYR F 150 27.27 -4.29 45.76
N LEU F 151 26.07 -4.85 45.63
CA LEU F 151 24.93 -4.39 46.42
C LEU F 151 25.02 -4.84 47.88
N GLY F 152 25.38 -6.10 48.10
CA GLY F 152 25.50 -6.59 49.45
C GLY F 152 25.81 -8.07 49.47
N ASN F 153 26.10 -8.57 50.67
CA ASN F 153 26.38 -9.98 50.89
C ASN F 153 25.40 -10.55 51.90
N MET F 154 25.33 -11.88 51.94
CA MET F 154 24.66 -12.60 53.02
C MET F 154 25.51 -13.81 53.38
N LEU F 155 26.22 -13.72 54.50
CA LEU F 155 27.16 -14.75 54.90
C LEU F 155 26.48 -15.80 55.78
N SER F 173 4.59 -9.64 64.75
CA SER F 173 4.23 -9.33 63.36
C SER F 173 2.95 -10.11 63.03
N ASN F 174 1.80 -9.50 63.31
CA ASN F 174 0.52 -10.09 62.97
C ASN F 174 -0.09 -9.51 61.70
N GLU F 175 0.08 -8.21 61.47
CA GLU F 175 -0.36 -7.57 60.23
C GLU F 175 0.74 -7.72 59.20
N ILE F 176 0.43 -8.42 58.10
CA ILE F 176 1.44 -8.70 57.08
C ILE F 176 1.83 -7.41 56.36
N PRO F 177 3.08 -7.23 55.96
CA PRO F 177 3.45 -6.03 55.22
C PRO F 177 2.95 -6.10 53.78
N THR F 178 2.42 -4.96 53.31
CA THR F 178 1.83 -4.87 51.98
C THR F 178 2.35 -3.63 51.28
N LYS F 179 2.84 -3.83 50.06
CA LYS F 179 3.49 -2.78 49.29
C LYS F 179 2.64 -2.45 48.07
N ASN F 180 2.97 -1.35 47.40
CA ASN F 180 2.21 -0.91 46.24
C ASN F 180 3.08 -1.10 44.99
N ILE F 181 2.63 -1.97 44.10
CA ILE F 181 3.20 -2.11 42.77
C ILE F 181 2.06 -1.98 41.76
N GLU F 182 2.29 -1.18 40.72
CA GLU F 182 1.31 -0.91 39.66
C GLU F 182 0.01 -0.33 40.21
N GLY F 183 0.07 0.32 41.38
CA GLY F 183 -1.08 0.97 41.96
C GLY F 183 -1.99 0.09 42.78
N GLN F 184 -1.76 -1.23 42.79
CA GLN F 184 -2.61 -2.15 43.54
C GLN F 184 -1.90 -2.64 44.79
N MET F 185 -2.69 -2.86 45.83
CA MET F 185 -2.14 -3.26 47.13
C MET F 185 -1.93 -4.76 47.18
N THR F 186 -0.70 -5.19 47.47
CA THR F 186 -0.34 -6.59 47.34
C THR F 186 0.73 -6.97 48.36
N PRO F 187 0.53 -8.06 49.08
CA PRO F 187 1.41 -8.37 50.22
C PRO F 187 2.78 -8.82 49.75
N TYR F 188 3.73 -8.78 50.68
CA TYR F 188 5.11 -9.14 50.37
C TYR F 188 5.80 -9.62 51.64
N TYR F 189 6.91 -10.33 51.45
CA TYR F 189 7.75 -10.79 52.55
C TYR F 189 9.09 -10.10 52.43
N PRO F 190 9.48 -9.29 53.41
CA PRO F 190 10.75 -8.57 53.31
C PRO F 190 11.92 -9.33 53.93
N VAL F 191 13.09 -9.15 53.30
CA VAL F 191 14.33 -9.69 53.80
C VAL F 191 15.35 -8.56 53.85
N GLY F 192 16.35 -8.73 54.73
CA GLY F 192 17.33 -7.69 54.93
C GLY F 192 18.77 -8.19 54.94
N MET F 193 19.62 -7.53 54.16
CA MET F 193 21.03 -7.89 54.10
C MET F 193 21.82 -6.66 53.65
N GLY F 194 23.12 -6.69 53.92
CA GLY F 194 24.00 -5.57 53.59
C GLY F 194 25.42 -6.02 53.38
N ASN F 195 26.37 -5.21 53.84
CA ASN F 195 27.81 -5.49 53.76
C ASN F 195 28.25 -5.69 52.31
N GLY F 196 28.10 -4.63 51.52
CA GLY F 196 28.53 -4.61 50.14
C GLY F 196 29.79 -3.80 49.94
N THR F 197 29.92 -3.23 48.74
CA THR F 197 31.02 -2.32 48.49
C THR F 197 30.73 -0.95 49.10
N PRO F 198 31.76 -0.28 49.60
CA PRO F 198 31.56 1.06 50.15
C PRO F 198 31.24 2.07 49.06
N CYS F 199 30.40 3.04 49.41
CA CYS F 199 30.07 4.17 48.55
C CYS F 199 30.62 5.45 49.17
N SER F 200 31.23 6.30 48.33
CA SER F 200 31.86 7.50 48.87
C SER F 200 30.85 8.56 49.27
N LEU F 201 29.64 8.51 48.74
CA LEU F 201 28.64 9.52 49.08
C LEU F 201 27.92 9.22 50.39
N LYS F 202 28.12 8.03 50.96
CA LYS F 202 27.79 7.74 52.34
C LYS F 202 29.03 7.70 53.24
N GLN F 203 30.17 8.16 52.72
CA GLN F 203 31.46 8.16 53.41
C GLN F 203 31.86 6.74 53.83
N ASN F 204 32.04 5.89 52.82
CA ASN F 204 32.56 4.52 52.96
C ASN F 204 31.64 3.67 53.83
N ARG F 205 30.36 3.65 53.46
CA ARG F 205 29.35 2.83 54.12
C ARG F 205 28.90 1.71 53.20
N PRO F 206 29.07 0.45 53.56
CA PRO F 206 28.61 -0.65 52.71
C PRO F 206 27.09 -0.61 52.49
N ARG F 207 26.68 -0.96 51.27
CA ARG F 207 25.30 -0.81 50.86
C ARG F 207 24.42 -1.92 51.44
N SER F 208 23.11 -1.66 51.45
CA SER F 208 22.12 -2.65 51.86
C SER F 208 20.91 -2.57 50.94
N SER F 209 20.21 -3.69 50.79
CA SER F 209 19.05 -3.75 49.91
C SER F 209 18.10 -4.85 50.39
N THR F 210 16.83 -4.69 50.03
CA THR F 210 15.79 -5.65 50.36
C THR F 210 15.29 -6.31 49.08
N VAL F 211 15.18 -7.63 49.09
CA VAL F 211 14.77 -8.40 47.92
C VAL F 211 13.32 -8.83 48.05
N MET F 212 12.53 -8.56 47.00
CA MET F 212 11.08 -8.53 47.05
C MET F 212 10.53 -9.82 46.44
N TYR F 213 9.42 -10.31 47.01
CA TYR F 213 8.79 -11.52 46.48
C TYR F 213 7.34 -11.22 46.11
N ILE F 214 7.00 -11.49 44.85
CA ILE F 214 5.65 -11.33 44.31
C ILE F 214 5.36 -12.52 43.41
N CYS F 215 4.19 -13.13 43.55
CA CYS F 215 3.93 -14.33 42.78
C CYS F 215 3.27 -14.00 41.45
N HIS F 216 3.53 -14.85 40.47
CA HIS F 216 2.96 -14.79 39.13
C HIS F 216 3.05 -16.19 38.53
N PRO F 217 1.94 -16.77 38.08
CA PRO F 217 1.99 -18.15 37.56
C PRO F 217 2.81 -18.29 36.28
N GLU F 218 3.06 -17.20 35.57
CA GLU F 218 3.85 -17.22 34.33
C GLU F 218 5.24 -16.66 34.53
N SER F 219 5.78 -16.73 35.75
CA SER F 219 7.05 -16.14 36.10
C SER F 219 8.14 -17.21 36.17
N LYS F 220 9.36 -16.81 35.86
CA LYS F 220 10.52 -17.70 35.86
C LYS F 220 11.69 -17.06 36.58
N HIS F 221 11.42 -16.53 37.79
CA HIS F 221 12.43 -15.94 38.66
C HIS F 221 13.16 -14.77 37.97
N GLU F 222 12.38 -13.92 37.32
CA GLU F 222 12.90 -12.77 36.60
C GLU F 222 12.65 -11.50 37.40
N ILE F 223 13.27 -10.42 36.93
CA ILE F 223 13.19 -9.12 37.60
C ILE F 223 12.15 -8.27 36.89
N LEU F 224 11.17 -7.79 37.65
CA LEU F 224 10.18 -6.87 37.08
C LEU F 224 10.75 -5.48 36.87
N SER F 225 11.27 -4.87 37.94
CA SER F 225 11.80 -3.52 37.86
C SER F 225 12.94 -3.39 38.85
N VAL F 226 13.62 -2.24 38.79
CA VAL F 226 14.70 -1.90 39.70
C VAL F 226 14.46 -0.50 40.24
N ALA F 227 14.66 -0.33 41.55
CA ALA F 227 14.39 0.94 42.20
C ALA F 227 15.39 1.16 43.32
N GLU F 228 15.48 2.41 43.77
CA GLU F 228 16.29 2.76 44.93
C GLU F 228 15.57 3.87 45.69
N VAL F 229 15.76 3.89 47.01
CA VAL F 229 15.03 4.81 47.87
C VAL F 229 15.95 5.94 48.32
N THR F 230 17.24 5.64 48.42
CA THR F 230 18.24 6.66 48.71
C THR F 230 19.54 6.27 48.01
N THR F 231 20.56 7.10 48.17
CA THR F 231 21.84 6.84 47.54
C THR F 231 22.48 5.59 48.14
N CYS F 232 22.94 4.70 47.25
CA CYS F 232 23.60 3.43 47.62
C CYS F 232 22.69 2.55 48.49
N GLU F 233 21.38 2.74 48.37
CA GLU F 233 20.42 1.82 48.97
C GLU F 233 19.30 1.57 47.96
N TYR F 234 19.15 0.31 47.57
CA TYR F 234 18.35 -0.06 46.40
C TYR F 234 17.21 -0.98 46.82
N GLU F 235 16.38 -1.33 45.84
CA GLU F 235 15.25 -2.21 46.04
C GLU F 235 15.02 -2.98 44.75
N VAL F 236 15.04 -4.31 44.81
CA VAL F 236 14.98 -5.14 43.62
C VAL F 236 13.78 -6.07 43.72
N VAL F 237 12.97 -6.10 42.66
CA VAL F 237 11.66 -6.74 42.67
C VAL F 237 11.77 -8.01 41.85
N ILE F 238 11.47 -9.15 42.47
CA ILE F 238 11.65 -10.46 41.87
C ILE F 238 10.30 -11.15 41.80
N LEU F 239 10.00 -11.76 40.67
CA LEU F 239 8.74 -12.47 40.46
C LEU F 239 9.00 -13.97 40.54
N THR F 240 8.58 -14.59 41.65
CA THR F 240 8.75 -16.01 41.88
C THR F 240 7.40 -16.69 41.84
N PRO F 241 7.28 -17.87 41.21
CA PRO F 241 5.95 -18.46 40.98
C PRO F 241 5.42 -19.36 42.09
N LEU F 242 6.22 -19.72 43.08
CA LEU F 242 5.80 -20.76 44.02
C LEU F 242 5.10 -20.24 45.27
N LEU F 243 5.31 -18.98 45.68
CA LEU F 243 4.92 -18.65 47.04
C LEU F 243 3.43 -18.31 47.19
N CYS F 244 2.73 -18.03 46.10
CA CYS F 244 1.34 -17.60 46.14
C CYS F 244 0.38 -18.71 46.55
N SER F 245 0.84 -19.97 46.57
CA SER F 245 -0.05 -21.08 46.90
C SER F 245 -0.52 -21.01 48.34
N HIS F 246 0.24 -20.37 49.21
CA HIS F 246 -0.25 -20.06 50.54
C HIS F 246 -1.28 -18.94 50.42
N PRO F 247 -2.46 -19.06 51.04
CA PRO F 247 -3.55 -18.13 50.71
C PRO F 247 -3.26 -16.67 51.04
N LYS F 248 -2.53 -16.40 52.12
CA LYS F 248 -2.30 -15.02 52.53
C LYS F 248 -1.35 -14.30 51.60
N TYR F 249 -0.43 -15.02 50.97
CA TYR F 249 0.50 -14.45 49.99
C TYR F 249 -0.02 -14.54 48.56
N ARG F 250 -1.20 -15.11 48.34
CA ARG F 250 -1.77 -15.17 47.01
C ARG F 250 -2.14 -13.77 46.50
N PHE F 251 -2.15 -13.62 45.18
CA PHE F 251 -2.50 -12.35 44.57
C PHE F 251 -3.95 -11.99 44.90
N ARG F 252 -4.17 -10.74 45.29
CA ARG F 252 -5.49 -10.29 45.74
C ARG F 252 -6.34 -10.04 44.50
N ALA F 253 -7.06 -11.06 44.08
CA ALA F 253 -8.03 -10.95 43.00
C ALA F 253 -9.43 -10.80 43.61
N SER F 254 -10.18 -9.83 43.10
CA SER F 254 -11.53 -9.63 43.63
C SER F 254 -12.43 -10.81 43.25
N PRO F 255 -13.28 -11.27 44.17
CA PRO F 255 -14.25 -12.31 43.81
C PRO F 255 -15.23 -11.82 42.76
N VAL F 256 -15.61 -12.71 41.86
CA VAL F 256 -16.54 -12.36 40.80
C VAL F 256 -17.92 -12.21 41.40
N ASN F 257 -18.57 -11.08 41.13
CA ASN F 257 -19.94 -10.85 41.56
C ASN F 257 -20.85 -11.35 40.46
N ASP F 258 -21.73 -12.31 40.79
CA ASP F 258 -22.49 -13.01 39.76
C ASP F 258 -23.89 -12.43 39.66
N ILE F 259 -24.24 -12.00 38.45
CA ILE F 259 -25.59 -11.57 38.11
C ILE F 259 -26.28 -12.68 37.31
N PHE F 260 -27.44 -13.13 37.79
CA PHE F 260 -28.19 -14.21 37.14
C PHE F 260 -29.44 -13.64 36.48
N CYS F 261 -29.70 -14.07 35.24
CA CYS F 261 -30.85 -13.61 34.47
C CYS F 261 -31.79 -14.80 34.39
N GLN F 262 -33.02 -14.60 34.87
CA GLN F 262 -34.00 -15.68 34.87
C GLN F 262 -34.77 -15.70 33.56
N SER F 263 -35.05 -16.91 33.09
CA SER F 263 -35.79 -17.10 31.86
C SER F 263 -37.27 -17.31 32.19
N LEU F 264 -38.11 -16.38 31.75
CA LEU F 264 -39.54 -16.52 31.92
C LEU F 264 -40.05 -17.56 30.93
N PRO F 265 -40.93 -18.47 31.38
CA PRO F 265 -41.30 -19.61 30.52
C PRO F 265 -42.07 -19.21 29.27
N GLY F 266 -41.92 -20.02 28.23
CA GLY F 266 -42.28 -19.63 26.89
C GLY F 266 -41.12 -19.10 26.08
N SER F 267 -39.94 -19.00 26.67
CA SER F 267 -38.70 -18.55 26.05
C SER F 267 -37.61 -19.56 26.33
N PRO F 268 -36.56 -19.64 25.52
CA PRO F 268 -35.45 -20.56 25.83
C PRO F 268 -34.76 -20.14 27.11
N PHE F 269 -33.95 -21.03 27.67
CA PHE F 269 -33.33 -20.75 28.97
C PHE F 269 -32.32 -19.60 28.84
N LYS F 270 -31.87 -19.33 27.61
CA LYS F 270 -30.87 -18.35 27.27
C LYS F 270 -31.01 -17.90 25.82
N PRO F 271 -30.84 -16.60 25.54
CA PRO F 271 -31.36 -16.00 24.32
C PRO F 271 -30.88 -16.69 23.05
N LEU F 272 -31.76 -16.72 22.04
CA LEU F 272 -31.49 -17.52 20.86
C LEU F 272 -30.36 -16.94 20.02
N THR F 273 -29.96 -15.69 20.30
CA THR F 273 -28.92 -15.10 19.47
C THR F 273 -27.55 -15.70 19.74
N LEU F 274 -27.09 -15.72 20.99
CA LEU F 274 -25.70 -16.11 21.20
C LEU F 274 -25.55 -17.64 21.17
N ARG F 275 -26.63 -18.37 20.83
CA ARG F 275 -26.48 -19.81 20.53
C ARG F 275 -25.61 -19.99 19.32
N GLN F 276 -25.99 -19.35 18.21
CA GLN F 276 -25.20 -19.48 16.99
C GLN F 276 -23.88 -18.74 17.14
N LEU F 277 -23.86 -17.71 17.99
CA LEU F 277 -22.62 -17.00 18.26
C LEU F 277 -21.67 -17.92 19.02
N GLU F 278 -22.23 -18.72 19.93
CA GLU F 278 -21.47 -19.79 20.56
C GLU F 278 -21.06 -20.85 19.53
N GLN F 279 -21.93 -21.19 18.57
CA GLN F 279 -21.49 -22.11 17.54
C GLN F 279 -20.48 -21.43 16.61
N GLN F 280 -20.57 -20.10 16.50
CA GLN F 280 -19.64 -19.36 15.62
C GLN F 280 -18.20 -19.38 16.11
N GLU F 281 -17.95 -19.25 17.41
CA GLU F 281 -16.56 -19.30 17.86
C GLU F 281 -16.05 -20.73 17.87
N GLU F 282 -16.92 -21.72 18.13
CA GLU F 282 -16.44 -23.09 18.22
C GLU F 282 -15.99 -23.65 16.87
N ILE F 283 -16.36 -23.00 15.76
CA ILE F 283 -15.85 -23.43 14.47
C ILE F 283 -14.67 -22.56 14.02
N LEU F 284 -14.48 -21.41 14.66
CA LEU F 284 -13.21 -20.69 14.54
C LEU F 284 -12.41 -20.81 15.83
N MET G 1 3.60 9.87 -69.99
CA MET G 1 3.26 9.48 -68.63
C MET G 1 4.30 8.53 -68.05
N PHE G 2 5.55 8.66 -68.54
CA PHE G 2 6.63 7.82 -68.03
C PHE G 2 6.94 8.15 -66.58
N ARG G 3 6.88 9.44 -66.23
CA ARG G 3 7.14 9.85 -64.84
C ARG G 3 6.01 9.36 -63.92
N THR G 4 4.79 9.29 -64.45
CA THR G 4 3.67 8.82 -63.64
C THR G 4 3.82 7.35 -63.28
N ALA G 5 4.25 6.53 -64.24
CA ALA G 5 4.49 5.12 -63.93
C ALA G 5 5.71 4.95 -63.04
N VAL G 6 6.62 5.93 -63.08
CA VAL G 6 7.81 5.88 -62.22
C VAL G 6 7.41 6.06 -60.77
N MET G 7 6.49 7.01 -60.52
CA MET G 7 6.00 7.26 -59.17
C MET G 7 5.20 6.07 -58.65
N MET G 8 4.47 5.40 -59.55
CA MET G 8 3.65 4.27 -59.12
C MET G 8 4.52 3.04 -58.83
N ALA G 9 5.50 2.78 -59.69
CA ALA G 9 6.31 1.57 -59.53
C ALA G 9 7.22 1.68 -58.32
N ALA G 10 7.77 2.88 -58.09
CA ALA G 10 8.61 3.10 -56.91
C ALA G 10 7.79 2.99 -55.63
N SER G 11 6.53 3.44 -55.68
CA SER G 11 5.68 3.36 -54.50
C SER G 11 5.20 1.93 -54.27
N LEU G 12 4.91 1.21 -55.36
CA LEU G 12 4.50 -0.19 -55.23
C LEU G 12 5.63 -1.03 -54.66
N ALA G 13 6.87 -0.74 -55.05
CA ALA G 13 8.02 -1.43 -54.48
C ALA G 13 8.28 -0.96 -53.05
N LEU G 14 7.66 0.15 -52.65
CA LEU G 14 7.78 0.61 -51.27
C LEU G 14 6.74 -0.08 -50.39
N THR G 15 5.51 -0.19 -50.90
CA THR G 15 4.49 -0.96 -50.18
C THR G 15 4.78 -2.45 -50.30
N GLY G 16 5.44 -2.84 -51.39
CA GLY G 16 5.90 -4.22 -51.51
C GLY G 16 6.99 -4.58 -50.52
N ALA G 17 7.79 -3.58 -50.11
CA ALA G 17 8.77 -3.82 -49.05
C ALA G 17 8.14 -3.87 -47.66
N VAL G 18 7.14 -3.05 -47.38
CA VAL G 18 6.56 -3.03 -46.03
C VAL G 18 5.78 -4.31 -45.76
N VAL G 19 4.98 -4.76 -46.74
CA VAL G 19 4.22 -5.98 -46.55
C VAL G 19 5.12 -7.20 -46.57
N ALA G 20 6.36 -7.05 -47.04
CA ALA G 20 7.32 -8.14 -46.92
C ALA G 20 8.05 -8.06 -45.59
N HIS G 21 8.18 -6.87 -45.03
CA HIS G 21 8.82 -6.71 -43.72
C HIS G 21 7.92 -7.25 -42.62
N ALA G 22 6.61 -7.00 -42.74
CA ALA G 22 5.64 -7.42 -41.74
C ALA G 22 5.42 -8.93 -41.79
N TYR G 23 5.49 -9.49 -42.99
CA TYR G 23 5.34 -10.92 -43.17
C TYR G 23 6.49 -11.69 -42.54
N TYR G 24 7.72 -11.16 -42.60
CA TYR G 24 8.85 -11.87 -42.02
C TYR G 24 8.78 -11.98 -40.49
N LEU G 25 8.18 -11.02 -39.78
CA LEU G 25 8.09 -11.21 -38.33
C LEU G 25 6.99 -12.22 -37.99
N LYS G 26 5.77 -11.94 -38.40
CA LYS G 26 4.62 -12.79 -38.11
C LYS G 26 4.27 -13.55 -39.39
N HIS G 27 4.56 -14.84 -39.40
CA HIS G 27 4.51 -15.64 -40.62
C HIS G 27 3.09 -15.93 -41.09
N GLN G 28 2.09 -15.70 -40.24
CA GLN G 28 0.73 -16.08 -40.56
C GLN G 28 -0.05 -14.90 -41.13
N PHE G 29 -1.22 -15.21 -41.70
CA PHE G 29 -2.05 -14.20 -42.35
C PHE G 29 -2.53 -13.15 -41.35
N TYR G 30 -3.34 -13.58 -40.39
CA TYR G 30 -4.00 -12.63 -39.49
C TYR G 30 -3.06 -11.77 -38.65
N PRO G 31 -1.95 -12.27 -38.09
CA PRO G 31 -1.07 -11.34 -37.38
C PRO G 31 -0.31 -10.38 -38.28
N THR G 32 -0.13 -10.71 -39.57
CA THR G 32 0.51 -9.78 -40.49
C THR G 32 -0.35 -8.54 -40.71
N VAL G 33 -1.62 -8.74 -41.05
CA VAL G 33 -2.53 -7.63 -41.30
C VAL G 33 -2.79 -6.83 -40.02
N VAL G 34 -2.76 -7.50 -38.86
CA VAL G 34 -2.84 -6.79 -37.59
C VAL G 34 -1.62 -5.92 -37.36
N TYR G 35 -0.42 -6.45 -37.66
CA TYR G 35 0.79 -5.68 -37.36
C TYR G 35 0.94 -4.49 -38.28
N LEU G 36 0.50 -4.62 -39.54
CA LEU G 36 0.49 -3.49 -40.44
C LEU G 36 -0.47 -2.40 -39.96
N THR G 37 -1.58 -2.83 -39.33
CA THR G 37 -2.56 -1.87 -38.82
C THR G 37 -2.04 -1.05 -37.64
N LYS G 38 -1.44 -1.68 -36.64
CA LYS G 38 -1.03 -0.96 -35.44
C LYS G 38 0.23 -0.10 -35.59
N SER G 39 1.24 -0.59 -36.31
CA SER G 39 2.51 0.12 -36.32
C SER G 39 2.46 1.38 -37.17
N SER G 40 2.85 2.50 -36.55
CA SER G 40 2.79 3.82 -37.18
C SER G 40 3.51 3.95 -38.51
N PRO G 41 4.73 3.41 -38.71
CA PRO G 41 5.33 3.50 -40.06
C PRO G 41 4.62 2.70 -41.12
N SER G 42 4.18 1.48 -40.84
CA SER G 42 3.51 0.70 -41.89
C SER G 42 2.19 1.33 -42.29
N MET G 43 1.53 2.03 -41.37
CA MET G 43 0.28 2.70 -41.73
C MET G 43 0.51 3.90 -42.65
N ALA G 44 1.64 4.60 -42.49
CA ALA G 44 1.82 5.82 -43.27
C ALA G 44 2.11 5.54 -44.74
N VAL G 45 2.84 4.45 -45.03
CA VAL G 45 3.04 4.10 -46.44
C VAL G 45 1.72 3.72 -47.11
N LEU G 46 0.87 2.97 -46.41
CA LEU G 46 -0.46 2.67 -46.91
C LEU G 46 -1.32 3.93 -47.02
N TYR G 47 -1.12 4.87 -46.09
CA TYR G 47 -1.68 6.21 -46.26
C TYR G 47 -1.13 6.87 -47.51
N ILE G 48 0.18 6.74 -47.74
CA ILE G 48 0.82 7.35 -48.90
C ILE G 48 0.38 6.62 -50.17
N GLN G 49 0.27 5.29 -50.10
CA GLN G 49 -0.16 4.51 -51.27
C GLN G 49 -1.58 4.88 -51.70
N ALA G 50 -2.51 4.94 -50.74
CA ALA G 50 -3.90 5.21 -51.10
C ALA G 50 -4.08 6.61 -51.68
N PHE G 51 -3.26 7.58 -51.27
CA PHE G 51 -3.32 8.90 -51.87
C PHE G 51 -2.82 8.86 -53.31
N VAL G 52 -1.88 7.97 -53.60
CA VAL G 52 -1.38 7.82 -54.96
C VAL G 52 -2.43 7.16 -55.85
N LEU G 53 -3.10 6.13 -55.33
CA LEU G 53 -4.12 5.43 -56.10
C LEU G 53 -5.28 6.34 -56.47
N VAL G 54 -5.72 7.17 -55.53
CA VAL G 54 -6.80 8.11 -55.81
C VAL G 54 -6.32 9.24 -56.72
N PHE G 55 -5.01 9.54 -56.67
CA PHE G 55 -4.44 10.52 -57.59
C PHE G 55 -4.51 10.02 -59.02
N LEU G 56 -4.14 8.76 -59.24
CA LEU G 56 -4.29 8.15 -60.56
C LEU G 56 -5.76 7.96 -60.91
N LEU G 57 -6.59 7.63 -59.92
CA LEU G 57 -8.01 7.45 -60.16
C LEU G 57 -8.69 8.76 -60.56
N GLY G 58 -8.27 9.87 -59.93
CA GLY G 58 -8.83 11.16 -60.29
C GLY G 58 -8.45 11.59 -61.69
N LYS G 59 -7.21 11.30 -62.10
CA LYS G 59 -6.77 11.68 -63.43
C LYS G 59 -7.43 10.81 -64.49
N VAL G 60 -7.59 9.52 -64.21
CA VAL G 60 -8.33 8.63 -65.11
C VAL G 60 -9.80 9.04 -65.19
N MET G 61 -10.40 9.40 -64.05
CA MET G 61 -11.71 10.04 -64.07
C MET G 61 -11.69 11.34 -64.85
N GLY G 62 -10.65 12.16 -64.64
CA GLY G 62 -10.55 13.41 -65.37
C GLY G 62 -10.27 13.21 -66.85
N LYS G 63 -9.70 12.06 -67.21
CA LYS G 63 -9.45 11.76 -68.61
C LYS G 63 -10.75 11.43 -69.35
N VAL G 64 -11.57 10.58 -68.76
CA VAL G 64 -12.72 9.99 -69.45
C VAL G 64 -13.86 11.00 -69.58
N PHE G 65 -14.18 11.69 -68.48
CA PHE G 65 -15.35 12.55 -68.44
C PHE G 65 -15.02 13.99 -68.85
N PHE G 66 -13.75 14.26 -69.11
CA PHE G 66 -13.29 15.59 -69.53
C PHE G 66 -12.25 15.40 -70.63
N GLY G 67 -12.61 15.78 -71.85
CA GLY G 67 -11.75 15.48 -73.00
C GLY G 67 -10.42 16.20 -72.95
N GLN G 68 -10.44 17.49 -72.65
CA GLN G 68 -9.21 18.27 -72.59
C GLN G 68 -9.41 19.48 -71.68
N LEU G 69 -8.43 19.72 -70.81
CA LEU G 69 -8.46 20.87 -69.92
C LEU G 69 -8.10 22.13 -70.70
N ARG G 70 -8.74 23.25 -70.34
CA ARG G 70 -8.54 24.51 -71.02
C ARG G 70 -7.35 25.30 -70.47
N ALA G 71 -6.54 24.67 -69.61
CA ALA G 71 -5.32 25.27 -69.05
C ALA G 71 -5.58 26.56 -68.29
N ALA G 72 -6.79 26.69 -67.72
CA ALA G 72 -7.10 27.84 -66.89
C ALA G 72 -7.93 27.48 -65.67
N GLU G 73 -8.08 26.19 -65.36
CA GLU G 73 -8.91 25.75 -64.24
C GLU G 73 -8.17 24.85 -63.26
N MET G 74 -6.96 24.40 -63.58
CA MET G 74 -6.23 23.51 -62.68
C MET G 74 -5.82 24.23 -61.40
N GLU G 75 -5.46 25.51 -61.50
CA GLU G 75 -5.25 26.31 -60.30
C GLU G 75 -6.55 26.51 -59.53
N HIS G 76 -7.66 26.70 -60.25
CA HIS G 76 -8.98 26.71 -59.60
C HIS G 76 -9.32 25.35 -59.01
N LEU G 77 -8.78 24.27 -59.59
CA LEU G 77 -8.87 22.97 -58.94
C LEU G 77 -7.96 22.88 -57.72
N LEU G 78 -6.88 23.67 -57.72
CA LEU G 78 -5.86 23.49 -56.68
C LEU G 78 -6.25 24.20 -55.40
N GLU G 79 -6.74 25.44 -55.51
CA GLU G 79 -7.01 26.25 -54.31
C GLU G 79 -8.25 25.75 -53.59
N ARG G 80 -9.26 25.30 -54.33
CA ARG G 80 -10.46 24.77 -53.68
C ARG G 80 -10.20 23.41 -53.05
N SER G 81 -9.15 22.71 -53.51
CA SER G 81 -8.79 21.45 -52.90
C SER G 81 -8.20 21.67 -51.50
N TRP G 82 -7.27 22.60 -51.39
CA TRP G 82 -6.59 22.86 -50.11
C TRP G 82 -7.44 23.74 -49.21
N TYR G 83 -8.57 24.25 -49.72
CA TYR G 83 -9.64 24.68 -48.84
C TYR G 83 -10.37 23.49 -48.23
N ALA G 84 -10.68 22.47 -49.05
CA ALA G 84 -11.46 21.35 -48.57
C ALA G 84 -10.62 20.40 -47.73
N VAL G 85 -9.37 20.17 -48.13
CA VAL G 85 -8.51 19.24 -47.40
C VAL G 85 -8.04 19.86 -46.09
N THR G 86 -8.01 21.18 -46.01
CA THR G 86 -7.84 21.83 -44.71
C THR G 86 -9.13 21.84 -43.90
N GLU G 87 -10.28 21.83 -44.59
CA GLU G 87 -11.55 21.80 -43.87
C GLU G 87 -11.74 20.47 -43.13
N THR G 88 -11.39 19.37 -43.80
CA THR G 88 -11.68 18.05 -43.23
C THR G 88 -10.79 17.74 -42.03
N CYS G 89 -9.51 18.12 -42.12
CA CYS G 89 -8.58 17.86 -41.02
C CYS G 89 -8.89 18.76 -39.82
N LEU G 90 -9.37 19.97 -40.07
CA LEU G 90 -9.71 20.87 -38.96
C LEU G 90 -10.91 20.35 -38.18
N ALA G 91 -11.91 19.82 -38.88
CA ALA G 91 -13.03 19.16 -38.21
C ALA G 91 -12.58 17.88 -37.51
N PHE G 92 -11.64 17.16 -38.12
CA PHE G 92 -11.12 15.94 -37.50
C PHE G 92 -10.27 16.26 -36.28
N THR G 93 -9.47 17.33 -36.35
CA THR G 93 -8.68 17.73 -35.18
C THR G 93 -9.53 18.48 -34.16
N VAL G 94 -10.82 18.65 -34.43
CA VAL G 94 -11.72 19.22 -33.43
C VAL G 94 -12.53 18.15 -32.73
N PHE G 95 -13.08 17.19 -33.49
CA PHE G 95 -14.09 16.27 -32.99
C PHE G 95 -13.52 15.14 -32.15
N ARG G 96 -12.18 15.00 -32.09
CA ARG G 96 -11.51 13.92 -31.39
C ARG G 96 -11.96 12.56 -31.89
N ASP G 97 -12.10 12.45 -33.21
CA ASP G 97 -12.44 11.18 -33.85
C ASP G 97 -11.29 10.19 -33.88
N ASP G 98 -10.05 10.66 -33.71
CA ASP G 98 -8.83 9.87 -33.64
C ASP G 98 -8.49 9.16 -34.95
N PHE G 99 -7.23 8.75 -35.09
CA PHE G 99 -6.77 8.10 -36.31
C PHE G 99 -7.25 6.65 -36.32
N SER G 100 -8.21 6.36 -37.19
CA SER G 100 -8.75 5.01 -37.36
C SER G 100 -8.89 4.73 -38.85
N PRO G 101 -8.65 3.49 -39.28
CA PRO G 101 -8.72 3.19 -40.72
C PRO G 101 -10.13 2.92 -41.22
N ARG G 102 -11.09 3.73 -40.77
CA ARG G 102 -12.45 3.67 -41.27
C ARG G 102 -13.05 5.03 -41.60
N PHE G 103 -12.52 6.12 -41.04
CA PHE G 103 -13.01 7.46 -41.31
C PHE G 103 -12.01 8.35 -42.03
N VAL G 104 -10.72 7.99 -42.02
CA VAL G 104 -9.71 8.75 -42.75
C VAL G 104 -9.99 8.69 -44.25
N ALA G 105 -10.52 7.58 -44.74
CA ALA G 105 -11.02 7.51 -46.11
C ALA G 105 -12.16 8.50 -46.35
N LEU G 106 -13.12 8.59 -45.43
CA LEU G 106 -14.35 9.35 -45.67
C LEU G 106 -14.08 10.83 -45.87
N PHE G 107 -13.08 11.38 -45.17
CA PHE G 107 -12.67 12.75 -45.43
C PHE G 107 -12.00 12.89 -46.78
N THR G 108 -11.26 11.87 -47.22
CA THR G 108 -10.56 11.95 -48.49
C THR G 108 -11.52 11.79 -49.67
N LEU G 109 -12.52 10.92 -49.54
CA LEU G 109 -13.60 10.88 -50.51
C LEU G 109 -14.41 12.17 -50.51
N LEU G 110 -14.55 12.80 -49.34
CA LEU G 110 -15.13 14.14 -49.30
C LEU G 110 -14.26 15.15 -50.03
N LEU G 111 -12.94 15.06 -49.86
CA LEU G 111 -12.03 15.88 -50.65
C LEU G 111 -12.07 15.51 -52.12
N PHE G 112 -12.20 14.20 -52.42
CA PHE G 112 -12.34 13.76 -53.81
C PHE G 112 -13.56 14.37 -54.48
N LEU G 113 -14.76 14.16 -53.90
CA LEU G 113 -15.99 14.56 -54.56
C LEU G 113 -16.06 16.07 -54.77
N LYS G 114 -15.68 16.85 -53.74
CA LYS G 114 -15.84 18.29 -53.77
C LYS G 114 -15.07 18.95 -54.91
N CYS G 115 -13.93 18.36 -55.31
CA CYS G 115 -13.17 18.90 -56.43
C CYS G 115 -13.94 18.79 -57.74
N PHE G 116 -14.64 17.66 -57.95
CA PHE G 116 -15.31 17.45 -59.23
C PHE G 116 -16.58 18.27 -59.34
N HIS G 117 -17.21 18.63 -58.22
CA HIS G 117 -18.25 19.64 -58.27
C HIS G 117 -17.70 21.00 -58.67
N TRP G 118 -16.48 21.33 -58.26
CA TRP G 118 -15.80 22.51 -58.80
C TRP G 118 -15.46 22.33 -60.26
N LEU G 119 -15.00 21.13 -60.65
CA LEU G 119 -14.74 20.83 -62.05
C LEU G 119 -16.01 20.73 -62.88
N ALA G 120 -17.16 20.49 -62.24
CA ALA G 120 -18.42 20.61 -62.96
C ALA G 120 -18.74 22.06 -63.31
N GLU G 121 -18.60 22.97 -62.34
CA GLU G 121 -19.10 24.32 -62.55
C GLU G 121 -18.21 25.13 -63.48
N ASP G 122 -16.89 24.92 -63.40
CA ASP G 122 -15.98 25.57 -64.33
C ASP G 122 -16.18 25.08 -65.76
N ARG G 123 -16.61 23.83 -65.93
CA ARG G 123 -16.90 23.31 -67.27
C ARG G 123 -18.19 23.89 -67.81
N VAL G 124 -19.10 24.30 -66.93
CA VAL G 124 -20.38 24.85 -67.39
C VAL G 124 -20.30 26.36 -67.58
N ASP G 125 -19.34 27.04 -66.95
CA ASP G 125 -19.11 28.44 -67.29
C ASP G 125 -18.38 28.57 -68.62
N PHE G 126 -17.48 27.63 -68.92
CA PHE G 126 -16.92 27.56 -70.27
C PHE G 126 -17.96 27.16 -71.30
N MET G 127 -18.95 26.36 -70.90
CA MET G 127 -20.08 26.05 -71.77
C MET G 127 -20.92 27.28 -72.10
N GLU G 128 -20.98 28.26 -71.18
CA GLU G 128 -21.74 29.47 -71.44
C GLU G 128 -21.13 30.32 -72.54
N ARG G 129 -19.83 30.15 -72.82
CA ARG G 129 -19.16 30.84 -73.92
C ARG G 129 -18.57 29.86 -74.93
N SER G 130 -19.15 28.67 -75.06
CA SER G 130 -18.67 27.69 -76.01
C SER G 130 -19.56 27.72 -77.24
N PRO G 131 -19.06 28.13 -78.41
CA PRO G 131 -19.89 28.15 -79.61
C PRO G 131 -19.87 26.88 -80.42
N ASN G 132 -19.00 25.92 -80.10
CA ASN G 132 -18.88 24.66 -80.85
C ASN G 132 -18.75 23.52 -79.84
N ILE G 133 -19.89 22.95 -79.47
CA ILE G 133 -19.95 21.79 -78.58
C ILE G 133 -20.79 20.73 -79.24
N SER G 134 -20.27 19.51 -79.31
CA SER G 134 -20.98 18.42 -79.97
C SER G 134 -21.96 17.77 -79.00
N TRP G 135 -22.78 16.85 -79.53
CA TRP G 135 -23.74 16.17 -78.67
C TRP G 135 -23.07 15.17 -77.74
N LEU G 136 -21.91 14.63 -78.14
CA LEU G 136 -21.17 13.74 -77.26
C LEU G 136 -20.65 14.45 -76.02
N PHE G 137 -20.28 15.72 -76.14
CA PHE G 137 -19.92 16.52 -74.97
C PHE G 137 -21.13 16.75 -74.06
N HIS G 138 -22.27 17.14 -74.66
CA HIS G 138 -23.43 17.50 -73.85
C HIS G 138 -24.08 16.28 -73.19
N CYS G 139 -24.21 15.18 -73.94
CA CYS G 139 -24.90 14.01 -73.42
C CYS G 139 -24.07 13.17 -72.46
N ARG G 140 -22.77 13.44 -72.32
CA ARG G 140 -21.93 12.66 -71.41
C ARG G 140 -21.61 13.37 -70.11
N ILE G 141 -21.66 14.71 -70.08
CA ILE G 141 -21.41 15.41 -68.83
C ILE G 141 -22.66 15.42 -67.96
N VAL G 142 -23.82 15.29 -68.59
CA VAL G 142 -25.07 15.20 -67.83
C VAL G 142 -25.15 13.89 -67.06
N SER G 143 -24.55 12.83 -67.61
CA SER G 143 -24.42 11.57 -66.89
C SER G 143 -23.55 11.71 -65.63
N LEU G 144 -22.41 12.39 -65.76
CA LEU G 144 -21.60 12.71 -64.59
C LEU G 144 -22.32 13.64 -63.62
N MET G 145 -23.06 14.61 -64.16
CA MET G 145 -23.92 15.47 -63.34
C MET G 145 -24.94 14.66 -62.55
N PHE G 146 -25.43 13.56 -63.11
CA PHE G 146 -26.49 12.80 -62.46
C PHE G 146 -25.93 11.69 -61.57
N LEU G 147 -24.83 11.06 -61.99
CA LEU G 147 -24.43 9.80 -61.35
C LEU G 147 -23.76 10.04 -60.00
N LEU G 148 -22.79 10.96 -59.96
CA LEU G 148 -22.20 11.34 -58.68
C LEU G 148 -23.14 12.19 -57.84
N GLY G 149 -24.22 12.69 -58.46
CA GLY G 149 -25.26 13.36 -57.70
C GLY G 149 -26.00 12.42 -56.77
N ILE G 150 -26.36 11.24 -57.26
CA ILE G 150 -27.16 10.30 -56.47
C ILE G 150 -26.27 9.50 -55.52
N LEU G 151 -25.06 9.16 -55.97
CA LEU G 151 -24.13 8.42 -55.11
C LEU G 151 -23.74 9.22 -53.87
N ASP G 152 -23.58 10.53 -54.02
CA ASP G 152 -23.45 11.39 -52.85
C ASP G 152 -24.73 11.41 -52.02
N PHE G 153 -25.88 11.43 -52.69
CA PHE G 153 -27.16 11.55 -51.98
C PHE G 153 -27.50 10.28 -51.20
N LEU G 154 -27.20 9.11 -51.79
CA LEU G 154 -27.48 7.85 -51.09
C LEU G 154 -26.50 7.62 -49.95
N PHE G 155 -25.27 8.13 -50.08
CA PHE G 155 -24.32 8.04 -48.98
C PHE G 155 -24.68 9.03 -47.87
N VAL G 156 -25.25 10.18 -48.25
CA VAL G 156 -25.85 11.08 -47.28
C VAL G 156 -27.03 10.40 -46.56
N SER G 157 -27.87 9.69 -47.33
CA SER G 157 -28.95 8.91 -46.70
C SER G 157 -28.41 7.77 -45.83
N HIS G 158 -27.25 7.22 -46.20
CA HIS G 158 -26.62 6.22 -45.34
C HIS G 158 -26.14 6.86 -44.04
N ALA G 159 -25.76 8.14 -44.10
CA ALA G 159 -25.10 8.77 -42.96
C ALA G 159 -26.11 9.36 -42.00
N TYR G 160 -27.15 10.01 -42.53
CA TYR G 160 -28.07 10.79 -41.70
C TYR G 160 -28.99 9.89 -40.87
N HIS G 161 -29.17 8.63 -41.28
CA HIS G 161 -29.87 7.69 -40.41
C HIS G 161 -28.90 6.96 -39.48
N SER G 162 -27.61 7.03 -39.78
CA SER G 162 -26.61 6.51 -38.84
C SER G 162 -26.47 7.45 -37.64
N ILE G 163 -26.51 8.76 -37.91
CA ILE G 163 -26.44 9.78 -36.86
C ILE G 163 -27.73 9.81 -36.06
N LEU G 164 -28.86 9.51 -36.71
CA LEU G 164 -30.15 9.57 -36.03
C LEU G 164 -30.35 8.36 -35.12
N THR G 165 -29.83 7.21 -35.51
CA THR G 165 -30.07 5.99 -34.76
C THR G 165 -28.97 5.71 -33.74
N ARG G 166 -27.97 6.59 -33.65
CA ARG G 166 -26.89 6.47 -32.67
C ARG G 166 -26.86 7.66 -31.73
N GLY G 167 -26.84 8.88 -32.26
CA GLY G 167 -26.80 10.11 -31.50
C GLY G 167 -25.86 11.10 -32.13
N ALA G 168 -25.58 12.18 -31.39
CA ALA G 168 -24.72 13.24 -31.90
C ALA G 168 -23.26 12.76 -31.91
N SER G 169 -22.67 12.68 -33.09
CA SER G 169 -21.30 12.20 -33.24
C SER G 169 -20.67 12.90 -34.44
N VAL G 170 -19.55 12.35 -34.91
CA VAL G 170 -18.81 12.93 -36.04
C VAL G 170 -19.56 12.80 -37.35
N GLN G 171 -20.54 11.91 -37.44
CA GLN G 171 -21.31 11.76 -38.67
C GLN G 171 -22.25 12.94 -38.90
N LEU G 172 -22.45 13.77 -37.88
CA LEU G 172 -23.28 14.96 -38.02
C LEU G 172 -22.70 15.92 -39.05
N VAL G 173 -21.37 16.11 -39.03
CA VAL G 173 -20.77 17.02 -39.98
C VAL G 173 -20.75 16.41 -41.37
N PHE G 174 -20.69 15.07 -41.45
CA PHE G 174 -20.44 14.39 -42.72
C PHE G 174 -21.57 14.69 -43.71
N GLY G 175 -22.81 14.52 -43.26
CA GLY G 175 -23.96 14.79 -44.11
C GLY G 175 -24.11 16.26 -44.46
N PHE G 176 -23.54 17.14 -43.62
CA PHE G 176 -23.68 18.58 -43.84
C PHE G 176 -22.86 19.05 -45.03
N GLU G 177 -21.66 18.49 -45.22
CA GLU G 177 -20.97 18.73 -46.49
C GLU G 177 -21.64 17.97 -47.62
N TYR G 178 -22.13 16.76 -47.33
CA TYR G 178 -22.96 16.04 -48.30
C TYR G 178 -24.19 16.83 -48.69
N ALA G 179 -24.78 17.58 -47.75
CA ALA G 179 -25.91 18.45 -48.04
C ALA G 179 -25.54 19.58 -48.99
N ILE G 180 -24.32 20.12 -48.88
CA ILE G 180 -23.93 21.21 -49.78
C ILE G 180 -23.31 20.64 -51.04
N LEU G 181 -22.90 19.37 -51.01
CA LEU G 181 -22.72 18.64 -52.26
C LEU G 181 -24.05 18.25 -52.89
N MET G 182 -25.09 18.06 -52.07
CA MET G 182 -26.43 17.84 -52.60
C MET G 182 -26.95 19.05 -53.37
N THR G 183 -26.73 20.26 -52.83
CA THR G 183 -27.04 21.48 -53.58
C THR G 183 -26.08 21.67 -54.76
N MET G 184 -24.91 21.02 -54.71
CA MET G 184 -23.92 21.25 -55.75
C MET G 184 -24.36 20.65 -57.08
N VAL G 185 -25.05 19.52 -57.04
CA VAL G 185 -25.62 18.95 -58.26
C VAL G 185 -26.89 19.69 -58.67
N LEU G 186 -27.65 20.17 -57.68
CA LEU G 186 -28.79 21.04 -57.99
C LEU G 186 -28.34 22.41 -58.46
N THR G 187 -27.05 22.74 -58.25
CA THR G 187 -26.48 23.90 -58.91
C THR G 187 -26.31 23.68 -60.42
N ILE G 188 -25.76 22.52 -60.80
CA ILE G 188 -25.59 22.22 -62.22
C ILE G 188 -26.87 21.64 -62.81
N PHE G 189 -27.87 21.34 -61.97
CA PHE G 189 -29.19 21.00 -62.50
C PHE G 189 -29.80 22.18 -63.24
N ILE G 190 -29.94 23.31 -62.56
CA ILE G 190 -30.56 24.50 -63.16
C ILE G 190 -29.70 25.03 -64.30
N LYS G 191 -28.38 24.91 -64.17
CA LYS G 191 -27.48 25.50 -65.16
C LYS G 191 -27.49 24.74 -66.47
N TYR G 192 -27.77 23.42 -66.43
CA TYR G 192 -27.92 22.68 -67.67
C TYR G 192 -29.24 23.01 -68.35
N VAL G 193 -30.32 23.13 -67.57
CA VAL G 193 -31.63 23.41 -68.13
C VAL G 193 -31.67 24.78 -68.79
N LEU G 194 -31.05 25.77 -68.16
CA LEU G 194 -30.95 27.11 -68.74
C LEU G 194 -30.01 27.14 -69.94
N HIS G 195 -28.99 26.29 -69.92
CA HIS G 195 -28.17 26.10 -71.11
C HIS G 195 -28.93 25.41 -72.23
N SER G 196 -29.88 24.54 -71.89
CA SER G 196 -30.58 23.76 -72.90
C SER G 196 -31.44 24.63 -73.83
N VAL G 197 -32.03 25.69 -73.30
CA VAL G 197 -32.80 26.62 -74.12
C VAL G 197 -31.95 27.67 -74.83
N ASP G 198 -30.71 27.90 -74.40
CA ASP G 198 -29.86 28.85 -75.11
C ASP G 198 -29.29 28.28 -76.40
N LEU G 199 -28.99 26.98 -76.42
CA LEU G 199 -28.38 26.35 -77.58
C LEU G 199 -29.38 26.10 -78.70
N GLN G 200 -30.61 25.73 -78.36
CA GLN G 200 -31.61 25.44 -79.38
C GLN G 200 -32.21 26.68 -80.03
N SER G 201 -32.04 27.86 -79.42
CA SER G 201 -32.57 29.10 -79.97
C SER G 201 -31.43 29.93 -80.55
N GLU G 202 -31.58 30.33 -81.80
CA GLU G 202 -30.59 31.19 -82.47
C GLU G 202 -30.91 32.66 -82.26
N ASN G 203 -31.13 33.04 -80.99
CA ASN G 203 -31.45 34.40 -80.59
C ASN G 203 -31.26 34.50 -79.10
N PRO G 204 -30.73 35.61 -78.59
CA PRO G 204 -30.59 35.76 -77.14
C PRO G 204 -31.93 35.88 -76.45
N TRP G 205 -31.98 35.38 -75.21
CA TRP G 205 -33.17 35.47 -74.36
C TRP G 205 -32.81 36.30 -73.15
N ASP G 206 -33.46 37.46 -73.02
CA ASP G 206 -33.09 38.44 -71.99
C ASP G 206 -33.66 38.11 -70.61
N ASN G 207 -34.99 38.13 -70.48
CA ASN G 207 -35.61 37.85 -69.18
C ASN G 207 -35.54 36.38 -68.80
N LYS G 208 -35.36 35.49 -69.79
CA LYS G 208 -35.27 34.07 -69.47
C LYS G 208 -33.98 33.76 -68.71
N ALA G 209 -32.86 34.32 -69.19
CA ALA G 209 -31.58 34.12 -68.52
C ALA G 209 -31.51 34.87 -67.20
N VAL G 210 -32.15 36.03 -67.14
CA VAL G 210 -32.24 36.78 -65.88
C VAL G 210 -33.06 36.01 -64.84
N TYR G 211 -34.16 35.39 -65.25
CA TYR G 211 -34.89 34.54 -64.31
C TYR G 211 -34.13 33.26 -63.98
N MET G 212 -33.29 32.79 -64.91
CA MET G 212 -32.49 31.60 -64.65
C MET G 212 -31.46 31.87 -63.55
N LEU G 213 -30.76 33.00 -63.65
CA LEU G 213 -29.82 33.43 -62.63
C LEU G 213 -30.52 33.80 -61.32
N TYR G 214 -31.72 34.37 -61.43
CA TYR G 214 -32.52 34.68 -60.24
C TYR G 214 -32.93 33.43 -59.47
N THR G 215 -33.35 32.37 -60.17
CA THR G 215 -33.69 31.13 -59.48
C THR G 215 -32.47 30.48 -58.84
N GLU G 216 -31.35 30.43 -59.56
CA GLU G 216 -30.15 29.79 -59.02
C GLU G 216 -29.58 30.58 -57.84
N LEU G 217 -29.70 31.91 -57.90
CA LEU G 217 -29.31 32.76 -56.77
C LEU G 217 -30.21 32.54 -55.56
N PHE G 218 -31.50 32.27 -55.80
CA PHE G 218 -32.43 32.03 -54.70
C PHE G 218 -32.06 30.77 -53.92
N THR G 219 -32.04 29.61 -54.58
CA THR G 219 -31.79 28.36 -53.87
C THR G 219 -30.38 28.29 -53.32
N GLY G 220 -29.43 28.92 -54.01
CA GLY G 220 -28.07 29.03 -53.49
C GLY G 220 -27.99 29.82 -52.20
N PHE G 221 -28.93 30.75 -51.99
CA PHE G 221 -29.04 31.41 -50.70
C PHE G 221 -29.74 30.51 -49.68
N ILE G 222 -30.75 29.76 -50.10
CA ILE G 222 -31.47 28.89 -49.17
C ILE G 222 -30.60 27.71 -48.76
N LYS G 223 -29.75 27.24 -49.68
CA LYS G 223 -28.85 26.13 -49.38
C LYS G 223 -27.84 26.51 -48.31
N VAL G 224 -27.38 27.76 -48.32
CA VAL G 224 -26.38 28.20 -47.35
C VAL G 224 -27.06 28.56 -46.03
N LEU G 225 -28.33 28.95 -46.09
CA LEU G 225 -29.03 29.32 -44.87
C LEU G 225 -29.42 28.08 -44.07
N LEU G 226 -29.60 26.94 -44.76
CA LEU G 226 -29.68 25.66 -44.07
C LEU G 226 -28.32 25.27 -43.51
N TYR G 227 -27.25 25.64 -44.22
CA TYR G 227 -25.90 25.25 -43.81
C TYR G 227 -25.41 26.11 -42.65
N MET G 228 -25.85 27.37 -42.58
CA MET G 228 -25.62 28.18 -41.40
C MET G 228 -26.48 27.71 -40.24
N ALA G 229 -27.69 27.22 -40.54
CA ALA G 229 -28.48 26.54 -39.51
C ALA G 229 -27.93 25.16 -39.17
N PHE G 230 -27.07 24.60 -40.03
CA PHE G 230 -26.31 23.43 -39.63
C PHE G 230 -25.28 23.79 -38.56
N MET G 231 -24.38 24.72 -38.88
CA MET G 231 -23.22 24.99 -38.04
C MET G 231 -23.64 25.51 -36.66
N THR G 232 -24.65 26.39 -36.63
CA THR G 232 -25.05 27.06 -35.39
C THR G 232 -25.62 26.08 -34.36
N ILE G 233 -25.86 24.83 -34.75
CA ILE G 233 -26.35 23.82 -33.84
C ILE G 233 -25.21 23.38 -32.92
N MET G 234 -23.97 23.66 -33.32
CA MET G 234 -22.83 22.99 -32.71
C MET G 234 -22.15 23.87 -31.66
N ILE G 235 -22.77 24.97 -31.25
CA ILE G 235 -22.28 25.77 -30.14
C ILE G 235 -22.86 25.21 -28.84
N LYS G 236 -24.14 24.85 -28.88
CA LYS G 236 -24.80 24.30 -27.69
C LYS G 236 -24.22 22.95 -27.29
N VAL G 237 -23.89 22.12 -28.28
CA VAL G 237 -23.41 20.78 -28.04
C VAL G 237 -21.97 20.67 -28.54
N HIS G 238 -21.23 19.74 -27.92
CA HIS G 238 -19.80 19.51 -28.17
C HIS G 238 -19.05 20.82 -27.93
N THR G 239 -18.41 21.42 -28.93
CA THR G 239 -17.49 22.53 -28.70
C THR G 239 -17.47 23.42 -29.93
N PHE G 240 -17.01 24.66 -29.73
CA PHE G 240 -16.69 25.59 -30.80
C PHE G 240 -15.84 24.91 -31.87
N PRO G 241 -16.34 24.84 -33.11
CA PRO G 241 -15.60 24.09 -34.14
C PRO G 241 -14.28 24.72 -34.54
N LEU G 242 -14.24 26.06 -34.64
CA LEU G 242 -13.14 26.83 -35.22
C LEU G 242 -12.81 26.40 -36.64
N PHE G 243 -13.77 25.86 -37.36
CA PHE G 243 -13.66 25.49 -38.77
C PHE G 243 -15.00 25.74 -39.45
N ALA G 244 -15.02 25.53 -40.78
CA ALA G 244 -16.19 25.76 -41.62
C ALA G 244 -16.68 27.20 -41.54
N ILE G 245 -15.77 28.11 -41.19
CA ILE G 245 -16.08 29.53 -41.27
C ILE G 245 -15.67 30.08 -42.64
N ARG G 246 -14.65 29.47 -43.24
CA ARG G 246 -14.22 29.83 -44.59
C ARG G 246 -15.31 29.65 -45.63
N PRO G 247 -16.05 28.53 -45.67
CA PRO G 247 -17.27 28.53 -46.49
C PRO G 247 -18.55 28.87 -45.74
N MET G 248 -18.46 29.35 -44.50
CA MET G 248 -19.44 30.33 -44.03
C MET G 248 -19.23 31.66 -44.74
N TYR G 249 -17.96 32.07 -44.87
CA TYR G 249 -17.62 33.40 -45.36
C TYR G 249 -18.00 33.57 -46.83
N LEU G 250 -17.76 32.55 -47.65
CA LEU G 250 -18.16 32.62 -49.05
C LEU G 250 -19.68 32.47 -49.19
N ALA G 251 -20.32 31.84 -48.20
CA ALA G 251 -21.75 31.54 -48.32
C ALA G 251 -22.57 32.82 -48.36
N MET G 252 -22.26 33.77 -47.48
CA MET G 252 -22.97 35.05 -47.46
C MET G 252 -22.45 35.96 -48.58
N ARG G 253 -21.22 35.72 -49.03
CA ARG G 253 -20.71 36.37 -50.23
C ARG G 253 -21.54 35.99 -51.46
N GLN G 254 -21.94 34.72 -51.55
CA GLN G 254 -22.86 34.30 -52.59
C GLN G 254 -24.24 34.93 -52.41
N PHE G 255 -24.64 35.15 -51.16
CA PHE G 255 -25.90 35.85 -50.90
C PHE G 255 -25.81 37.32 -51.31
N LYS G 256 -24.69 37.97 -51.02
CA LYS G 256 -24.55 39.38 -51.40
C LYS G 256 -24.32 39.51 -52.91
N LYS G 257 -23.83 38.44 -53.54
CA LYS G 257 -23.75 38.35 -54.99
C LYS G 257 -25.13 38.04 -55.58
N ALA G 258 -26.11 37.78 -54.72
CA ALA G 258 -27.45 37.46 -55.17
C ALA G 258 -28.44 38.57 -54.83
N VAL G 259 -28.38 39.08 -53.60
CA VAL G 259 -29.34 40.10 -53.17
C VAL G 259 -29.07 41.42 -53.88
N THR G 260 -27.80 41.84 -53.97
CA THR G 260 -27.49 43.12 -54.59
C THR G 260 -27.63 43.04 -56.12
N ASP G 261 -27.34 41.86 -56.69
CA ASP G 261 -27.51 41.67 -58.13
C ASP G 261 -28.97 41.70 -58.53
N ALA G 262 -29.84 41.15 -57.69
CA ALA G 262 -31.28 41.19 -57.95
C ALA G 262 -31.84 42.60 -57.76
N ILE G 263 -31.29 43.33 -56.80
CA ILE G 263 -31.74 44.70 -56.53
C ILE G 263 -31.39 45.62 -57.69
N MET G 264 -30.20 45.44 -58.27
CA MET G 264 -29.79 46.26 -59.41
C MET G 264 -30.62 45.94 -60.65
N SER G 265 -30.96 44.66 -60.84
CA SER G 265 -31.78 44.29 -61.99
C SER G 265 -33.23 44.72 -61.81
N ARG G 266 -33.74 44.67 -60.59
CA ARG G 266 -35.11 45.08 -60.32
C ARG G 266 -35.24 46.60 -60.38
N MET H 1 20.04 58.04 33.21
CA MET H 1 18.91 58.51 32.45
C MET H 1 17.60 57.96 33.00
N PHE H 2 16.63 58.85 33.20
CA PHE H 2 15.32 58.42 33.69
C PHE H 2 14.59 57.60 32.64
N ARG H 3 14.78 57.94 31.36
CA ARG H 3 14.17 57.16 30.29
C ARG H 3 14.79 55.77 30.20
N THR H 4 16.09 55.66 30.53
CA THR H 4 16.70 54.33 30.61
C THR H 4 16.08 53.52 31.75
N ALA H 5 15.66 54.18 32.83
CA ALA H 5 15.01 53.46 33.91
C ALA H 5 13.53 53.24 33.59
N VAL H 6 13.04 53.93 32.56
CA VAL H 6 11.64 53.82 32.16
C VAL H 6 11.45 52.60 31.27
N MET H 7 12.30 52.47 30.24
CA MET H 7 12.23 51.32 29.36
C MET H 7 12.62 50.03 30.08
N MET H 8 13.38 50.13 31.17
CA MET H 8 13.77 48.91 31.88
C MET H 8 12.64 48.46 32.80
N ALA H 9 11.83 49.42 33.28
CA ALA H 9 10.64 49.07 34.04
C ALA H 9 9.59 48.48 33.12
N ALA H 10 9.48 49.03 31.90
CA ALA H 10 8.57 48.50 30.89
C ALA H 10 9.04 47.15 30.38
N SER H 11 10.34 46.89 30.48
CA SER H 11 10.86 45.60 30.01
C SER H 11 10.47 44.49 30.97
N LEU H 12 10.56 44.74 32.28
CA LEU H 12 10.26 43.68 33.23
C LEU H 12 8.76 43.44 33.31
N ALA H 13 7.97 44.48 32.98
CA ALA H 13 6.52 44.34 32.98
C ALA H 13 6.07 43.48 31.80
N LEU H 14 6.82 43.54 30.69
CA LEU H 14 6.47 42.77 29.51
C LEU H 14 6.73 41.28 29.75
N THR H 15 7.87 40.97 30.35
CA THR H 15 8.18 39.58 30.67
C THR H 15 7.36 39.11 31.87
N GLY H 16 6.96 40.03 32.74
CA GLY H 16 6.07 39.74 33.85
C GLY H 16 4.67 39.31 33.46
N ALA H 17 4.13 39.86 32.38
CA ALA H 17 2.84 39.46 31.85
C ALA H 17 2.83 38.16 31.05
N VAL H 18 3.89 37.86 30.29
CA VAL H 18 3.89 36.65 29.47
C VAL H 18 3.95 35.41 30.35
N VAL H 19 4.78 35.42 31.39
CA VAL H 19 4.86 34.28 32.32
C VAL H 19 3.52 34.10 33.04
N ALA H 20 2.89 35.20 33.47
CA ALA H 20 1.59 35.08 34.12
C ALA H 20 0.55 34.59 33.13
N HIS H 21 0.68 35.02 31.86
CA HIS H 21 -0.20 34.53 30.79
C HIS H 21 0.03 33.04 30.58
N ALA H 22 1.31 32.63 30.62
CA ALA H 22 1.68 31.22 30.51
C ALA H 22 1.26 30.42 31.73
N TYR H 23 1.31 31.03 32.91
CA TYR H 23 0.96 30.33 34.14
C TYR H 23 -0.54 30.07 34.21
N TYR H 24 -1.35 31.02 33.73
CA TYR H 24 -2.79 30.80 33.71
C TYR H 24 -3.19 29.62 32.82
N LEU H 25 -2.59 29.49 31.64
CA LEU H 25 -2.95 28.38 30.76
C LEU H 25 -2.44 27.06 31.31
N LYS H 26 -1.13 26.98 31.57
CA LYS H 26 -0.53 25.76 32.11
C LYS H 26 -0.10 25.99 33.55
N HIS H 27 -0.60 25.17 34.45
CA HIS H 27 -0.67 25.53 35.87
C HIS H 27 0.59 25.10 36.61
N GLN H 28 1.36 24.18 36.03
CA GLN H 28 2.54 23.63 36.71
C GLN H 28 3.80 24.29 36.16
N PHE H 29 4.88 24.18 36.95
CA PHE H 29 6.16 24.82 36.67
C PHE H 29 6.76 24.33 35.36
N TYR H 30 6.87 23.01 35.20
CA TYR H 30 7.48 22.45 34.00
C TYR H 30 6.76 22.81 32.70
N PRO H 31 5.43 22.68 32.54
CA PRO H 31 4.89 22.97 31.22
C PRO H 31 4.66 24.45 30.97
N THR H 32 4.72 25.29 32.00
CA THR H 32 4.60 26.73 31.72
C THR H 32 5.87 27.34 31.13
N VAL H 33 7.02 26.69 31.26
CA VAL H 33 8.27 27.26 30.77
C VAL H 33 8.59 26.80 29.35
N VAL H 34 8.31 25.55 29.02
CA VAL H 34 8.55 25.04 27.67
C VAL H 34 7.66 25.74 26.65
N TYR H 35 6.50 26.25 27.06
CA TYR H 35 5.73 27.10 26.17
C TYR H 35 6.51 28.36 25.83
N LEU H 36 7.21 28.92 26.82
CA LEU H 36 8.06 30.08 26.56
C LEU H 36 9.22 29.70 25.66
N THR H 37 9.65 28.44 25.70
CA THR H 37 10.80 28.03 24.89
C THR H 37 10.44 27.96 23.41
N LYS H 38 9.26 27.45 23.09
CA LYS H 38 8.92 27.14 21.70
C LYS H 38 8.08 28.20 21.00
N SER H 39 7.10 28.79 21.68
CA SER H 39 6.14 29.66 21.02
C SER H 39 6.75 31.04 20.74
N SER H 40 6.60 31.50 19.50
CA SER H 40 7.25 32.71 18.98
C SER H 40 6.94 34.07 19.61
N PRO H 41 5.70 34.47 19.93
CA PRO H 41 5.56 35.73 20.67
C PRO H 41 6.10 35.72 22.09
N SER H 42 6.23 34.56 22.73
CA SER H 42 6.68 34.50 24.11
C SER H 42 8.21 34.61 24.14
N MET H 43 8.87 33.79 23.33
CA MET H 43 10.32 33.65 23.37
C MET H 43 11.05 34.84 22.77
N ALA H 44 10.47 35.48 21.76
CA ALA H 44 11.13 36.65 21.18
C ALA H 44 11.19 37.82 22.16
N VAL H 45 10.22 37.89 23.08
CA VAL H 45 10.24 38.95 24.09
C VAL H 45 11.33 38.74 25.14
N LEU H 46 11.50 37.49 25.62
CA LEU H 46 12.24 37.30 26.86
C LEU H 46 13.74 37.62 26.75
N TYR H 47 14.33 37.53 25.54
CA TYR H 47 15.77 37.81 25.51
C TYR H 47 16.07 39.31 25.46
N ILE H 48 15.12 40.15 25.05
CA ILE H 48 15.44 41.56 24.96
C ILE H 48 15.12 42.26 26.28
N GLN H 49 14.49 41.53 27.21
CA GLN H 49 14.65 41.86 28.62
C GLN H 49 16.07 41.54 29.08
N ALA H 50 16.59 40.38 28.66
CA ALA H 50 17.96 39.97 29.00
C ALA H 50 19.00 40.83 28.31
N PHE H 51 18.65 41.46 27.19
CA PHE H 51 19.62 42.32 26.53
C PHE H 51 19.75 43.65 27.25
N VAL H 52 18.63 44.21 27.70
CA VAL H 52 18.67 45.49 28.41
C VAL H 52 19.14 45.28 29.85
N LEU H 53 18.92 44.08 30.38
CA LEU H 53 19.39 43.74 31.72
C LEU H 53 20.91 43.64 31.79
N VAL H 54 21.53 43.05 30.77
CA VAL H 54 22.98 43.02 30.71
C VAL H 54 23.57 44.36 30.31
N PHE H 55 22.81 45.21 29.64
CA PHE H 55 23.17 46.61 29.42
C PHE H 55 23.15 47.41 30.72
N LEU H 56 22.12 47.19 31.55
CA LEU H 56 22.05 47.84 32.85
C LEU H 56 23.11 47.29 33.81
N LEU H 57 23.41 46.00 33.71
CA LEU H 57 24.46 45.41 34.53
C LEU H 57 25.83 45.94 34.14
N GLY H 58 26.09 46.09 32.85
CA GLY H 58 27.35 46.67 32.41
C GLY H 58 27.48 48.13 32.78
N LYS H 59 26.35 48.85 32.83
CA LYS H 59 26.38 50.25 33.22
C LYS H 59 26.63 50.42 34.72
N VAL H 60 25.97 49.60 35.54
CA VAL H 60 26.06 49.78 37.00
C VAL H 60 27.42 49.33 37.51
N MET H 61 28.08 48.44 36.78
CA MET H 61 29.45 48.06 37.11
C MET H 61 30.44 49.15 36.70
N GLY H 62 30.17 49.80 35.57
CA GLY H 62 31.02 50.85 35.04
C GLY H 62 31.10 52.09 35.90
N LYS H 63 30.00 52.41 36.59
CA LYS H 63 30.01 53.52 37.54
C LYS H 63 30.82 53.20 38.78
N VAL H 64 30.82 51.94 39.20
CA VAL H 64 31.61 51.53 40.36
C VAL H 64 33.10 51.57 40.03
N PHE H 65 33.48 51.08 38.85
CA PHE H 65 34.89 50.99 38.48
C PHE H 65 35.42 52.25 37.80
N PHE H 66 34.55 53.10 37.27
CA PHE H 66 34.98 54.37 36.67
C PHE H 66 34.10 55.48 37.24
N GLY H 67 34.74 56.58 37.65
CA GLY H 67 34.00 57.65 38.30
C GLY H 67 33.03 58.36 37.38
N GLN H 68 33.46 58.67 36.16
CA GLN H 68 32.62 59.38 35.20
C GLN H 68 33.17 59.18 33.80
N LEU H 69 32.27 58.96 32.85
CA LEU H 69 32.66 58.90 31.44
C LEU H 69 33.11 60.27 30.96
N ARG H 70 34.17 60.28 30.15
CA ARG H 70 34.78 61.52 29.68
C ARG H 70 34.05 62.13 28.50
N ALA H 71 32.94 61.53 28.05
CA ALA H 71 32.18 61.95 26.87
C ALA H 71 33.03 61.98 25.61
N ALA H 72 34.06 61.14 25.57
CA ALA H 72 34.90 61.01 24.38
C ALA H 72 35.03 59.53 24.02
N GLU H 73 34.98 58.66 25.02
CA GLU H 73 35.01 57.22 24.82
C GLU H 73 33.62 56.63 24.62
N MET H 74 32.56 57.42 24.80
CA MET H 74 31.21 56.93 24.52
C MET H 74 31.01 56.66 23.04
N GLU H 75 31.53 57.54 22.18
CA GLU H 75 31.45 57.30 20.74
C GLU H 75 32.37 56.16 20.31
N HIS H 76 33.54 56.03 20.95
CA HIS H 76 34.46 54.95 20.62
C HIS H 76 33.87 53.59 20.95
N LEU H 77 33.15 53.48 22.06
CA LEU H 77 32.43 52.27 22.40
C LEU H 77 31.24 52.03 21.46
N LEU H 78 30.69 53.08 20.87
CA LEU H 78 29.44 52.96 20.11
C LEU H 78 29.65 52.22 18.80
N GLU H 79 30.70 52.60 18.06
CA GLU H 79 30.98 51.91 16.80
C GLU H 79 31.63 50.56 17.04
N ARG H 80 32.53 50.47 18.03
CA ARG H 80 33.25 49.23 18.28
C ARG H 80 32.31 48.11 18.72
N SER H 81 31.27 48.46 19.51
CA SER H 81 30.21 47.51 19.80
C SER H 81 29.38 47.20 18.57
N TRP H 82 29.24 48.16 17.65
CA TRP H 82 28.33 47.98 16.53
C TRP H 82 28.91 47.04 15.47
N TYR H 83 30.23 47.09 15.26
CA TYR H 83 30.86 46.11 14.39
C TYR H 83 30.83 44.72 15.01
N ALA H 84 31.17 44.62 16.30
CA ALA H 84 31.31 43.31 16.94
C ALA H 84 29.97 42.60 17.06
N VAL H 85 28.88 43.35 17.22
CA VAL H 85 27.56 42.75 17.35
C VAL H 85 27.11 42.12 16.04
N THR H 86 27.59 42.66 14.92
CA THR H 86 27.37 42.01 13.63
C THR H 86 28.29 40.82 13.41
N GLU H 87 29.53 40.89 13.90
CA GLU H 87 30.44 39.76 13.81
C GLU H 87 29.95 38.56 14.60
N THR H 88 29.38 38.80 15.80
CA THR H 88 28.78 37.75 16.60
C THR H 88 27.47 37.22 16.01
N CYS H 89 26.67 38.07 15.37
CA CYS H 89 25.44 37.61 14.73
C CYS H 89 25.71 36.78 13.49
N LEU H 90 26.73 37.13 12.70
CA LEU H 90 27.12 36.36 11.53
C LEU H 90 27.72 35.01 11.89
N ALA H 91 28.46 34.92 12.99
CA ALA H 91 29.07 33.66 13.41
C ALA H 91 28.01 32.66 13.89
N PHE H 92 26.87 33.14 14.38
CA PHE H 92 25.83 32.25 14.88
C PHE H 92 25.05 31.57 13.77
N THR H 93 24.95 32.18 12.59
CA THR H 93 24.21 31.59 11.49
C THR H 93 25.11 30.80 10.54
N VAL H 94 26.38 31.20 10.42
CA VAL H 94 27.30 30.47 9.55
C VAL H 94 27.59 29.08 10.10
N PHE H 95 27.76 28.97 11.41
CA PHE H 95 28.08 27.68 12.03
C PHE H 95 26.90 26.71 12.07
N ARG H 96 25.69 27.19 11.74
CA ARG H 96 24.47 26.37 11.72
C ARG H 96 24.23 25.69 13.07
N ASP H 97 24.39 26.47 14.15
CA ASP H 97 24.27 25.94 15.50
C ASP H 97 22.84 26.01 16.05
N ASP H 98 21.90 26.55 15.26
CA ASP H 98 20.48 26.64 15.58
C ASP H 98 20.20 27.54 16.80
N PHE H 99 18.93 27.84 17.02
CA PHE H 99 18.51 28.73 18.09
C PHE H 99 18.35 27.94 19.39
N SER H 100 19.33 28.05 20.28
CA SER H 100 19.26 27.42 21.58
C SER H 100 19.46 28.48 22.67
N PRO H 101 18.44 28.76 23.48
CA PRO H 101 18.59 29.81 24.51
C PRO H 101 19.44 29.40 25.70
N ARG H 102 20.63 28.86 25.45
CA ARG H 102 21.63 28.67 26.49
C ARG H 102 22.99 29.10 25.98
N PHE H 103 23.15 29.19 24.65
CA PHE H 103 24.33 29.75 24.04
C PHE H 103 24.20 31.24 23.74
N VAL H 104 22.97 31.76 23.70
CA VAL H 104 22.77 33.20 23.51
C VAL H 104 23.32 33.97 24.71
N ALA H 105 23.24 33.38 25.91
CA ALA H 105 23.83 33.99 27.09
C ALA H 105 25.35 33.85 27.14
N LEU H 106 25.95 33.09 26.23
CA LEU H 106 27.38 32.81 26.31
C LEU H 106 28.18 33.89 25.59
N PHE H 107 27.77 34.25 24.38
CA PHE H 107 28.46 35.32 23.65
C PHE H 107 28.06 36.70 24.15
N THR H 108 26.96 36.81 24.90
CA THR H 108 26.63 38.06 25.57
C THR H 108 27.62 38.36 26.70
N LEU H 109 28.21 37.33 27.29
CA LEU H 109 29.38 37.52 28.14
C LEU H 109 30.59 37.97 27.33
N LEU H 110 30.77 37.43 26.12
CA LEU H 110 31.94 37.75 25.32
C LEU H 110 31.95 39.23 24.92
N LEU H 111 30.79 39.74 24.48
CA LEU H 111 30.73 41.15 24.08
C LEU H 111 30.76 42.07 25.28
N PHE H 112 30.33 41.59 26.45
CA PHE H 112 30.38 42.42 27.66
C PHE H 112 31.82 42.58 28.14
N LEU H 113 32.61 41.52 28.08
CA LEU H 113 34.04 41.64 28.40
C LEU H 113 34.78 42.45 27.36
N LYS H 114 34.46 42.25 26.08
CA LYS H 114 35.15 42.97 25.01
C LYS H 114 34.84 44.46 25.06
N CYS H 115 33.63 44.82 25.47
CA CYS H 115 33.31 46.23 25.67
C CYS H 115 34.09 46.81 26.84
N PHE H 116 34.19 46.06 27.94
CA PHE H 116 34.95 46.52 29.10
C PHE H 116 36.45 46.44 28.89
N HIS H 117 36.91 45.57 27.99
CA HIS H 117 38.31 45.59 27.58
C HIS H 117 38.66 46.86 26.83
N TRP H 118 37.79 47.31 25.92
CA TRP H 118 38.02 48.55 25.21
C TRP H 118 37.95 49.76 26.15
N LEU H 119 37.18 49.66 27.23
CA LEU H 119 37.17 50.70 28.25
C LEU H 119 38.50 50.81 28.98
N ALA H 120 39.24 49.69 29.10
CA ALA H 120 40.56 49.76 29.71
C ALA H 120 41.57 50.39 28.76
N GLU H 121 41.41 50.17 27.45
CA GLU H 121 42.28 50.81 26.47
C GLU H 121 42.05 52.31 26.42
N ASP H 122 40.79 52.75 26.51
CA ASP H 122 40.48 54.17 26.49
C ASP H 122 40.68 54.84 27.83
N ARG H 123 41.01 54.09 28.88
CA ARG H 123 41.39 54.65 30.15
C ARG H 123 42.89 54.69 30.38
N VAL H 124 43.65 53.89 29.62
CA VAL H 124 45.11 53.86 29.80
C VAL H 124 45.83 54.86 28.91
N ASP H 125 45.22 55.29 27.81
CA ASP H 125 45.79 56.37 27.02
C ASP H 125 45.57 57.72 27.68
N PHE H 126 44.43 57.89 28.36
CA PHE H 126 44.21 59.09 29.16
C PHE H 126 45.17 59.14 30.35
N MET H 127 45.47 57.98 30.94
CA MET H 127 46.41 57.92 32.06
C MET H 127 47.84 58.26 31.63
N GLU H 128 48.16 58.11 30.35
CA GLU H 128 49.45 58.55 29.86
C GLU H 128 49.59 60.07 29.96
N ARG H 129 48.51 60.80 29.66
CA ARG H 129 48.51 62.26 29.72
C ARG H 129 47.70 62.77 30.92
N SER H 130 47.70 62.01 32.03
CA SER H 130 47.00 62.43 33.23
C SER H 130 48.00 62.93 34.25
N PRO H 131 48.04 64.24 34.54
CA PRO H 131 49.00 64.74 35.54
C PRO H 131 48.46 64.76 36.96
N ASN H 132 47.16 64.58 37.16
CA ASN H 132 46.53 64.58 38.48
C ASN H 132 45.66 63.33 38.59
N ILE H 133 46.26 62.24 39.05
CA ILE H 133 45.57 60.96 39.21
C ILE H 133 45.65 60.55 40.67
N SER H 134 44.51 60.21 41.26
CA SER H 134 44.46 59.80 42.65
C SER H 134 44.80 58.32 42.78
N TRP H 135 45.03 57.89 44.02
CA TRP H 135 45.32 56.48 44.28
C TRP H 135 44.11 55.60 44.07
N LEU H 136 42.90 56.16 44.16
CA LEU H 136 41.70 55.38 43.88
C LEU H 136 41.59 55.03 42.41
N PHE H 137 42.05 55.92 41.51
CA PHE H 137 42.03 55.63 40.08
C PHE H 137 42.97 54.48 39.74
N HIS H 138 44.14 54.45 40.36
CA HIS H 138 45.10 53.37 40.12
C HIS H 138 44.59 52.05 40.70
N CYS H 139 43.95 52.11 41.87
CA CYS H 139 43.47 50.88 42.51
C CYS H 139 42.27 50.30 41.78
N ARG H 140 41.37 51.15 41.29
CA ARG H 140 40.20 50.64 40.58
C ARG H 140 40.53 50.14 39.19
N ILE H 141 41.68 50.55 38.64
CA ILE H 141 42.12 50.01 37.35
C ILE H 141 42.93 48.73 37.50
N VAL H 142 43.84 48.66 38.47
CA VAL H 142 44.60 47.43 38.72
C VAL H 142 43.70 46.32 39.26
N SER H 143 42.54 46.66 39.83
CA SER H 143 41.56 45.64 40.14
C SER H 143 40.84 45.15 38.89
N LEU H 144 40.52 46.05 37.96
CA LEU H 144 39.91 45.64 36.70
C LEU H 144 40.87 44.81 35.86
N MET H 145 42.14 45.22 35.80
CA MET H 145 43.13 44.50 35.00
C MET H 145 43.39 43.10 35.55
N PHE H 146 43.47 42.96 36.87
CA PHE H 146 43.67 41.64 37.47
C PHE H 146 42.46 40.75 37.28
N LEU H 147 41.26 41.31 37.42
CA LEU H 147 40.04 40.50 37.32
C LEU H 147 39.84 39.99 35.89
N LEU H 148 40.14 40.83 34.89
CA LEU H 148 40.00 40.41 33.50
C LEU H 148 41.02 39.35 33.12
N GLY H 149 42.20 39.37 33.76
CA GLY H 149 43.22 38.39 33.43
C GLY H 149 42.83 36.97 33.82
N ILE H 150 42.27 36.80 35.01
CA ILE H 150 41.93 35.47 35.50
C ILE H 150 40.73 34.92 34.74
N LEU H 151 39.73 35.75 34.47
CA LEU H 151 38.53 35.29 33.78
C LEU H 151 38.81 34.93 32.33
N ASP H 152 39.73 35.66 31.69
CA ASP H 152 40.25 35.23 30.39
C ASP H 152 41.02 33.93 30.51
N PHE H 153 41.83 33.79 31.57
CA PHE H 153 42.58 32.56 31.78
C PHE H 153 41.67 31.39 32.15
N LEU H 154 40.56 31.66 32.83
CA LEU H 154 39.62 30.60 33.20
C LEU H 154 38.81 30.12 32.00
N PHE H 155 38.58 30.98 31.01
CA PHE H 155 37.71 30.61 29.90
C PHE H 155 38.45 29.83 28.82
N VAL H 156 39.74 30.12 28.61
CA VAL H 156 40.52 29.29 27.70
C VAL H 156 40.76 27.91 28.29
N SER H 157 40.95 27.83 29.62
CA SER H 157 41.08 26.54 30.29
C SER H 157 39.82 25.69 30.15
N HIS H 158 38.64 26.33 30.13
CA HIS H 158 37.42 25.63 29.75
C HIS H 158 37.40 25.29 28.26
N ALA H 159 37.98 26.15 27.42
CA ALA H 159 37.87 25.97 25.98
C ALA H 159 38.82 24.89 25.46
N TYR H 160 40.11 24.99 25.82
CA TYR H 160 41.08 24.03 25.33
C TYR H 160 40.91 22.66 25.96
N HIS H 161 40.21 22.57 27.10
CA HIS H 161 39.78 21.27 27.60
C HIS H 161 38.57 20.75 26.83
N SER H 162 37.70 21.66 26.37
CA SER H 162 36.54 21.24 25.59
C SER H 162 36.92 20.82 24.18
N ILE H 163 37.98 21.41 23.62
CA ILE H 163 38.40 21.06 22.27
C ILE H 163 39.10 19.71 22.23
N LEU H 164 39.58 19.20 23.37
CA LEU H 164 40.25 17.92 23.40
C LEU H 164 39.29 16.78 23.71
N THR H 165 38.29 17.02 24.56
CA THR H 165 37.36 15.98 24.99
C THR H 165 36.20 15.83 24.02
N ARG H 166 35.48 16.93 23.76
CA ARG H 166 34.31 16.88 22.89
C ARG H 166 34.73 16.79 21.43
N GLY H 167 35.46 17.78 20.94
CA GLY H 167 35.92 17.80 19.56
C GLY H 167 35.78 19.19 18.99
N ALA H 168 35.93 19.29 17.68
CA ALA H 168 35.85 20.57 16.98
C ALA H 168 34.39 21.05 16.97
N SER H 169 34.14 22.16 17.64
CA SER H 169 32.80 22.72 17.72
C SER H 169 32.92 24.24 17.82
N VAL H 170 31.83 24.91 18.21
CA VAL H 170 31.84 26.35 18.33
C VAL H 170 32.67 26.83 19.52
N GLN H 171 32.97 25.94 20.47
CA GLN H 171 33.79 26.29 21.62
C GLN H 171 35.25 26.57 21.24
N LEU H 172 35.69 26.05 20.09
CA LEU H 172 37.08 26.25 19.67
C LEU H 172 37.34 27.70 19.28
N VAL H 173 36.44 28.30 18.50
CA VAL H 173 36.66 29.67 18.03
C VAL H 173 36.46 30.67 19.16
N PHE H 174 35.70 30.32 20.19
CA PHE H 174 35.47 31.26 21.29
C PHE H 174 36.71 31.37 22.18
N GLY H 175 37.38 30.24 22.42
CA GLY H 175 38.64 30.26 23.14
C GLY H 175 39.78 30.91 22.37
N PHE H 176 39.71 30.90 21.04
CA PHE H 176 40.68 31.63 20.23
C PHE H 176 40.48 33.13 20.31
N GLU H 177 39.23 33.60 20.35
CA GLU H 177 38.98 35.00 20.65
C GLU H 177 39.40 35.35 22.07
N TYR H 178 39.18 34.44 23.02
CA TYR H 178 39.62 34.68 24.39
C TYR H 178 41.15 34.69 24.48
N ALA H 179 41.83 33.92 23.64
CA ALA H 179 43.28 34.02 23.53
C ALA H 179 43.70 35.36 22.92
N ILE H 180 42.94 35.84 21.93
CA ILE H 180 43.15 37.20 21.44
C ILE H 180 42.77 38.23 22.51
N LEU H 181 41.74 37.93 23.29
CA LEU H 181 41.38 38.80 24.41
C LEU H 181 42.46 38.85 25.48
N MET H 182 43.26 37.79 25.61
CA MET H 182 44.46 37.88 26.44
C MET H 182 45.51 38.82 25.87
N THR H 183 45.53 39.00 24.54
CA THR H 183 46.59 39.78 23.92
C THR H 183 46.43 41.27 24.19
N MET H 184 45.19 41.77 24.21
CA MET H 184 44.94 43.18 24.43
C MET H 184 44.99 43.57 25.91
N VAL H 185 44.83 42.60 26.82
CA VAL H 185 45.06 42.85 28.25
C VAL H 185 46.54 42.81 28.60
N LEU H 186 47.35 42.12 27.82
CA LEU H 186 48.80 42.13 28.00
C LEU H 186 49.43 43.46 27.58
N THR H 187 48.82 44.15 26.61
CA THR H 187 49.38 45.42 26.14
C THR H 187 49.22 46.50 27.21
N ILE H 188 48.04 46.58 27.83
CA ILE H 188 47.82 47.62 28.84
C ILE H 188 48.68 47.37 30.06
N PHE H 189 48.91 46.10 30.41
CA PHE H 189 49.73 45.75 31.56
C PHE H 189 51.14 46.31 31.45
N ILE H 190 51.73 46.21 30.25
CA ILE H 190 53.01 46.84 29.99
C ILE H 190 52.88 48.35 29.93
N LYS H 191 51.80 48.84 29.31
CA LYS H 191 51.61 50.29 29.19
C LYS H 191 51.34 50.93 30.54
N TYR H 192 50.61 50.25 31.43
CA TYR H 192 50.41 50.77 32.78
C TYR H 192 51.71 50.79 33.56
N VAL H 193 52.53 49.73 33.43
CA VAL H 193 53.78 49.65 34.16
C VAL H 193 54.76 50.73 33.67
N LEU H 194 54.85 50.92 32.36
CA LEU H 194 55.74 51.93 31.81
C LEU H 194 55.28 53.34 32.12
N HIS H 195 53.99 53.54 32.36
CA HIS H 195 53.47 54.85 32.76
C HIS H 195 53.41 55.03 34.27
N SER H 196 53.37 53.94 35.03
CA SER H 196 53.50 54.07 36.49
C SER H 196 54.93 54.43 36.88
N VAL H 197 55.92 53.90 36.16
CA VAL H 197 57.30 54.30 36.39
C VAL H 197 57.57 55.70 35.84
N ASP H 198 56.70 56.20 34.96
CA ASP H 198 56.83 57.57 34.48
C ASP H 198 56.35 58.58 35.51
N LEU H 199 55.25 58.28 36.21
CA LEU H 199 54.66 59.23 37.13
C LEU H 199 55.42 59.31 38.45
N GLN H 200 56.05 58.22 38.88
CA GLN H 200 56.76 58.21 40.16
C GLN H 200 58.04 59.02 40.12
N SER H 201 58.59 59.27 38.93
CA SER H 201 59.78 60.07 38.77
C SER H 201 59.42 61.39 38.10
N GLU H 202 59.95 62.50 38.63
CA GLU H 202 59.65 63.83 38.09
C GLU H 202 60.60 64.19 36.96
N ASN H 203 60.70 63.32 35.95
CA ASN H 203 61.55 63.54 34.79
C ASN H 203 61.09 62.64 33.66
N PRO H 204 61.08 63.12 32.42
CA PRO H 204 60.70 62.25 31.30
C PRO H 204 61.75 61.17 31.07
N TRP H 205 61.28 60.01 30.58
CA TRP H 205 62.14 58.87 30.30
C TRP H 205 62.20 58.63 28.81
N ASP H 206 63.41 58.65 28.26
CA ASP H 206 63.58 58.40 26.82
C ASP H 206 63.44 56.92 26.51
N ASN H 207 63.80 56.04 27.46
CA ASN H 207 63.67 54.60 27.24
C ASN H 207 62.23 54.12 27.34
N LYS H 208 61.32 54.94 27.87
CA LYS H 208 59.93 54.54 27.96
C LYS H 208 59.28 54.50 26.57
N ALA H 209 59.66 55.43 25.70
CA ALA H 209 59.12 55.41 24.34
C ALA H 209 59.65 54.22 23.55
N VAL H 210 60.91 53.85 23.76
CA VAL H 210 61.48 52.68 23.09
C VAL H 210 60.86 51.40 23.65
N TYR H 211 60.60 51.36 24.95
CA TYR H 211 59.98 50.18 25.55
C TYR H 211 58.54 50.03 25.10
N MET H 212 57.82 51.14 24.94
CA MET H 212 56.45 51.08 24.45
C MET H 212 56.40 50.69 22.99
N LEU H 213 57.40 51.13 22.21
CA LEU H 213 57.43 50.79 20.79
C LEU H 213 57.83 49.34 20.59
N TYR H 214 58.76 48.84 21.40
CA TYR H 214 59.21 47.45 21.28
C TYR H 214 58.13 46.48 21.71
N THR H 215 57.39 46.83 22.78
CA THR H 215 56.31 45.95 23.24
C THR H 215 55.13 45.94 22.28
N GLU H 216 54.83 47.08 21.65
CA GLU H 216 53.78 47.10 20.63
C GLU H 216 54.18 46.27 19.42
N LEU H 217 55.49 46.23 19.11
CA LEU H 217 55.98 45.30 18.09
C LEU H 217 55.85 43.86 18.55
N PHE H 218 56.07 43.60 19.84
CA PHE H 218 55.91 42.26 20.37
C PHE H 218 54.45 41.81 20.31
N THR H 219 53.55 42.64 20.84
CA THR H 219 52.13 42.30 20.82
C THR H 219 51.56 42.38 19.40
N GLY H 220 52.17 43.19 18.53
CA GLY H 220 51.77 43.19 17.13
C GLY H 220 52.11 41.89 16.44
N PHE H 221 53.24 41.27 16.82
CA PHE H 221 53.64 40.03 16.18
C PHE H 221 52.79 38.85 16.67
N ILE H 222 52.40 38.87 17.95
CA ILE H 222 51.58 37.80 18.49
C ILE H 222 50.12 37.97 18.09
N LYS H 223 49.70 39.18 17.70
CA LYS H 223 48.34 39.37 17.22
C LYS H 223 48.17 38.82 15.82
N VAL H 224 49.14 39.04 14.94
CA VAL H 224 49.08 38.51 13.58
C VAL H 224 49.37 37.01 13.53
N LEU H 225 50.08 36.47 14.52
CA LEU H 225 50.28 35.03 14.58
C LEU H 225 48.98 34.31 14.95
N LEU H 226 48.22 34.89 15.88
CA LEU H 226 46.93 34.32 16.26
C LEU H 226 45.89 34.45 15.15
N TYR H 227 45.99 35.48 14.31
CA TYR H 227 45.04 35.61 13.20
C TYR H 227 45.36 34.61 12.08
N MET H 228 46.64 34.45 11.75
CA MET H 228 47.01 33.53 10.68
C MET H 228 46.83 32.07 11.07
N ALA H 229 46.84 31.76 12.36
CA ALA H 229 46.52 30.41 12.81
C ALA H 229 45.04 30.11 12.72
N PHE H 230 44.19 31.10 12.98
CA PHE H 230 42.74 30.87 12.95
C PHE H 230 42.23 30.69 11.53
N MET H 231 42.90 31.32 10.56
CA MET H 231 42.59 31.06 9.16
C MET H 231 42.90 29.61 8.77
N THR H 232 44.04 29.07 9.20
CA THR H 232 44.47 27.76 8.74
C THR H 232 43.66 26.64 9.38
N ILE H 233 43.25 26.83 10.63
CA ILE H 233 42.45 25.80 11.31
C ILE H 233 40.98 25.82 10.88
N MET H 234 40.52 26.88 10.22
CA MET H 234 39.13 26.99 9.83
C MET H 234 38.89 26.67 8.35
N ILE H 235 39.94 26.54 7.55
CA ILE H 235 39.77 26.07 6.18
C ILE H 235 39.83 24.54 6.10
N LYS H 236 40.56 23.89 7.00
CA LYS H 236 40.64 22.43 6.99
C LYS H 236 39.33 21.80 7.44
N VAL H 237 38.73 22.31 8.51
CA VAL H 237 37.52 21.74 9.09
C VAL H 237 36.37 22.73 8.93
N HIS H 238 35.16 22.18 9.06
CA HIS H 238 33.89 22.94 9.08
C HIS H 238 33.73 23.67 7.75
N THR H 239 33.56 24.98 7.73
CA THR H 239 33.33 25.72 6.50
C THR H 239 34.09 27.03 6.54
N PHE H 240 33.89 27.86 5.52
CA PHE H 240 34.53 29.17 5.45
C PHE H 240 34.01 30.06 6.58
N PRO H 241 34.92 30.65 7.39
CA PRO H 241 34.47 31.59 8.42
C PRO H 241 33.79 32.83 7.85
N LEU H 242 34.50 33.54 6.97
CA LEU H 242 34.08 34.83 6.41
C LEU H 242 33.84 35.88 7.50
N PHE H 243 34.48 35.71 8.66
CA PHE H 243 34.42 36.67 9.74
C PHE H 243 35.82 36.90 10.29
N ALA H 244 35.91 37.81 11.26
CA ALA H 244 37.17 38.18 11.93
C ALA H 244 38.21 38.71 10.94
N ILE H 245 37.76 39.25 9.81
CA ILE H 245 38.66 39.87 8.85
C ILE H 245 38.75 41.37 9.12
N ARG H 246 37.68 41.92 9.70
CA ARG H 246 37.69 43.33 10.08
C ARG H 246 38.76 43.66 11.11
N PRO H 247 38.89 42.92 12.22
CA PRO H 247 40.00 43.18 13.14
C PRO H 247 41.32 42.55 12.73
N MET H 248 41.31 41.65 11.73
CA MET H 248 42.56 41.22 11.12
C MET H 248 43.26 42.38 10.41
N TYR H 249 42.49 43.20 9.70
CA TYR H 249 43.05 44.39 9.07
C TYR H 249 43.54 45.39 10.11
N LEU H 250 42.82 45.52 11.22
CA LEU H 250 43.30 46.37 12.31
C LEU H 250 44.55 45.79 12.97
N ALA H 251 44.62 44.46 13.06
CA ALA H 251 45.84 43.85 13.59
C ALA H 251 46.99 43.96 12.59
N MET H 252 46.69 43.85 11.30
CA MET H 252 47.70 44.07 10.28
C MET H 252 48.18 45.52 10.27
N ARG H 253 47.25 46.47 10.45
CA ARG H 253 47.63 47.87 10.59
C ARG H 253 48.47 48.10 11.85
N GLN H 254 48.13 47.42 12.94
CA GLN H 254 48.91 47.57 14.17
C GLN H 254 50.31 46.99 14.01
N PHE H 255 50.43 45.91 13.24
CA PHE H 255 51.76 45.40 12.88
C PHE H 255 52.50 46.39 12.00
N LYS H 256 51.80 47.01 11.04
CA LYS H 256 52.43 48.00 10.18
C LYS H 256 52.81 49.25 10.95
N LYS H 257 51.98 49.67 11.89
CA LYS H 257 52.23 50.89 12.67
C LYS H 257 53.29 50.69 13.74
N ALA H 258 53.76 49.47 13.96
CA ALA H 258 54.78 49.17 14.96
C ALA H 258 56.11 48.76 14.34
N VAL H 259 56.10 47.82 13.38
CA VAL H 259 57.34 47.33 12.80
C VAL H 259 57.95 48.39 11.88
N THR H 260 57.13 48.97 10.99
CA THR H 260 57.66 49.96 10.06
C THR H 260 57.98 51.29 10.74
N ASP H 261 57.27 51.61 11.82
CA ASP H 261 57.61 52.79 12.61
C ASP H 261 58.95 52.60 13.32
N ALA H 262 59.21 51.40 13.83
CA ALA H 262 60.50 51.12 14.45
C ALA H 262 61.61 51.01 13.41
N ILE H 263 61.28 50.60 12.19
CA ILE H 263 62.28 50.56 11.12
C ILE H 263 62.68 51.97 10.72
N MET H 264 61.72 52.89 10.64
CA MET H 264 62.04 54.29 10.34
C MET H 264 62.75 54.96 11.51
N SER H 265 62.34 54.63 12.74
CA SER H 265 62.99 55.23 13.91
C SER H 265 64.36 54.63 14.15
N ARG H 266 64.49 53.31 13.99
CA ARG H 266 65.77 52.65 14.20
C ARG H 266 66.19 51.85 12.96
C1 NAG I . -23.78 -9.18 -25.10
C2 NAG I . -23.15 -9.32 -26.48
C3 NAG I . -24.10 -8.78 -27.55
C4 NAG I . -25.46 -9.45 -27.45
C5 NAG I . -26.00 -9.29 -26.03
C6 NAG I . -27.31 -10.01 -25.80
C7 NAG I . -20.70 -9.28 -26.70
C8 NAG I . -20.77 -10.78 -26.81
N2 NAG I . -21.86 -8.65 -26.55
O3 NAG I . -23.50 -9.00 -28.82
O4 NAG I . -26.42 -8.91 -28.35
O5 NAG I . -25.06 -9.82 -25.08
O6 NAG I . -28.25 -9.17 -25.15
O7 NAG I . -19.63 -8.68 -26.76
C1 NAG I . -26.43 -9.17 -29.79
C2 NAG I . -26.40 -10.63 -30.29
C3 NAG I . -26.66 -10.70 -31.80
C4 NAG I . -27.88 -9.89 -32.21
C5 NAG I . -27.81 -8.49 -31.63
C6 NAG I . -29.07 -7.68 -31.88
C7 NAG I . -25.03 -12.35 -29.18
C8 NAG I . -23.64 -12.87 -28.97
N2 NAG I . -25.13 -11.29 -29.97
O3 NAG I . -26.82 -12.06 -32.19
O4 NAG I . -27.86 -9.75 -33.63
O5 NAG I . -27.64 -8.55 -30.21
O6 NAG I . -28.91 -6.80 -32.99
O7 NAG I . -26.00 -12.84 -28.62
C1 MAN I . -28.89 -10.48 -34.35
C2 MAN I . -29.79 -9.41 -34.99
C3 MAN I . -30.72 -10.04 -35.99
C4 MAN I . -31.30 -11.44 -35.58
C5 MAN I . -30.83 -12.00 -34.16
C6 MAN I . -30.54 -13.50 -34.20
O2 MAN I . -29.01 -8.46 -35.73
O3 MAN I . -30.12 -10.11 -37.29
O4 MAN I . -32.72 -11.36 -35.60
O5 MAN I . -29.66 -11.33 -33.55
O6 MAN I . -29.45 -13.72 -35.10
C1 MAN I . -28.68 -14.84 -34.57
C2 MAN I . -27.17 -14.62 -34.95
C3 MAN I . -26.84 -15.11 -36.38
C4 MAN I . -27.48 -16.49 -36.65
C5 MAN I . -28.98 -16.39 -36.43
C6 MAN I . -29.72 -17.68 -36.75
O2 MAN I . -26.29 -15.34 -34.09
O3 MAN I . -25.42 -15.15 -36.59
O4 MAN I . -27.23 -16.90 -37.99
O5 MAN I . -29.21 -16.08 -35.04
O6 MAN I . -29.35 -18.12 -38.05
C1 MAN I . -25.02 -14.58 -37.87
C2 MAN I . -25.45 -13.06 -37.90
C3 MAN I . -25.19 -12.43 -39.30
C4 MAN I . -25.09 -13.48 -40.42
C5 MAN I . -26.06 -14.63 -40.12
C6 MAN I . -26.20 -15.62 -41.26
O2 MAN I . -24.70 -12.28 -36.97
O3 MAN I . -24.03 -11.59 -39.29
O4 MAN I . -25.43 -12.90 -41.67
O5 MAN I . -25.56 -15.35 -38.96
O6 MAN I . -24.96 -16.27 -41.44
C1 MAN I . -29.08 -19.54 -38.03
C2 MAN I . -29.18 -20.07 -39.48
C3 MAN I . -29.63 -21.53 -39.50
C4 MAN I . -29.13 -22.28 -38.25
C5 MAN I . -29.81 -21.67 -37.01
C6 MAN I . -29.04 -21.92 -35.72
O2 MAN I . -27.91 -20.05 -40.13
O3 MAN I . -29.21 -22.21 -40.67
O4 MAN I . -29.47 -23.65 -38.35
O5 MAN I . -29.98 -20.22 -37.15
O6 MAN I . -29.17 -23.29 -35.38
C1 MAN I . -33.30 -12.41 -36.42
C2 MAN I . -33.04 -12.08 -37.92
C3 MAN I . -33.85 -10.85 -38.34
C4 MAN I . -35.33 -11.03 -37.98
C5 MAN I . -35.47 -11.33 -36.48
C6 MAN I . -36.91 -11.58 -36.06
O2 MAN I . -33.47 -13.14 -38.77
O3 MAN I . -33.70 -10.57 -39.73
O4 MAN I . -36.05 -9.85 -38.30
O5 MAN I . -34.69 -12.51 -36.15
O6 MAN I . -37.71 -10.52 -36.56
C1 NAG J . 21.95 4.98 23.31
C2 NAG J . 22.01 6.32 24.03
C3 NAG J . 23.30 6.43 24.83
C4 NAG J . 23.44 5.24 25.77
C5 NAG J . 23.31 3.94 24.99
C6 NAG J . 23.32 2.72 25.87
C7 NAG J . 20.94 8.38 23.21
C8 NAG J . 20.00 8.26 24.37
N2 NAG J . 21.87 7.43 23.10
O3 NAG J . 23.26 7.66 25.55
O4 NAG J . 24.71 5.20 26.43
O5 NAG J . 22.07 3.91 24.26
O6 NAG J . 22.15 2.64 26.67
O7 NAG J . 20.86 9.30 22.41
C1 NAG J . 25.04 6.10 27.54
C2 NAG J . 24.37 5.81 28.91
C3 NAG J . 24.96 6.70 30.01
C4 NAG J . 26.48 6.66 30.02
C5 NAG J . 27.05 6.91 28.63
C6 NAG J . 28.54 6.74 28.55
C7 NAG J . 22.05 4.98 28.86
C8 NAG J . 20.61 5.36 28.80
N2 NAG J . 22.92 5.99 28.84
O3 NAG J . 24.44 6.31 31.26
O4 NAG J . 26.98 7.69 30.86
O5 NAG J . 26.48 6.00 27.69
O6 NAG J . 29.22 7.79 29.24
O7 NAG J . 22.40 3.80 28.90
C1 MAN J . 27.38 7.33 32.20
C2 MAN J . 27.82 8.66 32.81
C3 MAN J . 29.33 8.74 32.76
C4 MAN J . 29.91 7.73 33.73
C5 MAN J . 29.43 6.31 33.35
C6 MAN J . 28.94 5.50 34.57
O2 MAN J . 27.46 8.74 34.20
O3 MAN J . 29.79 10.05 33.08
O4 MAN J . 31.34 7.78 33.68
O5 MAN J . 28.40 6.30 32.25
O6 MAN J . 28.22 6.35 35.47
C1 MAN J . 27.10 5.59 35.99
C2 MAN J . 25.85 6.51 36.00
C3 MAN J . 25.96 7.59 37.07
C4 MAN J . 26.35 6.99 38.44
C5 MAN J . 27.55 6.03 38.37
C6 MAN J . 27.74 5.19 39.66
O2 MAN J . 24.67 5.78 36.33
O3 MAN J . 24.68 8.23 37.19
O4 MAN J . 26.66 8.04 39.36
O5 MAN J . 27.39 5.07 37.30
O6 MAN J . 27.22 5.90 40.82
C1 MAN J . 24.76 9.67 37.31
C2 MAN J . 25.18 10.28 35.94
C3 MAN J . 25.94 11.60 36.17
C4 MAN J . 25.42 12.35 37.41
C5 MAN J . 25.66 11.47 38.67
C6 MAN J . 24.62 11.65 39.76
O2 MAN J . 24.04 10.61 35.15
O3 MAN J . 25.88 12.44 35.02
O4 MAN J . 26.10 13.58 37.55
O5 MAN J . 25.67 10.08 38.33
O6 MAN J . 24.76 10.58 40.68
C1 MAN J . 26.11 5.18 41.44
C2 MAN J . 26.53 4.69 42.86
C3 MAN J . 25.41 3.83 43.51
C4 MAN J . 24.28 3.47 42.52
C5 MAN J . 24.88 3.02 41.18
C6 MAN J . 23.83 2.64 40.16
O2 MAN J . 26.72 5.79 43.75
O3 MAN J . 24.89 4.44 44.67
O4 MAN J . 23.48 2.43 43.05
O5 MAN J . 25.68 4.10 40.58
O6 MAN J . 23.09 1.55 40.68
C1 MAN J . 31.90 7.57 34.99
C2 MAN J . 32.24 8.95 35.58
C3 MAN J . 33.34 9.59 34.74
C4 MAN J . 34.55 8.65 34.59
C5 MAN J . 34.09 7.27 34.06
C6 MAN J . 35.22 6.25 34.04
O2 MAN J . 32.78 8.82 36.88
O3 MAN J . 33.75 10.84 35.28
O4 MAN J . 35.48 9.21 33.69
O5 MAN J . 33.04 6.74 34.90
O6 MAN J . 36.00 6.41 35.21
C1 NAG K . 36.71 -33.81 -2.58
C2 NAG K . 36.73 -33.94 -4.12
C3 NAG K . 37.95 -34.76 -4.56
C4 NAG K . 39.23 -34.21 -3.96
C5 NAG K . 39.09 -34.08 -2.45
C6 NAG K . 40.30 -33.45 -1.79
C7 NAG K . 35.07 -34.41 -5.87
C8 NAG K . 33.80 -35.11 -6.21
N2 NAG K . 35.50 -34.54 -4.61
O3 NAG K . 38.04 -34.76 -5.98
O4 NAG K . 40.31 -35.07 -4.27
O5 NAG K . 37.96 -33.26 -2.13
O6 NAG K . 41.19 -32.91 -2.76
O7 NAG K . 35.70 -33.75 -6.71
C1 NAG L . 20.97 -42.30 -21.26
C2 NAG L . 21.99 -43.40 -20.98
C3 NAG L . 22.75 -43.74 -22.25
C4 NAG L . 21.80 -44.08 -23.38
C5 NAG L . 20.77 -42.96 -23.57
C6 NAG L . 19.70 -43.29 -24.59
C7 NAG L . 22.80 -43.52 -18.67
C8 NAG L . 23.82 -43.02 -17.69
N2 NAG L . 22.89 -43.02 -19.91
O3 NAG L . 23.62 -44.85 -22.00
O4 NAG L . 22.51 -44.25 -24.60
O5 NAG L . 20.09 -42.70 -22.32
O6 NAG L . 19.89 -44.59 -25.13
O7 NAG L . 21.92 -44.32 -18.36
C1 NAG M . 16.42 -35.50 -36.44
C2 NAG M . 17.96 -35.51 -36.58
C3 NAG M . 18.43 -36.82 -37.24
C4 NAG M . 17.81 -37.00 -38.62
C5 NAG M . 16.38 -36.49 -38.66
C6 NAG M . 15.47 -37.36 -39.49
C7 NAG M . 19.66 -33.86 -37.26
C8 NAG M . 19.95 -32.68 -38.13
N2 NAG M . 18.42 -34.36 -37.35
O3 NAG M . 18.11 -37.92 -36.40
O4 NAG M . 18.58 -36.30 -39.60
O5 NAG M . 15.84 -36.48 -37.33
O6 NAG M . 16.19 -38.38 -40.15
O7 NAG M . 20.50 -34.34 -36.51
C1 NAG N . -47.59 5.04 21.60
C2 NAG N . -47.18 5.32 23.03
C3 NAG N . -48.38 5.86 23.82
C4 NAG N . -49.00 7.05 23.12
C5 NAG N . -49.32 6.70 21.67
C6 NAG N . -49.84 7.87 20.86
C7 NAG N . -45.84 4.15 24.74
C8 NAG N . -45.38 2.82 25.25
N2 NAG N . -46.65 4.13 23.67
O3 NAG N . -47.97 6.24 25.13
O4 NAG N . -50.19 7.45 23.78
O5 NAG N . -48.15 6.23 21.00
O6 NAG N . -51.20 8.16 21.18
O7 NAG N . -45.53 5.20 25.28
C1 NAG O . -30.74 6.03 42.15
C2 NAG O . -31.91 6.99 42.37
C3 NAG O . -31.74 7.74 43.70
C4 NAG O . -31.53 6.74 44.84
C5 NAG O . -30.38 5.80 44.50
C6 NAG O . -30.19 4.71 45.54
C7 NAG O . -32.87 7.76 40.24
C8 NAG O . -32.87 8.84 39.20
N2 NAG O . -32.04 7.94 41.28
O3 NAG O . -32.89 8.53 43.96
O4 NAG O . -31.23 7.45 46.04
O5 NAG O . -30.63 5.14 43.26
O6 NAG O . -30.64 3.44 45.05
O7 NAG O . -33.59 6.77 40.16
C1 NAG P . -21.24 16.88 46.68
C2 NAG P . -21.61 18.19 47.35
C3 NAG P . -20.97 18.29 48.74
C4 NAG P . -20.52 16.94 49.29
C5 NAG P . -21.33 15.72 48.80
C6 NAG P . -22.56 15.46 49.65
C7 NAG P . -21.73 20.55 46.63
C8 NAG P . -21.19 21.59 45.71
N2 NAG P . -21.19 19.32 46.53
O3 NAG P . -21.91 18.88 49.64
O4 NAG P . -19.13 16.74 49.04
O5 NAG P . -21.78 15.83 47.44
O6 NAG P . -22.51 16.16 50.88
O7 NAG P . -22.63 20.79 47.43
#